data_7Y0A
#
_entry.id   7Y0A
#
_cell.length_a   78.894
_cell.length_b   138.485
_cell.length_c   150.475
_cell.angle_alpha   90.000
_cell.angle_beta   90.000
_cell.angle_gamma   90.000
#
_symmetry.space_group_name_H-M   'P 21 21 21'
#
loop_
_entity.id
_entity.type
_entity.pdbx_description
1 polymer 'Short-chain specific acyl-CoA dehydrogenase, mitochondrial'
2 non-polymer 'FLAVIN-ADENINE DINUCLEOTIDE'
3 non-polymer 'FORMIC ACID'
4 water water
#
_entity_poly.entity_id   1
_entity_poly.type   'polypeptide(L)'
_entity_poly.pdbx_seq_one_letter_code
;MGLHTIYQSVELPETHQMLLQTCRDFAEKELFPIAAQVDKEHLFPAAQVKKMGGLGLLAMDVPEELGGAGLDYLAYAIAM
EEISRGCASTGVIMSVNNSLYLGPILKFGSKEQKQAWVTPFTSGDKIGCFALSEPGNGSDAGAASTTARAEGDSWVLNGT
KAWITNAWEASAAVVFASTDRALQNKGISAFLVPMPTPGLTLGKKEDKLGIRGSSTANLIFEDCRIPKDSILGEPGMGFK
IAMQTLDMGRIGIASQALGIAQTALDCAVNYAENRMAFGAPLTKLQVIQFKLADMALALESARLLTWRAAMLKDNKKPFI
KEAAMAKLAASEAATAISHQAIQILGGMGYVTEMPAERHYRDARITEIYEGTSEIQRLVIAGHLLRSYRSLEHHHHHH
;
_entity_poly.pdbx_strand_id   A,B,C,D
#
loop_
_chem_comp.id
_chem_comp.type
_chem_comp.name
_chem_comp.formula
FAD non-polymer 'FLAVIN-ADENINE DINUCLEOTIDE' 'C27 H33 N9 O15 P2'
FMT non-polymer 'FORMIC ACID' 'C H2 O2'
#
# COMPACT_ATOMS: atom_id res chain seq x y z
N ILE A 6 14.61 -19.56 -6.96
CA ILE A 6 15.81 -19.33 -6.15
C ILE A 6 16.14 -17.83 -6.15
N TYR A 7 16.86 -17.41 -5.10
CA TYR A 7 17.38 -16.07 -4.93
C TYR A 7 18.91 -16.08 -4.97
N GLN A 8 19.50 -14.91 -4.88
CA GLN A 8 20.91 -14.83 -4.81
C GLN A 8 21.41 -14.06 -3.57
N SER A 9 22.66 -14.32 -3.29
CA SER A 9 23.35 -13.67 -2.26
C SER A 9 24.78 -13.59 -2.72
N VAL A 10 25.50 -12.68 -2.09
CA VAL A 10 26.87 -12.43 -2.39
C VAL A 10 27.71 -13.68 -2.28
N GLU A 11 27.34 -14.45 -1.31
CA GLU A 11 27.95 -15.68 -1.00
C GLU A 11 27.24 -16.18 0.19
N LEU A 12 27.24 -17.46 0.25
CA LEU A 12 26.96 -18.03 1.46
C LEU A 12 28.31 -18.70 1.73
N PRO A 13 28.64 -18.82 2.98
CA PRO A 13 29.78 -19.64 3.35
C PRO A 13 29.38 -21.08 3.01
N GLU A 14 30.33 -21.91 2.52
CA GLU A 14 29.98 -23.27 2.08
C GLU A 14 29.20 -24.00 3.15
N THR A 15 29.53 -23.75 4.43
CA THR A 15 28.75 -24.29 5.54
C THR A 15 27.28 -23.96 5.38
N HIS A 16 26.97 -22.69 5.10
CA HIS A 16 25.59 -22.26 5.07
C HIS A 16 24.88 -22.68 3.79
N GLN A 17 25.64 -22.81 2.70
CA GLN A 17 25.07 -23.38 1.48
C GLN A 17 24.67 -24.83 1.69
N MET A 18 25.60 -25.65 2.18
CA MET A 18 25.28 -27.05 2.47
C MET A 18 24.11 -27.14 3.42
N LEU A 19 24.10 -26.30 4.47
CA LEU A 19 23.00 -26.32 5.42
C LEU A 19 21.68 -25.99 4.74
N LEU A 20 21.68 -24.99 3.85
CA LEU A 20 20.46 -24.66 3.14
C LEU A 20 19.92 -25.88 2.42
N GLN A 21 20.78 -26.54 1.64
CA GLN A 21 20.37 -27.75 0.95
C GLN A 21 19.92 -28.82 1.93
N THR A 22 20.72 -29.07 2.97
CA THR A 22 20.35 -30.09 3.94
C THR A 22 18.97 -29.81 4.52
N CYS A 23 18.70 -28.54 4.86
CA CYS A 23 17.41 -28.16 5.41
C CYS A 23 16.32 -28.22 4.36
N ARG A 24 16.60 -27.70 3.16
CA ARG A 24 15.62 -27.77 2.08
C ARG A 24 15.30 -29.21 1.75
N ASP A 25 16.32 -30.07 1.70
CA ASP A 25 16.08 -31.48 1.46
C ASP A 25 15.23 -32.07 2.58
N PHE A 26 15.50 -31.69 3.83
CA PHE A 26 14.72 -32.20 4.93
C PHE A 26 13.29 -31.67 4.90
N ALA A 27 13.11 -30.40 4.50
CA ALA A 27 11.77 -29.83 4.51
C ALA A 27 10.92 -30.45 3.41
N GLU A 28 11.46 -30.57 2.21
CA GLU A 28 10.69 -31.16 1.14
C GLU A 28 10.42 -32.64 1.41
N LYS A 29 11.38 -33.35 1.99
CA LYS A 29 11.19 -34.79 2.23
C LYS A 29 10.37 -35.06 3.48
N GLU A 30 10.68 -34.37 4.58
CA GLU A 30 10.00 -34.72 5.83
C GLU A 30 8.87 -33.78 6.21
N LEU A 31 8.90 -32.53 5.75
CA LEU A 31 7.88 -31.59 6.22
C LEU A 31 6.78 -31.37 5.21
N PHE A 32 7.14 -31.19 3.93
CA PHE A 32 6.16 -31.04 2.86
C PHE A 32 5.08 -32.12 2.86
N PRO A 33 5.40 -33.41 3.02
CA PRO A 33 4.32 -34.41 3.05
C PRO A 33 3.38 -34.29 4.23
N ILE A 34 3.83 -33.79 5.38
CA ILE A 34 2.96 -33.74 6.56
C ILE A 34 2.37 -32.37 6.83
N ALA A 35 2.83 -31.32 6.13
CA ALA A 35 2.45 -29.95 6.50
C ALA A 35 0.95 -29.75 6.48
N ALA A 36 0.27 -30.26 5.45
CA ALA A 36 -1.18 -30.12 5.44
C ALA A 36 -1.80 -30.82 6.65
N GLN A 37 -1.28 -31.99 7.00
CA GLN A 37 -1.88 -32.76 8.10
C GLN A 37 -1.55 -32.14 9.44
N VAL A 38 -0.29 -31.73 9.63
CA VAL A 38 0.11 -31.01 10.84
C VAL A 38 -0.82 -29.82 11.09
N ASP A 39 -1.12 -29.05 10.03
CA ASP A 39 -2.06 -27.96 10.15
C ASP A 39 -3.49 -28.46 10.39
N LYS A 40 -3.99 -29.34 9.52
CA LYS A 40 -5.39 -29.75 9.56
C LYS A 40 -5.72 -30.47 10.86
N GLU A 41 -4.88 -31.40 11.28
CA GLU A 41 -5.13 -32.15 12.48
C GLU A 41 -4.51 -31.50 13.71
N HIS A 42 -4.08 -30.24 13.60
CA HIS A 42 -3.36 -29.51 14.66
C HIS A 42 -2.41 -30.44 15.39
N LEU A 43 -1.55 -31.09 14.61
CA LEU A 43 -0.77 -32.24 15.06
C LEU A 43 0.67 -31.82 15.28
N PHE A 44 1.14 -31.96 16.51
CA PHE A 44 2.50 -31.58 16.79
C PHE A 44 3.47 -32.51 16.07
N PRO A 45 4.32 -32.01 15.17
CA PRO A 45 5.19 -32.89 14.39
C PRO A 45 6.32 -33.44 15.24
N ALA A 46 5.98 -34.30 16.20
CA ALA A 46 6.98 -34.78 17.15
C ALA A 46 8.16 -35.44 16.45
N ALA A 47 7.87 -36.36 15.52
CA ALA A 47 8.93 -37.14 14.89
C ALA A 47 9.84 -36.24 14.07
N GLN A 48 9.26 -35.26 13.35
CA GLN A 48 10.09 -34.38 12.56
C GLN A 48 10.95 -33.51 13.45
N VAL A 49 10.40 -33.03 14.57
CA VAL A 49 11.16 -32.24 15.52
C VAL A 49 12.33 -33.05 16.06
N LYS A 50 12.10 -34.33 16.41
CA LYS A 50 13.21 -35.15 16.89
C LYS A 50 14.24 -35.35 15.79
N LYS A 51 13.79 -35.62 14.56
CA LYS A 51 14.75 -35.75 13.47
C LYS A 51 15.54 -34.46 13.29
N MET A 52 14.85 -33.31 13.39
CA MET A 52 15.55 -32.03 13.34
C MET A 52 16.50 -31.88 14.52
N GLY A 53 16.09 -32.35 15.70
CA GLY A 53 16.98 -32.33 16.83
C GLY A 53 18.28 -33.05 16.53
N GLY A 54 18.17 -34.25 15.93
CA GLY A 54 19.35 -35.00 15.57
C GLY A 54 20.18 -34.31 14.51
N LEU A 55 19.58 -33.44 13.70
CA LEU A 55 20.31 -32.66 12.71
C LEU A 55 20.97 -31.43 13.31
N GLY A 56 20.56 -31.00 14.50
CA GLY A 56 21.08 -29.79 15.08
C GLY A 56 20.16 -28.60 14.96
N LEU A 57 19.03 -28.76 14.26
CA LEU A 57 18.20 -27.62 13.91
C LEU A 57 17.55 -27.01 15.14
N LEU A 58 17.38 -27.78 16.21
CA LEU A 58 16.74 -27.25 17.39
C LEU A 58 17.71 -26.52 18.30
N ALA A 59 18.99 -26.56 17.99
CA ALA A 59 20.03 -26.00 18.83
C ALA A 59 21.11 -25.47 17.91
N MET A 60 20.76 -24.55 17.03
CA MET A 60 21.69 -24.26 15.96
C MET A 60 22.81 -23.34 16.40
N ASP A 61 22.49 -22.25 17.08
CA ASP A 61 23.53 -21.38 17.63
C ASP A 61 24.09 -21.90 18.95
N VAL A 62 23.78 -23.14 19.33
CA VAL A 62 24.23 -23.68 20.60
C VAL A 62 25.62 -24.29 20.43
N PRO A 63 26.56 -23.95 21.30
CA PRO A 63 27.88 -24.60 21.26
C PRO A 63 27.76 -26.12 21.13
N GLU A 64 28.63 -26.69 20.29
CA GLU A 64 28.65 -28.14 20.15
C GLU A 64 28.95 -28.80 21.48
N GLU A 65 29.83 -28.19 22.27
CA GLU A 65 30.11 -28.58 23.66
C GLU A 65 28.81 -28.94 24.39
N LEU A 66 27.78 -28.13 24.20
CA LEU A 66 26.51 -28.33 24.89
C LEU A 66 25.52 -29.16 24.11
N GLY A 67 25.95 -29.81 23.03
CA GLY A 67 25.06 -30.59 22.23
C GLY A 67 24.43 -29.86 21.07
N GLY A 68 24.83 -28.63 20.80
CA GLY A 68 24.24 -27.88 19.72
C GLY A 68 25.00 -28.06 18.42
N ALA A 69 24.44 -27.45 17.38
CA ALA A 69 25.03 -27.53 16.05
C ALA A 69 26.32 -26.74 15.92
N GLY A 70 26.60 -25.85 16.86
CA GLY A 70 27.76 -25.01 16.73
C GLY A 70 27.72 -24.07 15.55
N LEU A 71 26.53 -23.80 15.01
CA LEU A 71 26.37 -22.90 13.89
C LEU A 71 26.07 -21.52 14.43
N ASP A 72 25.59 -20.63 13.57
CA ASP A 72 25.41 -19.24 13.93
C ASP A 72 24.00 -18.83 13.53
N TYR A 73 23.67 -17.57 13.80
CA TYR A 73 22.31 -17.12 13.53
C TYR A 73 22.05 -16.95 12.04
N LEU A 74 23.09 -16.73 11.23
CA LEU A 74 22.88 -16.77 9.79
C LEU A 74 22.44 -18.16 9.36
N ALA A 75 23.15 -19.19 9.81
CA ALA A 75 22.74 -20.56 9.54
C ALA A 75 21.33 -20.81 10.04
N TYR A 76 21.06 -20.38 11.27
CA TYR A 76 19.75 -20.52 11.86
C TYR A 76 18.68 -19.86 11.02
N ALA A 77 18.96 -18.65 10.54
CA ALA A 77 18.00 -17.93 9.71
C ALA A 77 17.74 -18.71 8.43
N ILE A 78 18.79 -19.19 7.79
CA ILE A 78 18.63 -20.02 6.59
C ILE A 78 17.83 -21.27 6.92
N ALA A 79 18.18 -21.93 8.02
CA ALA A 79 17.48 -23.18 8.34
C ALA A 79 16.05 -22.90 8.74
N MET A 80 15.82 -21.82 9.47
CA MET A 80 14.47 -21.48 9.86
C MET A 80 13.61 -21.28 8.63
N GLU A 81 14.15 -20.60 7.63
CA GLU A 81 13.39 -20.34 6.43
C GLU A 81 13.08 -21.65 5.72
N GLU A 82 14.09 -22.50 5.55
CA GLU A 82 13.86 -23.75 4.81
C GLU A 82 12.89 -24.63 5.57
N ILE A 83 13.02 -24.68 6.90
CA ILE A 83 12.09 -25.47 7.70
C ILE A 83 10.68 -24.88 7.60
N SER A 84 10.56 -23.58 7.83
CA SER A 84 9.24 -22.94 7.75
C SER A 84 8.66 -22.97 6.36
N ARG A 85 9.51 -22.93 5.33
CA ARG A 85 9.04 -23.21 3.98
C ARG A 85 8.37 -24.59 3.91
N GLY A 86 8.86 -25.57 4.68
CA GLY A 86 8.19 -26.85 4.74
C GLY A 86 6.95 -26.82 5.61
N CYS A 87 7.09 -26.32 6.82
CA CYS A 87 5.98 -26.35 7.79
C CYS A 87 6.14 -25.14 8.68
N ALA A 88 5.16 -24.26 8.73
CA ALA A 88 5.29 -23.09 9.57
C ALA A 88 5.23 -23.46 11.04
N SER A 89 4.51 -24.53 11.38
CA SER A 89 4.46 -24.97 12.77
C SER A 89 5.80 -25.54 13.20
N THR A 90 6.37 -26.43 12.38
CA THR A 90 7.71 -26.93 12.64
C THR A 90 8.70 -25.78 12.77
N GLY A 91 8.58 -24.77 11.91
CA GLY A 91 9.44 -23.61 12.03
C GLY A 91 9.36 -22.95 13.38
N VAL A 92 8.15 -22.66 13.86
CA VAL A 92 8.05 -21.89 15.10
C VAL A 92 8.46 -22.76 16.28
N ILE A 93 8.06 -24.02 16.30
CA ILE A 93 8.53 -24.94 17.33
C ILE A 93 10.05 -24.90 17.39
N MET A 94 10.68 -24.89 16.22
CA MET A 94 12.12 -24.81 16.14
C MET A 94 12.62 -23.42 16.54
N SER A 95 11.96 -22.37 16.03
CA SER A 95 12.39 -21.03 16.40
C SER A 95 12.33 -20.83 17.90
N VAL A 96 11.22 -21.23 18.53
CA VAL A 96 11.07 -21.09 19.96
C VAL A 96 12.24 -21.75 20.68
N ASN A 97 12.55 -22.98 20.30
CA ASN A 97 13.61 -23.71 20.99
C ASN A 97 14.95 -23.01 20.83
N ASN A 98 15.33 -22.69 19.59
CA ASN A 98 16.59 -22.01 19.35
C ASN A 98 16.64 -20.65 20.02
N SER A 99 15.72 -19.77 19.66
CA SER A 99 15.86 -18.36 20.00
C SER A 99 15.30 -18.07 21.37
N LEU A 100 14.09 -18.53 21.64
CA LEU A 100 13.39 -18.12 22.84
C LEU A 100 13.76 -18.94 24.06
N TYR A 101 14.12 -20.22 23.87
CA TYR A 101 14.46 -21.06 25.01
C TYR A 101 15.96 -21.13 25.23
N LEU A 102 16.67 -21.73 24.26
CA LEU A 102 18.11 -21.93 24.40
C LEU A 102 18.86 -20.60 24.35
N GLY A 103 18.41 -19.67 23.50
CA GLY A 103 19.06 -18.39 23.34
C GLY A 103 19.37 -17.68 24.65
N PRO A 104 18.34 -17.39 25.45
CA PRO A 104 18.59 -16.68 26.72
C PRO A 104 19.44 -17.48 27.68
N ILE A 105 19.32 -18.81 27.67
CA ILE A 105 20.16 -19.61 28.54
C ILE A 105 21.62 -19.54 28.10
N LEU A 106 21.87 -19.64 26.78
CA LEU A 106 23.22 -19.48 26.27
C LEU A 106 23.76 -18.11 26.62
N LYS A 107 22.98 -17.08 26.35
CA LYS A 107 23.45 -15.72 26.52
C LYS A 107 23.65 -15.36 27.98
N PHE A 108 22.73 -15.78 28.87
CA PHE A 108 22.72 -15.32 30.25
C PHE A 108 22.92 -16.41 31.30
N GLY A 109 22.91 -17.68 30.92
CA GLY A 109 22.99 -18.73 31.90
C GLY A 109 24.40 -18.97 32.37
N SER A 110 24.50 -19.53 33.58
CA SER A 110 25.78 -20.03 34.05
C SER A 110 26.12 -21.32 33.31
N LYS A 111 27.39 -21.74 33.42
CA LYS A 111 27.78 -22.96 32.73
C LYS A 111 26.95 -24.14 33.23
N GLU A 112 26.66 -24.17 34.53
CA GLU A 112 25.78 -25.20 35.08
C GLU A 112 24.38 -25.09 34.47
N GLN A 113 23.82 -23.88 34.45
CA GLN A 113 22.49 -23.72 33.87
C GLN A 113 22.48 -24.18 32.41
N LYS A 114 23.56 -23.90 31.68
CA LYS A 114 23.68 -24.38 30.31
C LYS A 114 23.69 -25.90 30.27
N GLN A 115 24.50 -26.53 31.13
CA GLN A 115 24.53 -27.99 31.20
C GLN A 115 23.15 -28.55 31.50
N ALA A 116 22.45 -27.95 32.47
CA ALA A 116 21.20 -28.54 32.94
C ALA A 116 20.05 -28.25 31.98
N TRP A 117 20.03 -27.06 31.40
CA TRP A 117 18.85 -26.58 30.70
C TRP A 117 19.04 -26.44 29.20
N VAL A 118 20.26 -26.25 28.72
CA VAL A 118 20.52 -26.21 27.28
C VAL A 118 20.71 -27.62 26.75
N THR A 119 21.72 -28.33 27.28
CA THR A 119 22.15 -29.59 26.68
C THR A 119 21.03 -30.61 26.52
N PRO A 120 20.17 -30.86 27.52
CA PRO A 120 19.09 -31.84 27.30
C PRO A 120 18.02 -31.35 26.33
N PHE A 121 18.15 -30.14 25.81
CA PHE A 121 17.15 -29.57 24.91
C PHE A 121 17.73 -29.31 23.52
N THR A 122 18.84 -29.95 23.18
CA THR A 122 19.52 -29.71 21.91
C THR A 122 19.23 -30.77 20.86
N SER A 123 18.61 -31.88 21.24
CA SER A 123 18.54 -33.06 20.38
C SER A 123 17.12 -33.49 20.03
N GLY A 124 16.09 -32.72 20.41
CA GLY A 124 14.73 -33.01 19.99
C GLY A 124 13.94 -33.84 20.97
N ASP A 125 14.58 -34.46 21.95
CA ASP A 125 13.85 -35.20 22.96
C ASP A 125 13.09 -34.27 23.88
N LYS A 126 13.67 -33.11 24.18
CA LYS A 126 13.00 -32.11 24.99
C LYS A 126 13.14 -30.78 24.29
N ILE A 127 12.04 -30.06 24.17
CA ILE A 127 12.07 -28.71 23.64
C ILE A 127 11.60 -27.78 24.74
N GLY A 128 11.99 -26.52 24.62
CA GLY A 128 11.64 -25.50 25.59
C GLY A 128 10.56 -24.58 25.06
N CYS A 129 10.15 -23.68 25.94
CA CYS A 129 9.27 -22.63 25.53
C CYS A 129 9.66 -21.36 26.25
N PHE A 130 8.89 -20.31 25.98
CA PHE A 130 9.25 -18.94 26.31
C PHE A 130 8.01 -18.27 26.85
N ALA A 131 8.01 -17.96 28.14
CA ALA A 131 6.79 -17.49 28.79
C ALA A 131 7.01 -16.05 29.23
N LEU A 132 6.73 -15.13 28.33
CA LEU A 132 6.86 -13.70 28.61
C LEU A 132 5.51 -13.00 28.66
N SER A 133 4.71 -13.15 27.61
CA SER A 133 3.40 -12.54 27.56
C SER A 133 2.51 -13.04 28.69
N GLU A 134 1.51 -12.23 29.00
CA GLU A 134 0.49 -12.53 29.98
C GLU A 134 -0.83 -12.10 29.39
N PRO A 135 -1.94 -12.65 29.87
CA PRO A 135 -3.25 -12.31 29.26
C PRO A 135 -3.48 -10.81 29.11
N GLY A 136 -3.07 -10.03 30.10
CA GLY A 136 -3.28 -8.60 30.05
C GLY A 136 -2.14 -7.84 29.42
N ASN A 137 -1.11 -8.53 28.97
CA ASN A 137 0.08 -7.83 28.51
C ASN A 137 0.88 -8.74 27.59
N GLY A 138 0.84 -8.48 26.30
CA GLY A 138 1.67 -9.23 25.39
C GLY A 138 2.69 -8.35 24.70
N SER A 139 2.48 -7.03 24.74
CA SER A 139 3.34 -6.10 24.04
C SER A 139 4.29 -5.35 24.97
N ASP A 140 4.15 -5.53 26.29
CA ASP A 140 4.97 -4.81 27.26
C ASP A 140 5.86 -5.81 27.98
N ALA A 141 7.06 -6.00 27.45
CA ALA A 141 8.04 -6.89 28.06
C ALA A 141 8.55 -6.40 29.42
N GLY A 142 8.05 -5.29 29.95
CA GLY A 142 8.46 -4.83 31.26
C GLY A 142 7.34 -4.57 32.26
N ALA A 143 6.25 -5.34 32.16
CA ALA A 143 5.10 -5.19 33.04
C ALA A 143 4.47 -6.55 33.36
N ALA A 144 5.30 -7.50 33.80
CA ALA A 144 4.81 -8.82 34.18
C ALA A 144 4.02 -8.74 35.48
N SER A 145 2.77 -9.20 35.44
CA SER A 145 1.99 -9.39 36.66
C SER A 145 2.37 -10.69 37.37
N THR A 146 2.82 -11.67 36.62
CA THR A 146 3.35 -12.88 37.23
C THR A 146 4.49 -12.51 38.16
N THR A 147 4.44 -13.02 39.38
CA THR A 147 5.44 -12.70 40.38
C THR A 147 6.36 -13.87 40.61
N ALA A 148 7.57 -13.55 41.06
CA ALA A 148 8.49 -14.54 41.60
C ALA A 148 8.96 -13.97 42.93
N ARG A 149 8.44 -14.49 44.02
CA ARG A 149 8.92 -14.09 45.34
C ARG A 149 10.11 -14.95 45.70
N ALA A 150 11.15 -14.33 46.22
CA ALA A 150 12.26 -15.07 46.78
C ALA A 150 11.81 -15.75 48.06
N GLU A 151 12.08 -17.04 48.18
CA GLU A 151 11.81 -17.78 49.42
C GLU A 151 13.10 -18.57 49.68
N GLY A 152 14.09 -17.88 50.22
CA GLY A 152 15.33 -18.53 50.57
C GLY A 152 16.05 -19.04 49.35
N ASP A 153 16.35 -20.34 49.33
CA ASP A 153 17.01 -20.95 48.18
C ASP A 153 16.01 -21.42 47.14
N SER A 154 14.88 -20.74 47.03
CA SER A 154 13.91 -21.09 46.01
C SER A 154 13.20 -19.82 45.56
N TRP A 155 12.54 -19.92 44.40
CA TRP A 155 11.70 -18.87 43.85
C TRP A 155 10.29 -19.41 43.74
N VAL A 156 9.30 -18.57 44.00
CA VAL A 156 7.91 -18.98 43.97
C VAL A 156 7.17 -18.12 42.98
N LEU A 157 6.62 -18.75 41.95
CA LEU A 157 6.06 -18.03 40.82
C LEU A 157 4.54 -18.05 40.96
N ASN A 158 3.92 -16.89 40.76
CA ASN A 158 2.46 -16.82 40.77
C ASN A 158 2.01 -15.93 39.63
N GLY A 159 1.04 -16.42 38.88
CA GLY A 159 0.48 -15.70 37.76
C GLY A 159 0.44 -16.55 36.51
N THR A 160 -0.20 -16.00 35.50
CA THR A 160 -0.45 -16.72 34.26
C THR A 160 0.37 -16.08 33.14
N LYS A 161 1.26 -16.87 32.55
CA LYS A 161 1.86 -16.51 31.28
C LYS A 161 0.90 -16.92 30.17
N ALA A 162 0.79 -16.09 29.16
CA ALA A 162 -0.18 -16.29 28.10
C ALA A 162 0.52 -16.68 26.81
N TRP A 163 -0.19 -17.50 26.03
CA TRP A 163 0.17 -17.78 24.65
C TRP A 163 1.49 -18.50 24.52
N ILE A 164 1.76 -19.52 25.32
CA ILE A 164 3.11 -20.08 25.31
C ILE A 164 3.22 -21.11 24.19
N THR A 165 4.01 -20.80 23.17
CA THR A 165 4.26 -21.76 22.12
C THR A 165 5.06 -22.93 22.68
N ASN A 166 4.70 -24.15 22.28
CA ASN A 166 5.26 -25.39 22.80
C ASN A 166 4.81 -25.68 24.23
N ALA A 167 3.75 -25.01 24.70
CA ALA A 167 3.35 -25.18 26.09
C ALA A 167 3.08 -26.64 26.40
N TRP A 168 2.38 -27.33 25.52
CA TRP A 168 1.97 -28.70 25.79
C TRP A 168 3.04 -29.72 25.41
N GLU A 169 4.15 -29.29 24.84
CA GLU A 169 5.26 -30.19 24.50
C GLU A 169 6.54 -29.83 25.20
N ALA A 170 6.67 -28.62 25.76
CA ALA A 170 7.93 -28.18 26.32
C ALA A 170 8.22 -28.91 27.62
N SER A 171 9.50 -29.15 27.86
CA SER A 171 9.98 -29.71 29.11
C SER A 171 10.60 -28.64 30.00
N ALA A 172 10.60 -27.39 29.55
CA ALA A 172 11.18 -26.29 30.30
C ALA A 172 10.70 -24.99 29.68
N ALA A 173 10.61 -23.97 30.51
CA ALA A 173 10.21 -22.66 30.05
C ALA A 173 11.21 -21.66 30.59
N VAL A 174 11.53 -20.67 29.77
CA VAL A 174 12.10 -19.44 30.26
C VAL A 174 10.92 -18.54 30.59
N VAL A 175 10.80 -18.21 31.87
CA VAL A 175 9.62 -17.57 32.41
C VAL A 175 10.03 -16.23 32.98
N PHE A 176 9.31 -15.19 32.60
CA PHE A 176 9.55 -13.86 33.09
C PHE A 176 8.46 -13.52 34.08
N ALA A 177 8.88 -13.11 35.27
CA ALA A 177 7.99 -12.86 36.38
C ALA A 177 8.59 -11.69 37.13
N SER A 178 7.72 -10.84 37.66
CA SER A 178 8.19 -9.71 38.44
C SER A 178 8.73 -10.20 39.77
N THR A 179 10.02 -9.95 40.01
CA THR A 179 10.59 -10.16 41.33
C THR A 179 10.53 -8.90 42.19
N ASP A 180 10.08 -7.77 41.62
CA ASP A 180 9.89 -6.56 42.39
C ASP A 180 8.94 -5.63 41.66
N ARG A 181 7.63 -5.84 41.80
CA ARG A 181 6.65 -5.11 41.00
C ARG A 181 6.84 -3.60 41.12
N ALA A 182 7.25 -3.13 42.30
CA ALA A 182 7.49 -1.71 42.48
C ALA A 182 8.53 -1.21 41.50
N LEU A 183 9.50 -2.05 41.15
CA LEU A 183 10.58 -1.67 40.24
C LEU A 183 10.16 -1.73 38.77
N GLN A 184 8.92 -2.11 38.49
CA GLN A 184 8.38 -2.17 37.13
C GLN A 184 9.39 -2.73 36.14
N ASN A 185 9.74 -1.90 35.15
CA ASN A 185 10.72 -2.20 34.11
C ASN A 185 11.90 -2.99 34.63
N LYS A 186 12.40 -2.60 35.80
CA LYS A 186 13.63 -3.15 36.34
C LYS A 186 13.36 -4.23 37.37
N GLY A 187 12.10 -4.61 37.58
CA GLY A 187 11.78 -5.61 38.58
C GLY A 187 11.24 -6.88 37.99
N ILE A 188 11.58 -7.15 36.70
CA ILE A 188 11.30 -8.43 36.05
C ILE A 188 12.53 -9.31 36.21
N SER A 189 12.31 -10.60 36.43
CA SER A 189 13.40 -11.56 36.37
C SER A 189 12.99 -12.72 35.49
N ALA A 190 13.99 -13.45 35.01
CA ALA A 190 13.81 -14.59 34.11
C ALA A 190 14.15 -15.87 34.86
N PHE A 191 13.33 -16.89 34.63
CA PHE A 191 13.48 -18.13 35.38
C PHE A 191 13.42 -19.32 34.45
N LEU A 192 14.26 -20.30 34.75
CA LEU A 192 14.19 -21.62 34.15
C LEU A 192 13.21 -22.45 34.98
N VAL A 193 12.12 -22.86 34.36
CA VAL A 193 11.11 -23.66 35.02
C VAL A 193 11.04 -25.00 34.32
N PRO A 194 11.17 -26.12 35.04
CA PRO A 194 10.95 -27.44 34.42
C PRO A 194 9.49 -27.59 34.10
N MET A 195 9.21 -28.38 33.06
CA MET A 195 7.84 -28.72 32.75
C MET A 195 7.77 -30.22 32.51
N PRO A 196 6.89 -30.94 33.19
CA PRO A 196 6.00 -30.30 34.16
C PRO A 196 6.68 -30.04 35.51
N THR A 197 6.06 -29.21 36.34
CA THR A 197 6.58 -28.96 37.68
C THR A 197 5.39 -28.64 38.59
N PRO A 198 5.49 -28.96 39.88
CA PRO A 198 4.37 -28.64 40.76
C PRO A 198 4.14 -27.14 40.82
N GLY A 199 2.86 -26.77 40.81
CA GLY A 199 2.46 -25.38 40.74
C GLY A 199 2.26 -24.85 39.34
N LEU A 200 2.70 -25.58 38.33
CA LEU A 200 2.54 -25.18 36.94
C LEU A 200 1.42 -26.00 36.31
N THR A 201 0.34 -25.34 35.93
CA THR A 201 -0.71 -25.96 35.16
C THR A 201 -0.75 -25.34 33.77
N LEU A 202 -0.90 -26.20 32.76
CA LEU A 202 -1.02 -25.73 31.39
C LEU A 202 -2.47 -25.35 31.12
N GLY A 203 -2.66 -24.23 30.44
CA GLY A 203 -3.99 -23.85 30.00
C GLY A 203 -4.43 -24.70 28.83
N LYS A 204 -5.70 -24.58 28.48
CA LYS A 204 -6.21 -25.30 27.31
C LYS A 204 -5.51 -24.78 26.06
N LYS A 205 -5.21 -25.69 25.13
CA LYS A 205 -4.56 -25.31 23.89
C LYS A 205 -5.38 -24.25 23.15
N GLU A 206 -4.70 -23.22 22.67
CA GLU A 206 -5.35 -22.27 21.79
C GLU A 206 -5.68 -22.91 20.45
N ASP A 207 -6.82 -22.54 19.91
CA ASP A 207 -7.28 -23.03 18.62
C ASP A 207 -7.02 -21.91 17.61
N LYS A 208 -5.99 -22.07 16.79
CA LYS A 208 -5.36 -20.95 16.11
C LYS A 208 -5.68 -20.92 14.63
N LEU A 209 -5.64 -19.71 14.07
CA LEU A 209 -5.75 -19.53 12.63
C LEU A 209 -4.70 -20.37 11.90
N GLY A 210 -3.47 -20.33 12.38
CA GLY A 210 -2.41 -21.08 11.75
C GLY A 210 -1.34 -21.50 12.74
N ILE A 211 -0.18 -21.87 12.20
CA ILE A 211 0.83 -22.68 12.90
C ILE A 211 0.13 -23.64 13.83
N ARG A 212 -0.86 -24.36 13.30
CA ARG A 212 -1.73 -25.17 14.14
C ARG A 212 -1.05 -26.44 14.63
N GLY A 213 0.15 -26.76 14.12
CA GLY A 213 0.94 -27.84 14.67
C GLY A 213 1.72 -27.48 15.91
N SER A 214 1.78 -26.21 16.25
CA SER A 214 2.42 -25.77 17.47
C SER A 214 1.35 -25.68 18.56
N SER A 215 1.74 -25.98 19.78
CA SER A 215 0.78 -25.81 20.86
C SER A 215 0.94 -24.41 21.43
N THR A 216 -0.16 -23.88 21.94
CA THR A 216 -0.19 -22.54 22.50
C THR A 216 -1.13 -22.62 23.69
N ALA A 217 -0.60 -22.40 24.88
CA ALA A 217 -1.42 -22.50 26.06
C ALA A 217 -0.86 -21.54 27.08
N ASN A 218 -1.74 -21.09 27.97
CA ASN A 218 -1.26 -20.32 29.11
C ASN A 218 -0.43 -21.22 30.03
N LEU A 219 0.49 -20.61 30.74
CA LEU A 219 1.20 -21.28 31.82
C LEU A 219 0.67 -20.67 33.11
N ILE A 220 -0.18 -21.40 33.81
CA ILE A 220 -0.73 -20.93 35.07
C ILE A 220 0.22 -21.39 36.17
N PHE A 221 0.86 -20.43 36.82
CA PHE A 221 1.72 -20.71 37.96
C PHE A 221 0.97 -20.37 39.24
N GLU A 222 0.83 -21.36 40.11
CA GLU A 222 0.26 -21.15 41.44
C GLU A 222 1.27 -21.66 42.45
N ASP A 223 1.90 -20.73 43.17
CA ASP A 223 2.92 -21.03 44.15
C ASP A 223 3.91 -22.06 43.61
N CYS A 224 4.34 -21.84 42.37
CA CYS A 224 5.24 -22.76 41.71
C CYS A 224 6.67 -22.49 42.21
N ARG A 225 7.23 -23.46 42.92
CA ARG A 225 8.53 -23.30 43.56
C ARG A 225 9.61 -23.87 42.66
N ILE A 226 10.68 -23.11 42.48
CA ILE A 226 11.79 -23.56 41.65
C ILE A 226 13.06 -23.26 42.43
N PRO A 227 14.14 -23.98 42.21
CA PRO A 227 15.36 -23.70 42.98
C PRO A 227 15.80 -22.25 42.81
N LYS A 228 16.57 -21.77 43.79
CA LYS A 228 17.14 -20.43 43.69
C LYS A 228 17.91 -20.26 42.40
N ASP A 229 18.70 -21.28 42.05
CA ASP A 229 19.58 -21.30 40.88
C ASP A 229 18.81 -21.29 39.57
N SER A 230 17.47 -21.28 39.66
CA SER A 230 16.64 -21.21 38.47
C SER A 230 16.63 -19.84 37.82
N ILE A 231 17.00 -18.80 38.55
CA ILE A 231 16.92 -17.47 37.97
C ILE A 231 17.99 -17.34 36.88
N LEU A 232 17.57 -16.85 35.72
CA LEU A 232 18.50 -16.53 34.65
C LEU A 232 19.10 -15.18 34.96
N GLY A 233 20.42 -15.11 35.08
CA GLY A 233 21.08 -13.89 35.50
C GLY A 233 20.61 -13.43 36.86
N GLU A 234 20.84 -12.14 37.12
CA GLU A 234 20.51 -11.52 38.39
C GLU A 234 19.06 -11.05 38.41
N PRO A 235 18.46 -10.92 39.60
CA PRO A 235 17.11 -10.35 39.67
C PRO A 235 17.05 -8.99 39.01
N GLY A 236 15.90 -8.67 38.42
CA GLY A 236 15.76 -7.40 37.74
C GLY A 236 16.29 -7.38 36.32
N MET A 237 17.09 -8.38 35.92
CA MET A 237 17.59 -8.50 34.55
C MET A 237 16.55 -9.05 33.58
N GLY A 238 15.35 -9.39 34.06
CA GLY A 238 14.40 -10.12 33.24
C GLY A 238 13.92 -9.35 32.03
N PHE A 239 13.77 -8.03 32.16
CA PHE A 239 13.34 -7.20 31.04
C PHE A 239 14.39 -7.19 29.95
N LYS A 240 15.66 -7.01 30.33
CA LYS A 240 16.77 -7.08 29.39
C LYS A 240 16.87 -8.46 28.75
N ILE A 241 16.71 -9.51 29.56
CA ILE A 241 16.77 -10.85 29.01
C ILE A 241 15.63 -11.06 28.03
N ALA A 242 14.42 -10.66 28.41
CA ALA A 242 13.29 -10.79 27.50
C ALA A 242 13.52 -10.01 26.21
N MET A 243 14.04 -8.78 26.33
CA MET A 243 14.19 -7.95 25.15
C MET A 243 15.29 -8.49 24.24
N GLN A 244 16.45 -8.84 24.80
CA GLN A 244 17.50 -9.40 23.97
C GLN A 244 17.14 -10.78 23.44
N THR A 245 16.30 -11.51 24.17
CA THR A 245 15.80 -12.78 23.65
C THR A 245 14.92 -12.54 22.44
N LEU A 246 14.00 -11.58 22.57
CA LEU A 246 13.15 -11.20 21.45
C LEU A 246 13.96 -10.74 20.24
N ASP A 247 14.99 -9.92 20.47
CA ASP A 247 15.89 -9.56 19.37
C ASP A 247 16.35 -10.79 18.60
N MET A 248 16.86 -11.79 19.31
CA MET A 248 17.23 -13.05 18.66
C MET A 248 15.99 -13.72 18.06
N GLY A 249 14.92 -13.82 18.85
CA GLY A 249 13.73 -14.48 18.36
C GLY A 249 13.14 -13.84 17.14
N ARG A 250 13.28 -12.53 17.00
CA ARG A 250 12.67 -11.88 15.85
C ARG A 250 13.40 -12.24 14.58
N ILE A 251 14.68 -12.52 14.69
CA ILE A 251 15.41 -13.04 13.55
C ILE A 251 14.83 -14.39 13.15
N GLY A 252 14.56 -15.25 14.14
CA GLY A 252 13.91 -16.51 13.86
C GLY A 252 12.54 -16.35 13.26
N ILE A 253 11.73 -15.46 13.82
CA ILE A 253 10.39 -15.29 13.26
C ILE A 253 10.47 -14.66 11.88
N ALA A 254 11.36 -13.68 11.70
CA ALA A 254 11.59 -13.16 10.36
C ALA A 254 11.88 -14.30 9.40
N SER A 255 12.69 -15.26 9.86
CA SER A 255 13.09 -16.36 9.01
C SER A 255 11.92 -17.29 8.74
N GLN A 256 11.14 -17.59 9.77
CA GLN A 256 9.91 -18.34 9.59
C GLN A 256 9.02 -17.65 8.57
N ALA A 257 8.89 -16.34 8.67
CA ALA A 257 8.08 -15.62 7.69
C ALA A 257 8.69 -15.72 6.30
N LEU A 258 10.03 -15.78 6.21
CA LEU A 258 10.67 -15.95 4.91
C LEU A 258 10.24 -17.26 4.29
N GLY A 259 10.33 -18.35 5.06
CA GLY A 259 9.96 -19.65 4.54
C GLY A 259 8.51 -19.72 4.11
N ILE A 260 7.60 -19.25 4.96
CA ILE A 260 6.19 -19.15 4.58
C ILE A 260 6.04 -18.32 3.32
N ALA A 261 6.72 -17.17 3.28
CA ALA A 261 6.69 -16.35 2.07
C ALA A 261 7.27 -17.11 0.89
N GLN A 262 8.36 -17.85 1.13
CA GLN A 262 9.02 -18.53 0.01
C GLN A 262 8.13 -19.62 -0.54
N THR A 263 7.59 -20.46 0.35
CA THR A 263 6.76 -21.56 -0.11
C THR A 263 5.48 -21.04 -0.75
N ALA A 264 4.95 -19.90 -0.26
CA ALA A 264 3.81 -19.28 -0.90
C ALA A 264 4.17 -18.82 -2.30
N LEU A 265 5.33 -18.20 -2.46
CA LEU A 265 5.75 -17.76 -3.78
C LEU A 265 6.07 -18.95 -4.67
N ASP A 266 6.77 -19.95 -4.11
CA ASP A 266 6.93 -21.24 -4.77
C ASP A 266 5.60 -21.72 -5.33
N CYS A 267 4.62 -21.91 -4.43
CA CYS A 267 3.31 -22.36 -4.85
C CYS A 267 2.74 -21.48 -5.95
N ALA A 268 2.77 -20.16 -5.74
CA ALA A 268 2.17 -19.26 -6.71
C ALA A 268 2.89 -19.31 -8.04
N VAL A 269 4.23 -19.36 -8.03
CA VAL A 269 4.97 -19.38 -9.29
C VAL A 269 4.67 -20.66 -10.04
N ASN A 270 4.80 -21.81 -9.38
CA ASN A 270 4.52 -23.06 -10.02
C ASN A 270 3.11 -23.11 -10.56
N TYR A 271 2.14 -22.66 -9.76
CA TYR A 271 0.76 -22.67 -10.21
C TYR A 271 0.57 -21.78 -11.43
N ALA A 272 1.05 -20.54 -11.36
CA ALA A 272 0.81 -19.59 -12.46
C ALA A 272 1.49 -20.02 -13.74
N GLU A 273 2.61 -20.74 -13.65
CA GLU A 273 3.28 -21.27 -14.80
C GLU A 273 2.53 -22.43 -15.42
N ASN A 274 1.58 -23.01 -14.68
CA ASN A 274 0.92 -24.22 -15.13
C ASN A 274 -0.57 -24.08 -15.24
N ARG A 275 -1.11 -22.94 -14.85
CA ARG A 275 -2.52 -22.64 -14.98
C ARG A 275 -2.70 -21.76 -16.20
N MET A 276 -3.60 -22.16 -17.11
CA MET A 276 -3.93 -21.33 -18.25
C MET A 276 -5.16 -20.50 -17.94
N ALA A 277 -5.21 -19.33 -18.54
CA ALA A 277 -6.42 -18.53 -18.55
C ALA A 277 -6.32 -17.62 -19.76
N PHE A 278 -7.41 -17.50 -20.50
CA PHE A 278 -7.43 -16.68 -21.70
C PHE A 278 -6.30 -17.10 -22.65
N GLY A 279 -6.18 -18.40 -22.86
CA GLY A 279 -5.30 -18.97 -23.86
C GLY A 279 -3.84 -19.01 -23.52
N ALA A 280 -3.44 -18.58 -22.32
CA ALA A 280 -2.01 -18.51 -22.00
C ALA A 280 -1.83 -18.74 -20.51
N PRO A 281 -0.63 -19.15 -20.09
CA PRO A 281 -0.38 -19.32 -18.65
C PRO A 281 -0.59 -18.01 -17.91
N LEU A 282 -0.96 -18.13 -16.63
CA LEU A 282 -1.14 -16.95 -15.80
C LEU A 282 0.07 -16.03 -15.84
N THR A 283 1.27 -16.60 -15.97
CA THR A 283 2.46 -15.78 -15.92
C THR A 283 2.66 -14.95 -17.16
N LYS A 284 1.85 -15.16 -18.21
CA LYS A 284 1.87 -14.21 -19.31
C LYS A 284 1.03 -12.99 -19.00
N LEU A 285 0.12 -13.10 -18.04
CA LEU A 285 -0.62 -11.94 -17.58
C LEU A 285 0.32 -11.00 -16.83
N GLN A 286 0.26 -9.73 -17.20
CA GLN A 286 1.18 -8.77 -16.61
C GLN A 286 0.93 -8.62 -15.13
N VAL A 287 -0.34 -8.68 -14.70
CA VAL A 287 -0.59 -8.44 -13.30
C VAL A 287 -0.11 -9.62 -12.47
N ILE A 288 -0.16 -10.82 -13.03
CA ILE A 288 0.42 -11.96 -12.32
C ILE A 288 1.91 -11.78 -12.23
N GLN A 289 2.54 -11.41 -13.35
CA GLN A 289 3.96 -11.07 -13.36
C GLN A 289 4.27 -10.02 -12.31
N PHE A 290 3.45 -8.98 -12.24
CA PHE A 290 3.69 -7.90 -11.30
C PHE A 290 3.58 -8.41 -9.87
N LYS A 291 2.51 -9.17 -9.59
CA LYS A 291 2.36 -9.82 -8.28
C LYS A 291 3.61 -10.61 -7.91
N LEU A 292 3.96 -11.54 -8.79
CA LEU A 292 5.16 -12.37 -8.62
C LEU A 292 6.39 -11.51 -8.36
N ALA A 293 6.55 -10.44 -9.15
CA ALA A 293 7.70 -9.57 -8.95
C ALA A 293 7.65 -8.95 -7.57
N ASP A 294 6.49 -8.40 -7.20
CA ASP A 294 6.33 -7.76 -5.89
C ASP A 294 6.59 -8.75 -4.78
N MET A 295 6.02 -9.96 -4.91
CA MET A 295 6.27 -10.99 -3.91
C MET A 295 7.74 -11.33 -3.82
N ALA A 296 8.40 -11.49 -4.97
CA ALA A 296 9.82 -11.84 -4.97
C ALA A 296 10.64 -10.75 -4.32
N LEU A 297 10.41 -9.49 -4.71
CA LEU A 297 11.14 -8.38 -4.13
C LEU A 297 10.93 -8.36 -2.61
N ALA A 298 9.67 -8.26 -2.19
CA ALA A 298 9.32 -8.25 -0.77
C ALA A 298 9.97 -9.41 -0.03
N LEU A 299 10.00 -10.59 -0.67
CA LEU A 299 10.61 -11.75 -0.05
C LEU A 299 12.11 -11.56 0.09
N GLU A 300 12.79 -11.29 -1.02
CA GLU A 300 14.24 -11.19 -1.00
C GLU A 300 14.68 -9.97 -0.21
N SER A 301 13.93 -8.88 -0.30
CA SER A 301 14.18 -7.71 0.55
C SER A 301 14.13 -8.09 2.03
N ALA A 302 13.07 -8.78 2.44
CA ALA A 302 12.96 -9.19 3.83
C ALA A 302 14.10 -10.12 4.21
N ARG A 303 14.47 -11.02 3.29
CA ARG A 303 15.57 -11.93 3.58
C ARG A 303 16.86 -11.16 3.83
N LEU A 304 17.15 -10.17 3.00
CA LEU A 304 18.36 -9.37 3.22
C LEU A 304 18.30 -8.72 4.59
N LEU A 305 17.16 -8.13 4.92
CA LEU A 305 16.96 -7.59 6.26
C LEU A 305 17.18 -8.65 7.30
N THR A 306 16.68 -9.87 7.05
CA THR A 306 16.80 -10.91 8.06
C THR A 306 18.23 -11.35 8.21
N TRP A 307 18.93 -11.52 7.11
CA TRP A 307 20.30 -11.97 7.19
C TRP A 307 21.20 -10.88 7.75
N ARG A 308 20.82 -9.62 7.53
CA ARG A 308 21.58 -8.53 8.14
C ARG A 308 21.48 -8.61 9.65
N ALA A 309 20.26 -8.79 10.16
CA ALA A 309 20.12 -8.92 11.60
C ALA A 309 20.89 -10.13 12.11
N ALA A 310 20.80 -11.25 11.38
CA ALA A 310 21.48 -12.47 11.79
C ALA A 310 22.99 -12.28 11.83
N MET A 311 23.54 -11.62 10.82
CA MET A 311 24.99 -11.47 10.75
C MET A 311 25.48 -10.48 11.78
N LEU A 312 24.70 -9.42 12.00
CA LEU A 312 25.00 -8.50 13.08
C LEU A 312 25.08 -9.24 14.41
N LYS A 313 24.12 -10.14 14.67
CA LYS A 313 24.18 -10.96 15.88
C LYS A 313 25.44 -11.80 15.89
N ASP A 314 25.68 -12.53 14.80
CA ASP A 314 26.86 -13.36 14.70
C ASP A 314 28.12 -12.57 14.96
N ASN A 315 28.18 -11.35 14.43
CA ASN A 315 29.37 -10.54 14.61
C ASN A 315 29.32 -9.73 15.89
N LYS A 316 28.40 -10.10 16.79
CA LYS A 316 28.29 -9.48 18.10
C LYS A 316 28.20 -7.97 17.98
N LYS A 317 27.45 -7.54 16.98
CA LYS A 317 27.08 -6.17 16.70
C LYS A 317 25.65 -5.94 17.16
N PRO A 318 25.26 -4.69 17.41
CA PRO A 318 23.86 -4.44 17.81
C PRO A 318 22.94 -4.75 16.65
N PHE A 319 21.75 -5.27 16.97
CA PHE A 319 20.83 -5.65 15.92
C PHE A 319 19.37 -5.53 16.33
N ILE A 320 19.06 -4.69 17.31
CA ILE A 320 17.68 -4.53 17.75
C ILE A 320 16.83 -3.97 16.62
N LYS A 321 17.25 -2.86 16.04
CA LYS A 321 16.53 -2.27 14.92
C LYS A 321 16.46 -3.25 13.76
N GLU A 322 17.60 -3.88 13.46
CA GLU A 322 17.67 -4.72 12.27
C GLU A 322 16.82 -5.98 12.45
N ALA A 323 16.88 -6.61 13.63
CA ALA A 323 15.99 -7.73 13.90
C ALA A 323 14.53 -7.32 13.81
N ALA A 324 14.20 -6.16 14.37
CA ALA A 324 12.83 -5.67 14.27
C ALA A 324 12.45 -5.41 12.81
N MET A 325 13.35 -4.79 12.04
CA MET A 325 13.11 -4.58 10.62
C MET A 325 12.94 -5.90 9.87
N ALA A 326 13.81 -6.86 10.15
CA ALA A 326 13.70 -8.18 9.50
C ALA A 326 12.35 -8.79 9.79
N LYS A 327 12.01 -8.91 11.07
CA LYS A 327 10.75 -9.50 11.47
C LYS A 327 9.58 -8.72 10.90
N LEU A 328 9.65 -7.39 10.96
CA LEU A 328 8.56 -6.58 10.42
C LEU A 328 8.40 -6.80 8.92
N ALA A 329 9.47 -6.64 8.15
CA ALA A 329 9.36 -6.77 6.70
C ALA A 329 8.97 -8.18 6.32
N ALA A 330 9.58 -9.19 6.94
CA ALA A 330 9.33 -10.57 6.57
C ALA A 330 7.92 -11.00 6.96
N SER A 331 7.47 -10.60 8.15
CA SER A 331 6.11 -10.98 8.54
C SER A 331 5.10 -10.34 7.62
N GLU A 332 5.28 -9.05 7.31
CA GLU A 332 4.36 -8.41 6.37
C GLU A 332 4.54 -8.95 4.96
N ALA A 333 5.77 -9.29 4.58
CA ALA A 333 5.97 -9.97 3.31
C ALA A 333 5.23 -11.30 3.29
N ALA A 334 5.37 -12.08 4.35
CA ALA A 334 4.72 -13.39 4.38
C ALA A 334 3.21 -13.24 4.18
N THR A 335 2.62 -12.23 4.79
CA THR A 335 1.18 -12.09 4.70
C THR A 335 0.78 -11.61 3.32
N ALA A 336 1.49 -10.60 2.81
CA ALA A 336 1.19 -10.07 1.49
C ALA A 336 1.49 -11.10 0.40
N ILE A 337 2.62 -11.79 0.52
CA ILE A 337 2.96 -12.81 -0.45
C ILE A 337 1.98 -13.97 -0.35
N SER A 338 1.65 -14.40 0.88
CA SER A 338 0.68 -15.49 0.99
C SER A 338 -0.68 -15.04 0.50
N HIS A 339 -1.08 -13.80 0.82
CA HIS A 339 -2.31 -13.26 0.26
C HIS A 339 -2.27 -13.27 -1.27
N GLN A 340 -1.18 -12.78 -1.84
CA GLN A 340 -1.08 -12.73 -3.30
C GLN A 340 -0.98 -14.12 -3.90
N ALA A 341 -0.35 -15.06 -3.18
CA ALA A 341 -0.32 -16.44 -3.64
C ALA A 341 -1.72 -17.00 -3.74
N ILE A 342 -2.53 -16.78 -2.71
CA ILE A 342 -3.94 -17.17 -2.79
C ILE A 342 -4.58 -16.57 -4.03
N GLN A 343 -4.42 -15.25 -4.19
CA GLN A 343 -5.04 -14.59 -5.33
C GLN A 343 -4.64 -15.26 -6.63
N ILE A 344 -3.34 -15.50 -6.81
CA ILE A 344 -2.85 -16.09 -8.04
C ILE A 344 -3.46 -17.47 -8.24
N LEU A 345 -3.66 -18.22 -7.17
CA LEU A 345 -4.29 -19.52 -7.30
C LEU A 345 -5.77 -19.40 -7.59
N GLY A 346 -6.36 -18.22 -7.38
CA GLY A 346 -7.78 -18.06 -7.57
C GLY A 346 -8.54 -18.90 -6.56
N GLY A 347 -9.56 -19.60 -7.05
CA GLY A 347 -10.32 -20.48 -6.17
C GLY A 347 -9.42 -21.50 -5.51
N MET A 348 -8.45 -22.02 -6.25
CA MET A 348 -7.50 -22.96 -5.69
C MET A 348 -6.82 -22.40 -4.46
N GLY A 349 -6.72 -21.08 -4.34
CA GLY A 349 -6.06 -20.48 -3.20
C GLY A 349 -6.88 -20.46 -1.96
N TYR A 350 -8.14 -20.86 -2.06
CA TYR A 350 -9.08 -20.74 -0.97
C TYR A 350 -9.39 -22.08 -0.32
N VAL A 351 -8.75 -23.15 -0.76
CA VAL A 351 -9.17 -24.50 -0.41
C VAL A 351 -7.93 -25.32 -0.14
N THR A 352 -8.13 -26.43 0.56
CA THR A 352 -7.03 -27.30 0.95
C THR A 352 -6.45 -28.11 -0.22
N GLU A 353 -7.07 -28.08 -1.41
CA GLU A 353 -6.42 -28.68 -2.58
C GLU A 353 -5.02 -28.14 -2.77
N MET A 354 -4.81 -26.91 -2.37
CA MET A 354 -3.52 -26.25 -2.44
C MET A 354 -3.13 -25.76 -1.06
N PRO A 355 -1.85 -25.53 -0.84
CA PRO A 355 -1.39 -25.04 0.47
C PRO A 355 -1.37 -23.54 0.64
N ALA A 356 -1.89 -22.79 -0.33
CA ALA A 356 -1.83 -21.32 -0.27
C ALA A 356 -2.60 -20.80 0.93
N GLU A 357 -3.81 -21.31 1.14
CA GLU A 357 -4.63 -20.80 2.22
C GLU A 357 -3.95 -21.06 3.57
N ARG A 358 -3.30 -22.22 3.72
CA ARG A 358 -2.50 -22.50 4.91
C ARG A 358 -1.40 -21.47 5.10
N HIS A 359 -0.66 -21.17 4.02
CA HIS A 359 0.43 -20.21 4.13
C HIS A 359 -0.11 -18.87 4.59
N TYR A 360 -1.26 -18.48 4.04
CA TYR A 360 -1.92 -17.26 4.46
C TYR A 360 -2.17 -17.26 5.95
N ARG A 361 -2.67 -18.37 6.47
CA ARG A 361 -3.03 -18.47 7.87
C ARG A 361 -1.80 -18.52 8.74
N ASP A 362 -0.78 -19.26 8.27
CA ASP A 362 0.48 -19.35 8.98
C ASP A 362 1.20 -18.01 8.98
N ALA A 363 1.17 -17.30 7.85
CA ALA A 363 1.85 -16.02 7.78
C ALA A 363 1.30 -15.08 8.82
N ARG A 364 -0.02 -15.11 9.03
CA ARG A 364 -0.68 -14.10 9.84
C ARG A 364 -0.09 -14.01 11.24
N ILE A 365 0.39 -15.13 11.78
CA ILE A 365 0.90 -15.07 13.14
C ILE A 365 2.18 -14.25 13.20
N THR A 366 2.97 -14.28 12.13
CA THR A 366 4.27 -13.66 12.18
C THR A 366 4.18 -12.16 12.39
N GLU A 367 3.06 -11.55 12.03
CA GLU A 367 2.83 -10.13 12.30
C GLU A 367 2.43 -9.85 13.73
N ILE A 368 2.23 -10.88 14.53
CA ILE A 368 1.71 -10.75 15.89
C ILE A 368 2.76 -11.10 16.92
N TYR A 369 3.24 -12.34 16.92
CA TYR A 369 4.01 -12.70 18.10
C TYR A 369 5.45 -12.21 17.97
N GLU A 370 6.16 -12.30 19.11
CA GLU A 370 7.51 -11.76 19.27
C GLU A 370 7.53 -10.27 18.95
N GLY A 371 6.44 -9.61 19.27
CA GLY A 371 6.29 -8.19 19.01
C GLY A 371 5.46 -7.96 17.78
N THR A 372 4.29 -7.35 17.94
CA THR A 372 3.45 -7.06 16.80
C THR A 372 4.19 -6.11 15.85
N SER A 373 3.68 -6.05 14.62
CA SER A 373 4.20 -5.09 13.66
C SER A 373 4.26 -3.70 14.27
N GLU A 374 3.24 -3.35 15.07
CA GLU A 374 3.22 -2.04 15.69
C GLU A 374 4.42 -1.88 16.62
N ILE A 375 4.68 -2.90 17.44
CA ILE A 375 5.80 -2.82 18.36
C ILE A 375 7.12 -2.80 17.60
N GLN A 376 7.22 -3.62 16.55
CA GLN A 376 8.40 -3.56 15.70
C GLN A 376 8.62 -2.13 15.23
N ARG A 377 7.57 -1.48 14.76
CA ARG A 377 7.71 -0.12 14.25
C ARG A 377 8.11 0.82 15.38
N LEU A 378 7.52 0.61 16.57
CA LEU A 378 7.96 1.36 17.72
C LEU A 378 9.43 1.10 18.00
N VAL A 379 9.84 -0.16 17.94
CA VAL A 379 11.25 -0.50 18.15
C VAL A 379 12.11 0.18 17.10
N ILE A 380 11.71 0.09 15.82
CA ILE A 380 12.43 0.74 14.72
C ILE A 380 12.56 2.23 15.00
N ALA A 381 11.42 2.89 15.19
CA ALA A 381 11.39 4.31 15.50
C ALA A 381 12.33 4.63 16.66
N GLY A 382 12.24 3.85 17.74
CA GLY A 382 13.00 4.16 18.94
C GLY A 382 14.48 4.22 18.66
N HIS A 383 15.00 3.19 17.97
CA HIS A 383 16.42 3.09 17.72
C HIS A 383 16.87 3.97 16.58
N LEU A 384 15.99 4.24 15.61
CA LEU A 384 16.31 5.21 14.59
C LEU A 384 16.54 6.59 15.21
N LEU A 385 15.63 6.99 16.10
CA LEU A 385 15.76 8.26 16.80
C LEU A 385 17.01 8.29 17.65
N ARG A 386 17.26 7.21 18.41
CA ARG A 386 18.42 7.19 19.29
C ARG A 386 19.71 7.08 18.49
N SER A 387 19.66 6.52 17.28
CA SER A 387 20.78 6.69 16.37
C SER A 387 20.95 8.16 16.01
N TYR A 388 19.84 8.86 15.74
CA TYR A 388 19.96 10.25 15.35
C TYR A 388 20.47 11.11 16.50
N ARG A 389 20.03 10.82 17.72
CA ARG A 389 20.46 11.60 18.87
C ARG A 389 21.88 11.27 19.30
N SER A 390 22.44 10.17 18.80
CA SER A 390 23.79 9.74 19.16
C SER A 390 24.82 10.80 18.87
N TYR B 7 -31.06 7.73 -0.84
CA TYR B 7 -29.73 8.30 -0.88
C TYR B 7 -28.79 7.48 0.00
N GLN B 8 -27.48 7.81 0.00
CA GLN B 8 -26.46 7.12 0.82
C GLN B 8 -25.84 7.83 2.06
N SER B 9 -26.22 7.34 3.27
CA SER B 9 -25.90 7.84 4.65
C SER B 9 -26.80 9.02 4.76
N VAL B 10 -26.76 9.84 3.72
CA VAL B 10 -27.63 10.91 3.55
C VAL B 10 -28.91 10.09 3.45
N GLU B 11 -29.80 10.23 4.42
CA GLU B 11 -31.08 9.55 4.52
C GLU B 11 -31.45 8.36 3.64
N LEU B 12 -31.27 7.18 4.19
CA LEU B 12 -31.68 6.00 3.54
C LEU B 12 -33.16 6.01 3.58
N PRO B 13 -33.82 5.51 2.52
CA PRO B 13 -35.27 5.48 2.52
C PRO B 13 -35.78 4.61 3.64
N GLU B 14 -36.90 5.01 4.18
CA GLU B 14 -37.50 4.42 5.36
C GLU B 14 -37.55 2.88 5.29
N THR B 15 -38.04 2.35 4.16
CA THR B 15 -38.07 0.91 3.99
C THR B 15 -36.71 0.29 4.26
N HIS B 16 -35.66 0.90 3.73
CA HIS B 16 -34.32 0.33 3.81
C HIS B 16 -33.77 0.40 5.22
N GLN B 17 -33.96 1.51 5.89
CA GLN B 17 -33.61 1.67 7.25
C GLN B 17 -34.31 0.65 8.09
N MET B 18 -35.60 0.51 7.92
CA MET B 18 -36.35 -0.53 8.60
C MET B 18 -35.77 -1.89 8.29
N LEU B 19 -35.54 -2.17 7.01
CA LEU B 19 -34.93 -3.43 6.61
C LEU B 19 -33.58 -3.62 7.29
N LEU B 20 -32.77 -2.55 7.35
CA LEU B 20 -31.49 -2.62 8.02
C LEU B 20 -31.66 -3.06 9.47
N GLN B 21 -32.49 -2.34 10.22
CA GLN B 21 -32.78 -2.77 11.59
C GLN B 21 -33.30 -4.20 11.60
N THR B 22 -34.23 -4.53 10.70
CA THR B 22 -34.75 -5.90 10.65
C THR B 22 -33.61 -6.91 10.49
N CYS B 23 -32.75 -6.72 9.49
CA CYS B 23 -31.66 -7.65 9.26
C CYS B 23 -30.59 -7.57 10.34
N ARG B 24 -30.33 -6.38 10.88
CA ARG B 24 -29.44 -6.32 12.02
C ARG B 24 -30.04 -7.06 13.21
N ASP B 25 -31.35 -6.89 13.44
CA ASP B 25 -32.04 -7.68 14.47
C ASP B 25 -31.87 -9.16 14.19
N PHE B 26 -32.09 -9.57 12.93
CA PHE B 26 -31.94 -10.97 12.59
C PHE B 26 -30.52 -11.45 12.80
N ALA B 27 -29.56 -10.73 12.26
CA ALA B 27 -28.17 -11.18 12.32
C ALA B 27 -27.72 -11.33 13.75
N GLU B 28 -27.97 -10.31 14.57
CA GLU B 28 -27.50 -10.35 15.95
C GLU B 28 -28.24 -11.40 16.74
N LYS B 29 -29.51 -11.65 16.41
CA LYS B 29 -30.30 -12.59 17.19
C LYS B 29 -30.12 -14.02 16.69
N GLU B 30 -30.03 -14.23 15.37
CA GLU B 30 -30.05 -15.57 14.80
C GLU B 30 -28.74 -16.04 14.21
N LEU B 31 -27.87 -15.12 13.75
CA LEU B 31 -26.61 -15.47 13.10
C LEU B 31 -25.40 -15.33 14.01
N PHE B 32 -25.24 -14.18 14.67
CA PHE B 32 -24.16 -13.99 15.65
C PHE B 32 -23.96 -15.18 16.58
N PRO B 33 -25.00 -15.75 17.22
CA PRO B 33 -24.74 -16.90 18.12
C PRO B 33 -24.22 -18.14 17.41
N ILE B 34 -24.57 -18.33 16.14
CA ILE B 34 -24.21 -19.56 15.43
C ILE B 34 -23.05 -19.38 14.48
N ALA B 35 -22.60 -18.15 14.23
CA ALA B 35 -21.58 -17.89 13.22
C ALA B 35 -20.31 -18.69 13.50
N ALA B 36 -19.85 -18.68 14.75
CA ALA B 36 -18.65 -19.46 15.08
C ALA B 36 -18.90 -20.95 14.88
N GLN B 37 -20.04 -21.46 15.32
CA GLN B 37 -20.31 -22.87 15.13
C GLN B 37 -20.43 -23.21 13.64
N VAL B 38 -21.11 -22.36 12.89
CA VAL B 38 -21.26 -22.56 11.46
C VAL B 38 -19.90 -22.69 10.78
N ASP B 39 -18.97 -21.81 11.16
CA ASP B 39 -17.64 -21.84 10.54
C ASP B 39 -16.84 -23.06 10.99
N LYS B 40 -16.83 -23.31 12.30
CA LYS B 40 -16.03 -24.37 12.88
C LYS B 40 -16.53 -25.76 12.48
N GLU B 41 -17.84 -25.93 12.40
CA GLU B 41 -18.40 -27.21 12.02
C GLU B 41 -18.80 -27.25 10.57
N HIS B 42 -18.34 -26.28 9.76
CA HIS B 42 -18.70 -26.15 8.35
C HIS B 42 -20.15 -26.54 8.16
N LEU B 43 -21.00 -25.89 8.95
CA LEU B 43 -22.39 -26.25 9.12
C LEU B 43 -23.27 -25.36 8.25
N PHE B 44 -23.97 -25.95 7.31
CA PHE B 44 -24.94 -25.19 6.54
C PHE B 44 -26.03 -24.67 7.48
N PRO B 45 -26.23 -23.37 7.57
CA PRO B 45 -27.20 -22.81 8.54
C PRO B 45 -28.64 -22.95 8.05
N ALA B 46 -29.07 -24.21 7.86
CA ALA B 46 -30.37 -24.47 7.26
C ALA B 46 -31.48 -23.72 7.98
N ALA B 47 -31.50 -23.83 9.31
CA ALA B 47 -32.60 -23.24 10.07
C ALA B 47 -32.63 -21.73 9.85
N GLN B 48 -31.46 -21.12 9.85
CA GLN B 48 -31.36 -19.68 9.67
C GLN B 48 -31.76 -19.29 8.25
N VAL B 49 -31.33 -20.08 7.27
CA VAL B 49 -31.69 -19.81 5.89
C VAL B 49 -33.20 -19.92 5.69
N LYS B 50 -33.83 -20.93 6.32
CA LYS B 50 -35.28 -21.04 6.27
C LYS B 50 -35.94 -19.81 6.86
N LYS B 51 -35.52 -19.38 8.05
CA LYS B 51 -36.07 -18.15 8.62
C LYS B 51 -35.84 -16.97 7.69
N MET B 52 -34.62 -16.87 7.15
CA MET B 52 -34.35 -15.81 6.19
C MET B 52 -35.28 -15.90 5.00
N GLY B 53 -35.57 -17.12 4.53
CA GLY B 53 -36.53 -17.27 3.47
C GLY B 53 -37.89 -16.71 3.85
N GLY B 54 -38.32 -16.97 5.08
CA GLY B 54 -39.57 -16.39 5.56
C GLY B 54 -39.57 -14.87 5.51
N LEU B 55 -38.44 -14.27 5.85
CA LEU B 55 -38.31 -12.82 5.88
C LEU B 55 -38.16 -12.18 4.50
N GLY B 56 -38.10 -13.00 3.44
CA GLY B 56 -37.92 -12.50 2.09
C GLY B 56 -36.48 -12.19 1.72
N LEU B 57 -35.52 -12.55 2.57
CA LEU B 57 -34.12 -12.23 2.34
C LEU B 57 -33.48 -13.13 1.29
N LEU B 58 -34.07 -14.28 0.99
CA LEU B 58 -33.52 -15.12 -0.06
C LEU B 58 -34.03 -14.75 -1.43
N ALA B 59 -35.00 -13.84 -1.50
CA ALA B 59 -35.60 -13.48 -2.77
C ALA B 59 -36.02 -12.01 -2.69
N MET B 60 -35.04 -11.14 -2.43
CA MET B 60 -35.36 -9.75 -2.11
C MET B 60 -35.79 -8.96 -3.33
N ASP B 61 -34.99 -9.00 -4.40
CA ASP B 61 -35.36 -8.35 -5.66
C ASP B 61 -36.53 -9.02 -6.35
N VAL B 62 -36.90 -10.23 -5.91
CA VAL B 62 -37.93 -10.99 -6.60
C VAL B 62 -39.29 -10.33 -6.39
N PRO B 63 -40.14 -10.27 -7.37
CA PRO B 63 -41.41 -9.61 -7.09
C PRO B 63 -42.30 -10.42 -6.19
N GLU B 64 -43.18 -9.72 -5.54
CA GLU B 64 -44.11 -10.35 -4.63
C GLU B 64 -44.92 -11.49 -5.23
N GLU B 65 -45.36 -11.33 -6.47
CA GLU B 65 -46.01 -12.35 -7.27
C GLU B 65 -45.33 -13.67 -7.37
N LEU B 66 -44.01 -13.67 -7.40
CA LEU B 66 -43.26 -14.86 -7.43
C LEU B 66 -42.86 -15.31 -6.09
N GLY B 67 -43.26 -14.62 -5.07
CA GLY B 67 -42.90 -15.03 -3.75
C GLY B 67 -41.74 -14.31 -3.18
N GLY B 68 -41.32 -13.27 -3.84
CA GLY B 68 -40.18 -12.51 -3.40
C GLY B 68 -40.59 -11.35 -2.50
N ALA B 69 -39.56 -10.68 -1.96
CA ALA B 69 -39.78 -9.56 -1.04
C ALA B 69 -40.21 -8.28 -1.74
N GLY B 70 -40.09 -8.22 -3.07
CA GLY B 70 -40.44 -7.01 -3.78
C GLY B 70 -39.53 -5.84 -3.50
N LEU B 71 -38.35 -6.09 -2.93
CA LEU B 71 -37.44 -5.01 -2.60
C LEU B 71 -36.56 -4.69 -3.82
N ASP B 72 -35.46 -3.99 -3.59
CA ASP B 72 -34.58 -3.62 -4.68
C ASP B 72 -33.16 -4.02 -4.30
N TYR B 73 -32.16 -3.57 -5.07
CA TYR B 73 -30.80 -4.00 -4.77
C TYR B 73 -30.16 -3.17 -3.67
N LEU B 74 -30.66 -1.99 -3.43
CA LEU B 74 -30.21 -1.20 -2.34
C LEU B 74 -30.61 -1.94 -1.11
N ALA B 75 -31.86 -2.36 -1.06
CA ALA B 75 -32.36 -3.16 0.06
C ALA B 75 -31.55 -4.44 0.17
N TYR B 76 -31.35 -5.11 -0.96
CA TYR B 76 -30.54 -6.33 -1.02
C TYR B 76 -29.17 -6.09 -0.40
N ALA B 77 -28.45 -5.11 -0.88
CA ALA B 77 -27.15 -4.81 -0.40
C ALA B 77 -27.11 -4.53 1.09
N ILE B 78 -28.13 -3.90 1.59
CA ILE B 78 -28.19 -3.58 2.96
C ILE B 78 -28.38 -4.82 3.75
N ALA B 79 -29.34 -5.62 3.33
CA ALA B 79 -29.57 -6.91 3.97
C ALA B 79 -28.33 -7.78 3.87
N MET B 80 -27.70 -7.80 2.70
CA MET B 80 -26.50 -8.59 2.52
C MET B 80 -25.42 -8.17 3.50
N GLU B 81 -25.25 -6.87 3.69
CA GLU B 81 -24.24 -6.44 4.65
C GLU B 81 -24.60 -6.90 6.06
N GLU B 82 -25.85 -6.64 6.48
CA GLU B 82 -26.27 -7.02 7.82
C GLU B 82 -26.23 -8.53 8.02
N ILE B 83 -26.65 -9.30 7.02
CA ILE B 83 -26.62 -10.75 7.16
C ILE B 83 -25.17 -11.21 7.29
N SER B 84 -24.30 -10.65 6.46
CA SER B 84 -22.92 -11.14 6.40
C SER B 84 -22.12 -10.65 7.59
N ARG B 85 -22.48 -9.48 8.11
CA ARG B 85 -22.02 -9.06 9.43
C ARG B 85 -22.25 -10.16 10.45
N GLY B 86 -23.44 -10.75 10.42
CA GLY B 86 -23.73 -11.86 11.31
C GLY B 86 -22.94 -13.11 10.96
N CYS B 87 -22.98 -13.51 9.69
CA CYS B 87 -22.39 -14.78 9.25
C CYS B 87 -22.02 -14.66 7.78
N ALA B 88 -20.75 -14.87 7.45
CA ALA B 88 -20.34 -14.70 6.06
C ALA B 88 -20.89 -15.82 5.19
N SER B 89 -20.90 -17.06 5.69
CA SER B 89 -21.45 -18.17 4.91
C SER B 89 -22.92 -17.94 4.64
N THR B 90 -23.68 -17.69 5.70
CA THR B 90 -25.07 -17.31 5.53
C THR B 90 -25.21 -16.20 4.49
N GLY B 91 -24.28 -15.23 4.52
CA GLY B 91 -24.30 -14.17 3.53
C GLY B 91 -24.22 -14.69 2.10
N VAL B 92 -23.21 -15.52 1.81
CA VAL B 92 -23.03 -15.93 0.42
C VAL B 92 -24.15 -16.85 -0.02
N ILE B 93 -24.61 -17.71 0.90
CA ILE B 93 -25.78 -18.55 0.60
C ILE B 93 -26.94 -17.67 0.16
N MET B 94 -27.23 -16.63 0.93
CA MET B 94 -28.28 -15.69 0.52
C MET B 94 -27.91 -14.95 -0.75
N SER B 95 -26.62 -14.64 -0.93
CA SER B 95 -26.22 -13.89 -2.12
C SER B 95 -26.36 -14.73 -3.37
N VAL B 96 -25.90 -15.99 -3.32
CA VAL B 96 -26.06 -16.89 -4.46
C VAL B 96 -27.53 -16.96 -4.85
N ASN B 97 -28.40 -17.21 -3.87
CA ASN B 97 -29.80 -17.43 -4.19
C ASN B 97 -30.42 -16.20 -4.83
N ASN B 98 -30.16 -15.03 -4.25
CA ASN B 98 -30.74 -13.79 -4.75
C ASN B 98 -30.24 -13.47 -6.16
N SER B 99 -28.95 -13.22 -6.27
CA SER B 99 -28.36 -12.63 -7.46
C SER B 99 -28.00 -13.67 -8.50
N LEU B 100 -27.33 -14.73 -8.06
CA LEU B 100 -26.71 -15.66 -8.98
C LEU B 100 -27.74 -16.65 -9.53
N TYR B 101 -28.69 -17.06 -8.69
CA TYR B 101 -29.67 -18.04 -9.12
C TYR B 101 -30.98 -17.39 -9.52
N LEU B 102 -31.60 -16.65 -8.60
CA LEU B 102 -32.88 -16.04 -8.90
C LEU B 102 -32.72 -14.89 -9.89
N GLY B 103 -31.65 -14.10 -9.72
CA GLY B 103 -31.36 -12.99 -10.61
C GLY B 103 -31.53 -13.31 -12.08
N PRO B 104 -30.74 -14.26 -12.60
CA PRO B 104 -30.85 -14.57 -14.04
C PRO B 104 -32.19 -15.16 -14.45
N ILE B 105 -32.86 -15.89 -13.57
CA ILE B 105 -34.15 -16.45 -13.97
C ILE B 105 -35.20 -15.35 -14.07
N LEU B 106 -35.17 -14.41 -13.14
CA LEU B 106 -36.06 -13.25 -13.21
C LEU B 106 -35.82 -12.47 -14.50
N LYS B 107 -34.57 -12.20 -14.82
CA LYS B 107 -34.30 -11.32 -15.94
C LYS B 107 -34.36 -12.03 -17.27
N PHE B 108 -34.24 -13.36 -17.30
CA PHE B 108 -34.18 -14.08 -18.57
C PHE B 108 -35.15 -15.22 -18.73
N GLY B 109 -35.88 -15.62 -17.69
CA GLY B 109 -36.78 -16.74 -17.79
C GLY B 109 -38.15 -16.37 -18.32
N SER B 110 -38.77 -17.35 -18.98
CA SER B 110 -40.17 -17.24 -19.33
C SER B 110 -41.01 -17.09 -18.08
N LYS B 111 -42.28 -16.69 -18.29
CA LYS B 111 -43.26 -16.78 -17.21
C LYS B 111 -43.21 -18.16 -16.57
N GLU B 112 -43.12 -19.22 -17.39
CA GLU B 112 -43.18 -20.57 -16.84
C GLU B 112 -41.92 -20.91 -16.06
N GLN B 113 -40.76 -20.53 -16.60
CA GLN B 113 -39.52 -20.76 -15.86
C GLN B 113 -39.51 -20.01 -14.53
N LYS B 114 -40.03 -18.77 -14.52
CA LYS B 114 -40.07 -18.04 -13.27
C LYS B 114 -40.99 -18.71 -12.28
N GLN B 115 -42.17 -19.13 -12.74
CA GLN B 115 -43.09 -19.86 -11.86
C GLN B 115 -42.43 -21.12 -11.31
N ALA B 116 -41.76 -21.88 -12.18
CA ALA B 116 -41.26 -23.20 -11.77
C ALA B 116 -39.94 -23.11 -11.01
N TRP B 117 -39.09 -22.14 -11.39
CA TRP B 117 -37.74 -22.08 -10.87
C TRP B 117 -37.46 -20.90 -9.95
N VAL B 118 -38.25 -19.82 -10.02
CA VAL B 118 -38.09 -18.72 -9.06
C VAL B 118 -38.92 -19.03 -7.83
N THR B 119 -40.24 -19.14 -8.02
CA THR B 119 -41.17 -19.22 -6.89
C THR B 119 -40.80 -20.29 -5.87
N PRO B 120 -40.53 -21.55 -6.22
CA PRO B 120 -40.19 -22.54 -5.19
C PRO B 120 -38.87 -22.26 -4.48
N PHE B 121 -38.21 -21.16 -4.81
CA PHE B 121 -36.88 -20.83 -4.30
C PHE B 121 -36.89 -19.44 -3.65
N THR B 122 -38.07 -18.95 -3.28
CA THR B 122 -38.20 -17.63 -2.71
C THR B 122 -38.42 -17.62 -1.20
N SER B 123 -38.64 -18.77 -0.58
CA SER B 123 -39.08 -18.82 0.81
C SER B 123 -38.11 -19.56 1.72
N GLY B 124 -36.99 -20.02 1.20
CA GLY B 124 -36.05 -20.76 2.01
C GLY B 124 -36.24 -22.26 2.03
N ASP B 125 -37.35 -22.77 1.51
CA ASP B 125 -37.52 -24.22 1.47
C ASP B 125 -36.57 -24.83 0.45
N LYS B 126 -36.30 -24.14 -0.65
CA LYS B 126 -35.32 -24.58 -1.63
C LYS B 126 -34.46 -23.39 -2.01
N ILE B 127 -33.17 -23.63 -2.16
CA ILE B 127 -32.29 -22.59 -2.65
C ILE B 127 -31.61 -23.09 -3.90
N GLY B 128 -31.10 -22.14 -4.69
CA GLY B 128 -30.46 -22.45 -5.95
C GLY B 128 -28.95 -22.29 -5.86
N CYS B 129 -28.33 -22.50 -7.01
CA CYS B 129 -26.92 -22.21 -7.16
C CYS B 129 -26.66 -21.90 -8.62
N PHE B 130 -25.40 -21.63 -8.92
CA PHE B 130 -25.00 -20.92 -10.12
C PHE B 130 -23.72 -21.57 -10.57
N ALA B 131 -23.74 -22.20 -11.74
CA ALA B 131 -22.63 -23.05 -12.19
C ALA B 131 -22.04 -22.44 -13.46
N LEU B 132 -21.06 -21.58 -13.29
CA LEU B 132 -20.35 -20.96 -14.40
C LEU B 132 -18.91 -21.43 -14.47
N SER B 133 -18.18 -21.28 -13.38
CA SER B 133 -16.79 -21.69 -13.35
C SER B 133 -16.69 -23.20 -13.50
N GLU B 134 -15.48 -23.62 -13.86
CA GLU B 134 -15.16 -25.00 -14.17
C GLU B 134 -13.75 -25.22 -13.69
N PRO B 135 -13.33 -26.47 -13.49
CA PRO B 135 -11.95 -26.69 -13.07
C PRO B 135 -10.96 -25.93 -13.94
N GLY B 136 -11.13 -25.96 -15.25
CA GLY B 136 -10.19 -25.30 -16.13
C GLY B 136 -10.29 -23.79 -16.21
N ASN B 137 -11.37 -23.20 -15.70
CA ASN B 137 -11.62 -21.80 -15.97
C ASN B 137 -12.67 -21.24 -15.03
N GLY B 138 -12.31 -20.18 -14.31
CA GLY B 138 -13.27 -19.36 -13.59
C GLY B 138 -13.23 -17.94 -14.11
N SER B 139 -12.07 -17.27 -13.97
CA SER B 139 -11.94 -15.91 -14.50
C SER B 139 -12.28 -15.87 -15.98
N ASP B 140 -11.72 -16.81 -16.74
CA ASP B 140 -12.06 -16.97 -18.14
C ASP B 140 -13.39 -17.71 -18.22
N ALA B 141 -14.44 -16.99 -17.83
CA ALA B 141 -15.78 -17.56 -17.83
C ALA B 141 -16.17 -18.04 -19.22
N GLY B 142 -15.89 -17.23 -20.24
CA GLY B 142 -16.25 -17.54 -21.61
C GLY B 142 -15.64 -18.84 -22.14
N ALA B 143 -14.64 -19.40 -21.46
CA ALA B 143 -14.01 -20.66 -21.86
C ALA B 143 -14.76 -21.88 -21.36
N ALA B 144 -16.01 -21.70 -20.93
CA ALA B 144 -16.84 -22.82 -20.52
C ALA B 144 -16.80 -23.94 -21.54
N SER B 145 -16.28 -25.10 -21.11
CA SER B 145 -16.16 -26.27 -21.94
C SER B 145 -17.12 -27.38 -21.56
N THR B 146 -17.85 -27.26 -20.45
CA THR B 146 -19.05 -28.05 -20.28
C THR B 146 -19.92 -27.82 -21.52
N THR B 147 -20.44 -28.91 -22.08
CA THR B 147 -21.20 -28.77 -23.30
C THR B 147 -22.67 -29.11 -23.05
N ALA B 148 -23.52 -28.48 -23.84
CA ALA B 148 -24.93 -28.82 -23.91
C ALA B 148 -25.26 -29.10 -25.36
N ARG B 149 -25.75 -30.29 -25.64
CA ARG B 149 -26.07 -30.70 -27.00
C ARG B 149 -27.56 -30.96 -27.10
N ALA B 150 -28.23 -30.35 -28.07
CA ALA B 150 -29.62 -30.69 -28.34
C ALA B 150 -29.71 -32.10 -28.92
N GLU B 151 -30.56 -32.92 -28.29
CA GLU B 151 -30.89 -34.28 -28.72
C GLU B 151 -32.36 -34.46 -28.37
N GLY B 152 -33.20 -34.66 -29.40
CA GLY B 152 -34.62 -34.80 -29.17
C GLY B 152 -35.23 -33.62 -28.45
N ASP B 153 -36.04 -33.93 -27.43
CA ASP B 153 -36.70 -32.94 -26.59
C ASP B 153 -35.81 -32.44 -25.45
N SER B 154 -34.51 -32.69 -25.52
CA SER B 154 -33.65 -32.67 -24.35
C SER B 154 -32.32 -31.98 -24.66
N TRP B 155 -31.76 -31.28 -23.67
CA TRP B 155 -30.37 -30.82 -23.74
C TRP B 155 -29.52 -31.84 -23.01
N VAL B 156 -28.37 -32.16 -23.59
CA VAL B 156 -27.48 -33.18 -23.06
C VAL B 156 -26.22 -32.47 -22.56
N LEU B 157 -26.04 -32.46 -21.24
CA LEU B 157 -25.00 -31.69 -20.60
C LEU B 157 -23.84 -32.60 -20.20
N ASN B 158 -22.63 -32.20 -20.58
CA ASN B 158 -21.42 -32.96 -20.23
C ASN B 158 -20.31 -32.01 -19.85
N GLY B 159 -19.81 -32.16 -18.65
CA GLY B 159 -18.70 -31.37 -18.19
C GLY B 159 -18.83 -31.11 -16.71
N THR B 160 -17.73 -30.74 -16.11
CA THR B 160 -17.70 -30.45 -14.70
C THR B 160 -17.76 -28.93 -14.52
N LYS B 161 -18.67 -28.48 -13.70
CA LYS B 161 -18.66 -27.12 -13.20
C LYS B 161 -17.94 -27.13 -11.86
N ALA B 162 -17.06 -26.17 -11.64
CA ALA B 162 -16.27 -26.17 -10.41
C ALA B 162 -16.76 -25.09 -9.46
N TRP B 163 -16.57 -25.36 -8.17
CA TRP B 163 -16.67 -24.36 -7.12
C TRP B 163 -18.09 -23.88 -6.90
N ILE B 164 -19.08 -24.75 -6.96
CA ILE B 164 -20.46 -24.28 -7.02
C ILE B 164 -20.96 -24.08 -5.59
N THR B 165 -21.14 -22.83 -5.20
CA THR B 165 -21.64 -22.53 -3.86
C THR B 165 -23.08 -23.01 -3.74
N ASN B 166 -23.43 -23.57 -2.57
CA ASN B 166 -24.71 -24.22 -2.31
C ASN B 166 -24.86 -25.51 -3.10
N ALA B 167 -23.78 -26.07 -3.64
CA ALA B 167 -23.92 -27.28 -4.45
C ALA B 167 -24.65 -28.36 -3.66
N TRP B 168 -24.35 -28.48 -2.37
CA TRP B 168 -24.89 -29.57 -1.57
C TRP B 168 -26.24 -29.26 -0.94
N GLU B 169 -26.74 -28.05 -1.09
CA GLU B 169 -28.05 -27.71 -0.57
C GLU B 169 -29.00 -27.22 -1.63
N ALA B 170 -28.50 -26.88 -2.81
CA ALA B 170 -29.38 -26.26 -3.79
C ALA B 170 -30.20 -27.33 -4.52
N SER B 171 -31.39 -26.92 -4.96
CA SER B 171 -32.32 -27.79 -5.67
C SER B 171 -32.42 -27.43 -7.14
N ALA B 172 -31.78 -26.35 -7.55
CA ALA B 172 -31.70 -25.97 -8.95
C ALA B 172 -30.40 -25.23 -9.16
N ALA B 173 -29.84 -25.40 -10.33
CA ALA B 173 -28.64 -24.70 -10.72
C ALA B 173 -28.94 -23.97 -12.01
N VAL B 174 -28.58 -22.69 -12.07
CA VAL B 174 -28.41 -22.03 -13.35
C VAL B 174 -27.04 -22.46 -13.84
N VAL B 175 -27.02 -23.28 -14.90
CA VAL B 175 -25.80 -23.90 -15.38
C VAL B 175 -25.44 -23.28 -16.72
N PHE B 176 -24.17 -23.02 -16.91
CA PHE B 176 -23.67 -22.42 -18.12
C PHE B 176 -22.85 -23.49 -18.80
N ALA B 177 -23.33 -23.94 -19.94
CA ALA B 177 -22.66 -24.94 -20.75
C ALA B 177 -22.57 -24.39 -22.16
N SER B 178 -21.52 -24.77 -22.86
CA SER B 178 -21.34 -24.29 -24.21
C SER B 178 -22.19 -25.15 -25.14
N THR B 179 -23.13 -24.52 -25.82
CA THR B 179 -23.85 -25.16 -26.90
C THR B 179 -23.05 -25.18 -28.20
N ASP B 180 -21.90 -24.50 -28.21
CA ASP B 180 -20.95 -24.61 -29.31
C ASP B 180 -19.67 -23.89 -28.93
N ARG B 181 -18.67 -24.64 -28.49
CA ARG B 181 -17.41 -24.06 -28.05
C ARG B 181 -16.71 -23.25 -29.14
N ALA B 182 -16.99 -23.55 -30.42
CA ALA B 182 -16.39 -22.76 -31.50
C ALA B 182 -16.91 -21.33 -31.51
N LEU B 183 -18.09 -21.07 -30.96
CA LEU B 183 -18.57 -19.70 -30.90
C LEU B 183 -18.04 -18.96 -29.68
N GLN B 184 -17.23 -19.63 -28.85
CA GLN B 184 -16.54 -19.05 -27.69
C GLN B 184 -17.62 -18.47 -26.79
N ASN B 185 -17.47 -17.26 -26.28
CA ASN B 185 -18.50 -16.77 -25.37
C ASN B 185 -19.73 -16.30 -26.11
N LYS B 186 -19.81 -16.50 -27.42
CA LYS B 186 -21.09 -16.49 -28.12
C LYS B 186 -21.71 -17.89 -28.16
N GLY B 187 -20.99 -18.91 -27.71
CA GLY B 187 -21.46 -20.28 -27.76
C GLY B 187 -21.98 -20.83 -26.46
N ILE B 188 -22.09 -20.03 -25.44
CA ILE B 188 -22.47 -20.47 -24.12
C ILE B 188 -23.97 -20.27 -23.96
N SER B 189 -24.61 -21.20 -23.28
CA SER B 189 -26.02 -21.08 -22.99
C SER B 189 -26.20 -21.31 -21.50
N ALA B 190 -27.33 -20.86 -20.99
CA ALA B 190 -27.67 -20.95 -19.58
C ALA B 190 -28.81 -21.95 -19.44
N PHE B 191 -28.67 -22.86 -18.48
CA PHE B 191 -29.62 -23.95 -18.34
C PHE B 191 -30.13 -24.04 -16.92
N LEU B 192 -31.43 -24.21 -16.78
CA LEU B 192 -32.03 -24.51 -15.50
C LEU B 192 -31.91 -26.02 -15.29
N VAL B 193 -31.12 -26.41 -14.31
CA VAL B 193 -30.84 -27.81 -14.04
C VAL B 193 -31.40 -28.13 -12.65
N PRO B 194 -32.33 -29.06 -12.54
CA PRO B 194 -32.81 -29.44 -11.22
C PRO B 194 -31.75 -30.24 -10.50
N MET B 195 -31.76 -30.15 -9.18
CA MET B 195 -30.85 -30.91 -8.36
C MET B 195 -31.68 -31.54 -7.25
N PRO B 196 -31.57 -32.85 -7.05
CA PRO B 196 -30.72 -33.71 -7.89
C PRO B 196 -31.40 -34.03 -9.24
N THR B 197 -30.65 -34.61 -10.18
CA THR B 197 -31.17 -34.99 -11.48
C THR B 197 -30.25 -36.06 -12.05
N PRO B 198 -30.76 -36.98 -12.86
CA PRO B 198 -29.88 -38.03 -13.38
C PRO B 198 -28.79 -37.43 -14.25
N GLY B 199 -27.61 -38.06 -14.20
CA GLY B 199 -26.45 -37.54 -14.90
C GLY B 199 -25.74 -36.41 -14.18
N LEU B 200 -26.27 -35.93 -13.08
CA LEU B 200 -25.63 -34.88 -12.29
C LEU B 200 -25.10 -35.49 -11.00
N THR B 201 -23.79 -35.37 -10.80
CA THR B 201 -23.13 -35.80 -9.57
C THR B 201 -22.51 -34.59 -8.89
N LEU B 202 -22.61 -34.55 -7.58
CA LEU B 202 -21.96 -33.54 -6.77
C LEU B 202 -20.54 -33.99 -6.44
N GLY B 203 -19.57 -33.13 -6.70
CA GLY B 203 -18.24 -33.38 -6.19
C GLY B 203 -18.22 -33.27 -4.68
N LYS B 204 -17.09 -33.64 -4.10
CA LYS B 204 -16.98 -33.54 -2.65
C LYS B 204 -16.88 -32.06 -2.25
N LYS B 205 -17.38 -31.76 -1.06
CA LYS B 205 -17.32 -30.42 -0.50
C LYS B 205 -15.88 -29.93 -0.43
N GLU B 206 -15.65 -28.74 -0.94
CA GLU B 206 -14.36 -28.09 -0.75
C GLU B 206 -14.16 -27.81 0.73
N ASP B 207 -12.97 -28.14 1.23
CA ASP B 207 -12.55 -27.69 2.55
C ASP B 207 -12.00 -26.28 2.37
N LYS B 208 -12.77 -25.29 2.81
CA LYS B 208 -12.52 -23.89 2.45
C LYS B 208 -11.85 -23.12 3.57
N LEU B 209 -11.08 -22.12 3.16
CA LEU B 209 -10.43 -21.23 4.11
C LEU B 209 -11.46 -20.55 5.02
N GLY B 210 -12.58 -20.11 4.45
CA GLY B 210 -13.65 -19.48 5.19
C GLY B 210 -14.95 -19.67 4.44
N ILE B 211 -15.98 -18.89 4.77
CA ILE B 211 -17.38 -19.14 4.46
C ILE B 211 -17.63 -20.64 4.52
N ARG B 212 -17.20 -21.25 5.62
CA ARG B 212 -17.19 -22.69 5.74
C ARG B 212 -18.60 -23.25 5.94
N GLY B 213 -19.59 -22.40 6.19
CA GLY B 213 -20.97 -22.82 6.23
C GLY B 213 -21.67 -22.89 4.88
N SER B 214 -21.07 -22.32 3.84
CA SER B 214 -21.54 -22.61 2.50
C SER B 214 -20.98 -23.94 2.05
N SER B 215 -21.73 -24.65 1.23
CA SER B 215 -21.14 -25.77 0.54
C SER B 215 -20.52 -25.24 -0.75
N THR B 216 -19.39 -25.81 -1.12
CA THR B 216 -18.79 -25.51 -2.40
C THR B 216 -18.35 -26.83 -3.01
N ALA B 217 -18.82 -27.13 -4.21
CA ALA B 217 -18.54 -28.44 -4.75
C ALA B 217 -18.75 -28.40 -6.25
N ASN B 218 -18.10 -29.32 -6.93
CA ASN B 218 -18.24 -29.41 -8.37
C ASN B 218 -19.58 -29.99 -8.76
N LEU B 219 -20.09 -29.53 -9.88
CA LEU B 219 -21.27 -30.09 -10.51
C LEU B 219 -20.77 -30.91 -11.68
N ILE B 220 -20.80 -32.23 -11.54
CA ILE B 220 -20.32 -33.14 -12.57
C ILE B 220 -21.54 -33.59 -13.37
N PHE B 221 -21.61 -33.18 -14.63
CA PHE B 221 -22.65 -33.60 -15.55
C PHE B 221 -22.08 -34.64 -16.49
N GLU B 222 -22.65 -35.84 -16.43
CA GLU B 222 -22.25 -36.95 -17.28
C GLU B 222 -23.53 -37.39 -17.99
N ASP B 223 -23.67 -37.03 -19.27
CA ASP B 223 -24.84 -37.39 -20.06
C ASP B 223 -26.11 -36.97 -19.32
N CYS B 224 -26.13 -35.72 -18.90
CA CYS B 224 -27.20 -35.23 -18.06
C CYS B 224 -28.25 -34.58 -18.95
N ARG B 225 -29.43 -35.19 -19.01
CA ARG B 225 -30.46 -34.77 -19.93
C ARG B 225 -31.50 -33.95 -19.19
N ILE B 226 -31.69 -32.70 -19.63
CA ILE B 226 -32.74 -31.85 -19.10
C ILE B 226 -33.63 -31.50 -20.27
N PRO B 227 -34.87 -31.07 -20.02
CA PRO B 227 -35.75 -30.74 -21.15
C PRO B 227 -35.21 -29.56 -21.96
N LYS B 228 -35.60 -29.51 -23.24
CA LYS B 228 -35.09 -28.46 -24.12
C LYS B 228 -35.43 -27.08 -23.59
N ASP B 229 -36.57 -26.92 -22.92
CA ASP B 229 -36.95 -25.59 -22.47
C ASP B 229 -36.34 -25.23 -21.12
N SER B 230 -35.40 -26.03 -20.62
CA SER B 230 -34.58 -25.65 -19.48
C SER B 230 -33.62 -24.51 -19.79
N ILE B 231 -33.41 -24.21 -21.07
CA ILE B 231 -32.45 -23.20 -21.43
C ILE B 231 -32.96 -21.84 -20.99
N LEU B 232 -32.12 -21.10 -20.29
CA LEU B 232 -32.41 -19.71 -19.98
C LEU B 232 -32.11 -18.88 -21.20
N GLY B 233 -33.11 -18.13 -21.67
CA GLY B 233 -32.91 -17.38 -22.88
C GLY B 233 -32.65 -18.30 -24.07
N GLU B 234 -32.13 -17.71 -25.13
CA GLU B 234 -31.83 -18.38 -26.39
C GLU B 234 -30.42 -18.95 -26.33
N PRO B 235 -30.12 -19.95 -27.15
CA PRO B 235 -28.74 -20.48 -27.17
C PRO B 235 -27.78 -19.40 -27.62
N GLY B 236 -26.61 -19.36 -26.97
CA GLY B 236 -25.65 -18.30 -27.18
C GLY B 236 -25.76 -17.14 -26.20
N MET B 237 -26.89 -17.00 -25.51
CA MET B 237 -27.05 -15.91 -24.56
C MET B 237 -26.40 -16.18 -23.21
N GLY B 238 -25.83 -17.37 -23.01
CA GLY B 238 -25.37 -17.73 -21.69
C GLY B 238 -24.30 -16.81 -21.15
N PHE B 239 -23.41 -16.35 -22.02
CA PHE B 239 -22.32 -15.51 -21.52
C PHE B 239 -22.85 -14.19 -21.00
N LYS B 240 -23.72 -13.54 -21.77
CA LYS B 240 -24.31 -12.30 -21.28
C LYS B 240 -25.18 -12.58 -20.06
N ILE B 241 -25.81 -13.74 -20.00
CA ILE B 241 -26.56 -14.07 -18.80
C ILE B 241 -25.62 -14.20 -17.60
N ALA B 242 -24.52 -14.94 -17.78
CA ALA B 242 -23.51 -15.04 -16.74
C ALA B 242 -22.98 -13.67 -16.34
N MET B 243 -22.61 -12.85 -17.31
CA MET B 243 -21.96 -11.57 -17.01
C MET B 243 -22.93 -10.62 -16.31
N GLN B 244 -24.16 -10.52 -16.83
CA GLN B 244 -25.14 -9.66 -16.20
C GLN B 244 -25.55 -10.17 -14.83
N THR B 245 -25.61 -11.49 -14.67
CA THR B 245 -25.84 -12.06 -13.35
C THR B 245 -24.71 -11.69 -12.41
N LEU B 246 -23.47 -11.83 -12.88
CA LEU B 246 -22.33 -11.48 -12.03
C LEU B 246 -22.33 -9.99 -11.68
N ASP B 247 -22.73 -9.12 -12.63
CA ASP B 247 -22.83 -7.70 -12.32
C ASP B 247 -23.72 -7.46 -11.13
N MET B 248 -24.88 -8.12 -11.11
CA MET B 248 -25.76 -8.04 -9.94
C MET B 248 -25.11 -8.73 -8.76
N GLY B 249 -24.60 -9.94 -8.97
CA GLY B 249 -24.00 -10.70 -7.90
C GLY B 249 -22.87 -9.95 -7.21
N ARG B 250 -22.05 -9.26 -8.00
CA ARG B 250 -20.95 -8.50 -7.43
C ARG B 250 -21.45 -7.49 -6.41
N ILE B 251 -22.65 -6.95 -6.61
CA ILE B 251 -23.23 -6.06 -5.61
C ILE B 251 -23.51 -6.85 -4.32
N GLY B 252 -24.00 -8.08 -4.48
CA GLY B 252 -24.20 -8.93 -3.32
C GLY B 252 -22.89 -9.25 -2.61
N ILE B 253 -21.86 -9.61 -3.37
CA ILE B 253 -20.60 -9.96 -2.71
C ILE B 253 -19.96 -8.72 -2.12
N ALA B 254 -20.04 -7.59 -2.82
CA ALA B 254 -19.57 -6.33 -2.25
C ALA B 254 -20.20 -6.13 -0.89
N SER B 255 -21.49 -6.42 -0.78
CA SER B 255 -22.22 -6.22 0.46
C SER B 255 -21.84 -7.27 1.49
N GLN B 256 -21.64 -8.51 1.04
CA GLN B 256 -21.07 -9.50 1.95
C GLN B 256 -19.75 -8.99 2.50
N ALA B 257 -18.91 -8.44 1.63
CA ALA B 257 -17.63 -7.93 2.08
C ALA B 257 -17.83 -6.80 3.08
N LEU B 258 -18.79 -5.90 2.81
CA LEU B 258 -19.12 -4.83 3.74
C LEU B 258 -19.47 -5.38 5.10
N GLY B 259 -20.24 -6.47 5.13
CA GLY B 259 -20.63 -7.05 6.41
C GLY B 259 -19.46 -7.65 7.17
N ILE B 260 -18.66 -8.48 6.49
CA ILE B 260 -17.46 -9.02 7.12
C ILE B 260 -16.58 -7.88 7.62
N ALA B 261 -16.38 -6.85 6.77
CA ALA B 261 -15.56 -5.72 7.16
C ALA B 261 -16.14 -5.03 8.38
N GLN B 262 -17.43 -4.69 8.32
CA GLN B 262 -18.11 -4.03 9.42
C GLN B 262 -18.01 -4.84 10.71
N THR B 263 -18.21 -6.16 10.63
CA THR B 263 -18.16 -6.92 11.87
C THR B 263 -16.72 -7.06 12.34
N ALA B 264 -15.75 -7.19 11.43
CA ALA B 264 -14.35 -7.12 11.84
C ALA B 264 -14.06 -5.79 12.52
N LEU B 265 -14.62 -4.70 11.98
CA LEU B 265 -14.38 -3.39 12.57
C LEU B 265 -15.08 -3.28 13.94
N ASP B 266 -16.33 -3.72 14.03
CA ASP B 266 -17.02 -3.83 15.33
C ASP B 266 -16.16 -4.55 16.34
N CYS B 267 -15.69 -5.74 15.98
CA CYS B 267 -14.84 -6.51 16.87
C CYS B 267 -13.62 -5.70 17.27
N ALA B 268 -12.96 -5.06 16.30
CA ALA B 268 -11.74 -4.31 16.59
C ALA B 268 -12.02 -3.12 17.50
N VAL B 269 -13.05 -2.33 17.19
CA VAL B 269 -13.35 -1.17 18.01
C VAL B 269 -13.70 -1.61 19.42
N ASN B 270 -14.67 -2.53 19.53
CA ASN B 270 -15.06 -3.02 20.85
C ASN B 270 -13.87 -3.59 21.61
N TYR B 271 -13.03 -4.35 20.94
CA TYR B 271 -11.91 -4.93 21.67
C TYR B 271 -10.90 -3.86 22.09
N ALA B 272 -10.60 -2.93 21.19
CA ALA B 272 -9.60 -1.90 21.51
C ALA B 272 -10.12 -0.94 22.56
N GLU B 273 -11.44 -0.72 22.59
CA GLU B 273 -12.03 0.10 23.63
C GLU B 273 -11.79 -0.49 25.01
N ASN B 274 -11.72 -1.82 25.12
CA ASN B 274 -11.65 -2.48 26.41
C ASN B 274 -10.31 -3.13 26.68
N ARG B 275 -9.40 -3.14 25.74
CA ARG B 275 -8.12 -3.70 25.98
C ARG B 275 -7.15 -2.64 26.47
N MET B 276 -6.52 -2.89 27.57
CA MET B 276 -5.57 -1.99 28.12
C MET B 276 -4.12 -2.22 27.72
N ALA B 277 -3.46 -1.14 27.47
CA ALA B 277 -2.07 -1.14 27.12
C ALA B 277 -1.49 0.08 27.70
N PHE B 278 -0.36 -0.05 28.34
CA PHE B 278 0.38 1.08 28.91
C PHE B 278 -0.41 2.13 29.65
N GLY B 279 -1.36 1.68 30.47
CA GLY B 279 -2.23 2.50 31.21
C GLY B 279 -3.64 2.75 30.73
N ALA B 280 -3.94 2.56 29.46
CA ALA B 280 -5.26 2.88 28.96
C ALA B 280 -5.74 1.99 27.86
N PRO B 281 -6.94 2.23 27.36
CA PRO B 281 -7.48 1.47 26.25
C PRO B 281 -6.67 1.61 24.96
N LEU B 282 -6.68 0.57 24.17
CA LEU B 282 -5.95 0.56 22.91
C LEU B 282 -6.35 1.70 22.02
N THR B 283 -7.56 2.22 22.18
CA THR B 283 -8.04 3.31 21.37
C THR B 283 -7.41 4.65 21.72
N LYS B 284 -6.64 4.78 22.78
CA LYS B 284 -5.91 5.95 23.09
C LYS B 284 -4.58 5.90 22.36
N LEU B 285 -4.14 4.76 21.95
CA LEU B 285 -2.92 4.66 21.16
C LEU B 285 -3.18 5.21 19.77
N GLN B 286 -2.24 6.02 19.27
CA GLN B 286 -2.47 6.71 18.01
C GLN B 286 -2.52 5.74 16.83
N VAL B 287 -1.63 4.75 16.81
CA VAL B 287 -1.64 3.85 15.66
C VAL B 287 -2.96 3.07 15.61
N ILE B 288 -3.51 2.77 16.79
CA ILE B 288 -4.79 2.08 16.82
C ILE B 288 -5.88 2.98 16.26
N GLN B 289 -5.82 4.28 16.59
CA GLN B 289 -6.79 5.21 16.03
C GLN B 289 -6.67 5.28 14.53
N PHE B 290 -5.44 5.37 14.02
CA PHE B 290 -5.24 5.40 12.59
C PHE B 290 -5.74 4.12 11.94
N LYS B 291 -5.37 2.97 12.51
CA LYS B 291 -5.89 1.71 11.99
C LYS B 291 -7.41 1.79 11.88
N LEU B 292 -8.06 2.10 13.00
CA LEU B 292 -9.52 2.18 13.03
C LEU B 292 -10.02 3.20 12.02
N ALA B 293 -9.40 4.38 11.99
CA ALA B 293 -9.79 5.37 10.99
C ALA B 293 -9.70 4.80 9.58
N ASP B 294 -8.62 4.08 9.27
CA ASP B 294 -8.43 3.56 7.92
C ASP B 294 -9.40 2.44 7.64
N MET B 295 -9.70 1.61 8.65
CA MET B 295 -10.73 0.60 8.47
C MET B 295 -12.07 1.25 8.21
N ALA B 296 -12.43 2.24 9.02
CA ALA B 296 -13.70 2.93 8.83
C ALA B 296 -13.78 3.60 7.46
N LEU B 297 -12.71 4.28 7.05
CA LEU B 297 -12.71 4.93 5.75
C LEU B 297 -12.81 3.90 4.62
N ALA B 298 -12.01 2.84 4.71
CA ALA B 298 -12.11 1.77 3.71
C ALA B 298 -13.52 1.21 3.68
N LEU B 299 -14.10 0.97 4.86
CA LEU B 299 -15.42 0.35 4.91
C LEU B 299 -16.50 1.27 4.36
N GLU B 300 -16.47 2.52 4.70
CA GLU B 300 -17.47 3.44 4.28
C GLU B 300 -17.43 3.82 2.85
N SER B 301 -16.25 4.03 2.36
CA SER B 301 -16.12 4.31 0.93
C SER B 301 -16.57 3.12 0.11
N ALA B 302 -16.10 1.92 0.47
CA ALA B 302 -16.56 0.72 -0.22
C ALA B 302 -18.06 0.57 -0.10
N ARG B 303 -18.64 0.98 1.01
CA ARG B 303 -20.07 0.90 1.15
C ARG B 303 -20.77 1.85 0.21
N LEU B 304 -20.21 3.03 0.06
CA LEU B 304 -20.79 3.99 -0.82
C LEU B 304 -20.78 3.51 -2.24
N LEU B 305 -19.71 2.86 -2.64
CA LEU B 305 -19.53 2.26 -3.90
C LEU B 305 -20.52 1.15 -4.09
N THR B 306 -20.73 0.38 -3.05
CA THR B 306 -21.66 -0.67 -3.09
C THR B 306 -23.03 -0.08 -3.29
N TRP B 307 -23.37 0.96 -2.54
CA TRP B 307 -24.67 1.55 -2.66
C TRP B 307 -24.86 2.24 -3.97
N ARG B 308 -23.83 2.84 -4.51
CA ARG B 308 -23.88 3.42 -5.79
C ARG B 308 -24.29 2.41 -6.82
N ALA B 309 -23.60 1.31 -6.83
CA ALA B 309 -23.90 0.25 -7.73
C ALA B 309 -25.34 -0.23 -7.60
N ALA B 310 -25.77 -0.49 -6.39
CA ALA B 310 -27.07 -0.94 -6.11
C ALA B 310 -28.15 0.00 -6.59
N MET B 311 -27.95 1.28 -6.39
CA MET B 311 -28.89 2.23 -6.79
C MET B 311 -28.93 2.39 -8.29
N LEU B 312 -27.80 2.17 -8.92
CA LEU B 312 -27.69 2.27 -10.33
C LEU B 312 -28.54 1.20 -10.95
N LYS B 313 -28.37 0.00 -10.48
CA LYS B 313 -29.17 -1.13 -10.93
C LYS B 313 -30.64 -0.88 -10.65
N ASP B 314 -30.94 -0.28 -9.50
CA ASP B 314 -32.33 -0.01 -9.13
C ASP B 314 -32.95 1.04 -10.04
N ASN B 315 -32.14 1.96 -10.50
CA ASN B 315 -32.59 3.01 -11.35
C ASN B 315 -32.43 2.67 -12.81
N LYS B 316 -32.26 1.38 -13.08
CA LYS B 316 -32.21 0.84 -14.45
C LYS B 316 -31.13 1.53 -15.27
N LYS B 317 -30.01 1.83 -14.60
CA LYS B 317 -28.86 2.49 -15.18
C LYS B 317 -27.69 1.51 -15.31
N PRO B 318 -26.72 1.79 -16.16
CA PRO B 318 -25.57 0.88 -16.27
C PRO B 318 -24.81 0.86 -14.96
N PHE B 319 -24.35 -0.33 -14.58
CA PHE B 319 -23.66 -0.42 -13.31
C PHE B 319 -22.53 -1.45 -13.32
N ILE B 320 -22.04 -1.87 -14.48
CA ILE B 320 -20.99 -2.89 -14.52
C ILE B 320 -19.75 -2.37 -13.82
N LYS B 321 -19.24 -1.21 -14.26
CA LYS B 321 -18.08 -0.62 -13.62
C LYS B 321 -18.34 -0.44 -12.13
N GLU B 322 -19.49 0.13 -11.78
CA GLU B 322 -19.78 0.43 -10.38
C GLU B 322 -19.94 -0.84 -9.55
N ALA B 323 -20.57 -1.87 -10.12
CA ALA B 323 -20.64 -3.16 -9.43
C ALA B 323 -19.25 -3.71 -9.17
N ALA B 324 -18.40 -3.68 -10.21
CA ALA B 324 -17.03 -4.16 -10.06
C ALA B 324 -16.26 -3.34 -9.04
N MET B 325 -16.38 -2.01 -9.09
CA MET B 325 -15.68 -1.16 -8.13
C MET B 325 -16.11 -1.48 -6.71
N ALA B 326 -17.42 -1.56 -6.49
CA ALA B 326 -17.92 -1.91 -5.18
C ALA B 326 -17.33 -3.23 -4.72
N LYS B 327 -17.39 -4.25 -5.59
CA LYS B 327 -16.95 -5.58 -5.19
C LYS B 327 -15.46 -5.57 -4.88
N LEU B 328 -14.66 -5.02 -5.78
CA LEU B 328 -13.23 -4.92 -5.54
C LEU B 328 -12.94 -4.17 -4.24
N ALA B 329 -13.47 -2.95 -4.12
CA ALA B 329 -13.12 -2.12 -2.97
C ALA B 329 -13.61 -2.75 -1.66
N ALA B 330 -14.83 -3.26 -1.64
CA ALA B 330 -15.35 -3.88 -0.43
C ALA B 330 -14.57 -5.15 -0.10
N SER B 331 -14.21 -5.94 -1.12
CA SER B 331 -13.46 -7.17 -0.87
C SER B 331 -12.07 -6.87 -0.33
N GLU B 332 -11.37 -5.92 -0.94
CA GLU B 332 -10.06 -5.62 -0.42
C GLU B 332 -10.17 -4.91 0.92
N ALA B 333 -11.19 -4.09 1.12
CA ALA B 333 -11.38 -3.48 2.43
C ALA B 333 -11.67 -4.56 3.47
N ALA B 334 -12.48 -5.55 3.11
CA ALA B 334 -12.82 -6.59 4.07
C ALA B 334 -11.58 -7.37 4.47
N THR B 335 -10.71 -7.67 3.51
CA THR B 335 -9.45 -8.30 3.89
C THR B 335 -8.59 -7.34 4.71
N ALA B 336 -8.42 -6.12 4.23
CA ALA B 336 -7.60 -5.14 4.93
C ALA B 336 -8.16 -4.89 6.33
N ILE B 337 -9.48 -4.68 6.43
CA ILE B 337 -10.07 -4.40 7.72
C ILE B 337 -9.99 -5.60 8.63
N SER B 338 -10.34 -6.78 8.11
CA SER B 338 -10.26 -7.97 8.95
C SER B 338 -8.81 -8.32 9.27
N HIS B 339 -7.87 -7.98 8.40
CA HIS B 339 -6.47 -8.16 8.79
C HIS B 339 -6.12 -7.27 9.98
N GLN B 340 -6.60 -6.03 9.97
CA GLN B 340 -6.25 -5.09 11.01
C GLN B 340 -7.08 -5.31 12.27
N ALA B 341 -8.30 -5.83 12.12
CA ALA B 341 -9.05 -6.30 13.28
C ALA B 341 -8.26 -7.36 14.03
N ILE B 342 -7.79 -8.37 13.30
CA ILE B 342 -6.87 -9.34 13.89
C ILE B 342 -5.73 -8.60 14.58
N GLN B 343 -5.07 -7.72 13.82
CA GLN B 343 -3.90 -7.03 14.31
C GLN B 343 -4.21 -6.26 15.58
N ILE B 344 -5.38 -5.61 15.60
CA ILE B 344 -5.76 -4.83 16.77
C ILE B 344 -6.01 -5.73 17.97
N LEU B 345 -6.47 -6.95 17.74
CA LEU B 345 -6.70 -7.89 18.83
C LEU B 345 -5.42 -8.55 19.33
N GLY B 346 -4.30 -8.35 18.66
CA GLY B 346 -3.08 -9.02 19.06
C GLY B 346 -3.23 -10.53 18.97
N GLY B 347 -2.85 -11.21 20.05
CA GLY B 347 -2.94 -12.66 20.05
C GLY B 347 -4.36 -13.15 19.92
N MET B 348 -5.30 -12.44 20.56
CA MET B 348 -6.71 -12.75 20.42
C MET B 348 -7.18 -12.71 18.97
N GLY B 349 -6.49 -11.97 18.10
CA GLY B 349 -6.84 -11.95 16.70
C GLY B 349 -6.56 -13.27 15.99
N TYR B 350 -5.74 -14.12 16.58
CA TYR B 350 -5.29 -15.34 15.94
C TYR B 350 -6.02 -16.60 16.41
N VAL B 351 -6.93 -16.48 17.37
CA VAL B 351 -7.53 -17.66 17.96
C VAL B 351 -9.05 -17.54 17.89
N THR B 352 -9.73 -18.63 18.24
CA THR B 352 -11.18 -18.71 18.12
C THR B 352 -11.93 -18.05 19.27
N GLU B 353 -11.26 -17.73 20.39
CA GLU B 353 -11.93 -16.93 21.39
C GLU B 353 -12.44 -15.63 20.83
N MET B 354 -11.90 -15.21 19.69
CA MET B 354 -12.38 -14.02 19.04
C MET B 354 -12.80 -14.35 17.61
N PRO B 355 -13.76 -13.60 17.07
CA PRO B 355 -14.22 -13.87 15.71
C PRO B 355 -13.31 -13.28 14.64
N ALA B 356 -12.24 -12.58 15.04
CA ALA B 356 -11.43 -11.84 14.08
C ALA B 356 -10.79 -12.78 13.06
N GLU B 357 -10.20 -13.87 13.53
CA GLU B 357 -9.51 -14.75 12.60
C GLU B 357 -10.48 -15.30 11.58
N ARG B 358 -11.73 -15.51 11.97
CA ARG B 358 -12.73 -15.97 11.03
C ARG B 358 -13.10 -14.87 10.03
N HIS B 359 -13.30 -13.64 10.53
CA HIS B 359 -13.57 -12.53 9.62
C HIS B 359 -12.48 -12.43 8.55
N TYR B 360 -11.22 -12.54 8.97
CA TYR B 360 -10.11 -12.63 8.04
C TYR B 360 -10.30 -13.74 7.02
N ARG B 361 -10.66 -14.94 7.50
CA ARG B 361 -10.79 -16.07 6.59
C ARG B 361 -11.95 -15.85 5.64
N ASP B 362 -13.05 -15.28 6.14
CA ASP B 362 -14.23 -15.07 5.32
C ASP B 362 -14.02 -13.94 4.33
N ALA B 363 -13.31 -12.90 4.76
CA ALA B 363 -13.08 -11.78 3.86
C ALA B 363 -12.33 -12.25 2.64
N ARG B 364 -11.38 -13.17 2.83
CA ARG B 364 -10.47 -13.54 1.77
C ARG B 364 -11.21 -14.01 0.52
N ILE B 365 -12.37 -14.63 0.68
CA ILE B 365 -13.03 -15.20 -0.48
C ILE B 365 -13.62 -14.10 -1.34
N THR B 366 -14.02 -12.99 -0.72
CA THR B 366 -14.65 -11.92 -1.46
C THR B 366 -13.71 -11.31 -2.48
N GLU B 367 -12.41 -11.52 -2.34
CA GLU B 367 -11.48 -11.06 -3.36
C GLU B 367 -11.38 -12.01 -4.54
N ILE B 368 -12.00 -13.18 -4.43
CA ILE B 368 -11.83 -14.24 -5.41
C ILE B 368 -13.13 -14.49 -6.18
N TYR B 369 -14.16 -15.01 -5.51
CA TYR B 369 -15.27 -15.46 -6.33
C TYR B 369 -16.08 -14.27 -6.85
N GLU B 370 -16.99 -14.59 -7.77
CA GLU B 370 -17.72 -13.62 -8.57
C GLU B 370 -16.80 -12.65 -9.30
N GLY B 371 -15.62 -13.13 -9.69
CA GLY B 371 -14.67 -12.33 -10.44
C GLY B 371 -13.58 -11.79 -9.54
N THR B 372 -12.37 -12.33 -9.68
CA THR B 372 -11.26 -11.90 -8.86
C THR B 372 -11.08 -10.39 -8.91
N SER B 373 -10.43 -9.85 -7.88
CA SER B 373 -10.02 -8.45 -7.92
C SER B 373 -9.37 -8.11 -9.26
N GLU B 374 -8.55 -9.03 -9.78
CA GLU B 374 -7.88 -8.78 -11.05
C GLU B 374 -8.90 -8.64 -12.17
N ILE B 375 -9.83 -9.58 -12.25
CA ILE B 375 -10.88 -9.49 -13.24
C ILE B 375 -11.69 -8.23 -13.02
N GLN B 376 -11.98 -7.89 -11.77
CA GLN B 376 -12.74 -6.69 -11.49
C GLN B 376 -12.01 -5.46 -11.97
N ARG B 377 -10.72 -5.47 -11.76
CA ARG B 377 -9.94 -4.33 -12.22
C ARG B 377 -9.92 -4.24 -13.75
N LEU B 378 -9.86 -5.38 -14.44
CA LEU B 378 -10.03 -5.37 -15.88
C LEU B 378 -11.39 -4.82 -16.25
N VAL B 379 -12.44 -5.32 -15.60
CA VAL B 379 -13.79 -4.83 -15.85
C VAL B 379 -13.86 -3.33 -15.62
N ILE B 380 -13.27 -2.83 -14.52
CA ILE B 380 -13.28 -1.40 -14.30
C ILE B 380 -12.53 -0.70 -15.43
N ALA B 381 -11.36 -1.23 -15.77
CA ALA B 381 -10.53 -0.59 -16.80
C ALA B 381 -11.29 -0.49 -18.11
N GLY B 382 -11.94 -1.58 -18.51
CA GLY B 382 -12.63 -1.61 -19.77
C GLY B 382 -13.72 -0.57 -19.85
N HIS B 383 -14.49 -0.41 -18.77
CA HIS B 383 -15.62 0.51 -18.79
C HIS B 383 -15.15 1.95 -18.63
N LEU B 384 -14.15 2.17 -17.77
CA LEU B 384 -13.50 3.48 -17.71
C LEU B 384 -13.06 3.92 -19.10
N LEU B 385 -12.31 3.06 -19.79
CA LEU B 385 -11.77 3.40 -21.11
C LEU B 385 -12.88 3.65 -22.12
N ARG B 386 -13.91 2.80 -22.09
CA ARG B 386 -15.03 2.96 -23.01
C ARG B 386 -15.75 4.29 -22.78
N SER B 387 -15.81 4.75 -21.54
CA SER B 387 -16.49 6.01 -21.26
C SER B 387 -15.66 7.20 -21.72
N TYR B 388 -14.33 7.07 -21.77
CA TYR B 388 -13.51 8.13 -22.35
C TYR B 388 -13.64 8.16 -23.87
N ARG B 389 -13.86 7.00 -24.50
CA ARG B 389 -14.16 6.92 -25.93
C ARG B 389 -15.66 7.16 -26.15
N LEU C 3 36.32 -11.14 -4.66
CA LEU C 3 35.97 -10.01 -3.84
C LEU C 3 34.67 -10.29 -3.13
N HIS C 4 34.28 -9.37 -2.27
CA HIS C 4 33.06 -9.35 -1.41
C HIS C 4 32.55 -10.52 -0.61
N THR C 5 32.65 -10.40 0.70
CA THR C 5 32.09 -11.42 1.51
C THR C 5 30.67 -11.06 1.83
N ILE C 6 29.94 -12.01 2.36
CA ILE C 6 28.59 -11.75 2.71
C ILE C 6 28.50 -10.76 3.89
N TYR C 7 29.49 -10.72 4.78
CA TYR C 7 29.49 -9.84 5.91
C TYR C 7 29.75 -8.43 5.42
N GLN C 8 30.48 -8.28 4.34
CA GLN C 8 30.66 -7.01 3.72
C GLN C 8 29.36 -6.35 3.38
N SER C 9 28.28 -7.12 3.23
CA SER C 9 26.95 -6.55 3.10
C SER C 9 26.50 -5.89 4.40
N VAL C 10 27.08 -6.31 5.52
CA VAL C 10 26.60 -5.95 6.85
C VAL C 10 27.54 -4.96 7.52
N GLU C 11 28.85 -5.22 7.45
CA GLU C 11 29.86 -4.23 7.77
C GLU C 11 30.72 -4.01 6.53
N LEU C 12 30.59 -2.81 5.98
CA LEU C 12 31.36 -2.40 4.82
C LEU C 12 32.84 -2.63 5.07
N PRO C 13 33.58 -3.15 4.09
CA PRO C 13 35.03 -3.07 4.17
C PRO C 13 35.39 -1.62 4.41
N GLU C 14 36.49 -1.45 5.13
CA GLU C 14 36.81 -0.16 5.67
C GLU C 14 37.18 0.81 4.55
N THR C 15 37.69 0.31 3.42
CA THR C 15 37.84 1.16 2.23
C THR C 15 36.50 1.74 1.80
N HIS C 16 35.45 0.98 1.93
CA HIS C 16 34.16 1.44 1.56
C HIS C 16 33.61 2.31 2.66
N GLN C 17 33.85 1.96 3.89
CA GLN C 17 33.45 2.84 4.99
C GLN C 17 34.14 4.20 4.85
N MET C 18 35.47 4.20 4.61
CA MET C 18 36.17 5.45 4.31
C MET C 18 35.55 6.17 3.14
N LEU C 19 35.29 5.45 2.06
CA LEU C 19 34.73 6.10 0.88
C LEU C 19 33.38 6.73 1.19
N LEU C 20 32.56 6.03 2.00
CA LEU C 20 31.31 6.59 2.48
C LEU C 20 31.54 7.92 3.18
N GLN C 21 32.46 7.93 4.15
CA GLN C 21 32.68 9.16 4.89
C GLN C 21 33.18 10.26 3.98
N THR C 22 34.10 9.91 3.07
CA THR C 22 34.62 10.88 2.13
C THR C 22 33.50 11.48 1.29
N CYS C 23 32.62 10.63 0.76
CA CYS C 23 31.56 11.13 -0.10
C CYS C 23 30.53 11.90 0.70
N ARG C 24 30.16 11.41 1.89
CA ARG C 24 29.28 12.18 2.75
C ARG C 24 29.88 13.55 3.02
N ASP C 25 31.15 13.59 3.42
CA ASP C 25 31.82 14.87 3.67
C ASP C 25 31.74 15.76 2.44
N PHE C 26 32.08 15.21 1.28
CA PHE C 26 32.01 15.98 0.06
C PHE C 26 30.59 16.45 -0.22
N ALA C 27 29.61 15.56 -0.10
CA ALA C 27 28.24 15.95 -0.37
C ALA C 27 27.77 17.01 0.62
N GLU C 28 28.10 16.83 1.90
CA GLU C 28 27.67 17.78 2.90
C GLU C 28 28.30 19.14 2.67
N LYS C 29 29.62 19.17 2.41
CA LYS C 29 30.27 20.46 2.25
C LYS C 29 30.04 21.04 0.86
N GLU C 30 30.00 20.20 -0.17
CA GLU C 30 29.99 20.73 -1.53
C GLU C 30 28.62 20.73 -2.19
N LEU C 31 27.77 19.73 -1.90
CA LEU C 31 26.51 19.56 -2.60
C LEU C 31 25.31 20.07 -1.80
N PHE C 32 25.21 19.72 -0.51
CA PHE C 32 24.17 20.30 0.35
C PHE C 32 23.99 21.81 0.17
N PRO C 33 25.03 22.64 0.24
CA PRO C 33 24.80 24.09 0.15
C PRO C 33 24.27 24.54 -1.20
N ILE C 34 24.46 23.76 -2.26
CA ILE C 34 24.05 24.18 -3.60
C ILE C 34 22.84 23.42 -4.12
N ALA C 35 22.37 22.40 -3.40
CA ALA C 35 21.31 21.55 -3.91
C ALA C 35 20.09 22.36 -4.30
N ALA C 36 19.64 23.24 -3.40
CA ALA C 36 18.49 24.08 -3.73
C ALA C 36 18.77 24.88 -4.99
N GLN C 37 19.94 25.54 -5.05
CA GLN C 37 20.28 26.37 -6.21
C GLN C 37 20.28 25.55 -7.48
N VAL C 38 20.91 24.40 -7.46
CA VAL C 38 20.95 23.50 -8.61
C VAL C 38 19.55 23.16 -9.04
N ASP C 39 18.67 22.92 -8.08
CA ASP C 39 17.28 22.65 -8.40
C ASP C 39 16.58 23.90 -8.91
N LYS C 40 16.53 24.96 -8.10
CA LYS C 40 15.76 26.14 -8.45
C LYS C 40 16.20 26.70 -9.79
N GLU C 41 17.51 26.82 -10.00
CA GLU C 41 18.06 27.46 -11.18
C GLU C 41 18.32 26.49 -12.33
N HIS C 42 17.87 25.25 -12.21
CA HIS C 42 18.15 24.18 -13.18
C HIS C 42 19.61 24.23 -13.64
N LEU C 43 20.50 24.33 -12.66
CA LEU C 43 21.91 24.63 -12.91
C LEU C 43 22.73 23.35 -12.87
N PHE C 44 23.42 23.07 -13.96
CA PHE C 44 24.34 21.95 -14.02
C PHE C 44 25.50 22.21 -13.06
N PRO C 45 25.80 21.28 -12.18
CA PRO C 45 26.83 21.56 -11.17
C PRO C 45 28.23 21.26 -11.69
N ALA C 46 28.66 22.08 -12.67
CA ALA C 46 29.89 21.79 -13.40
C ALA C 46 31.08 21.68 -12.46
N ALA C 47 31.22 22.64 -11.54
CA ALA C 47 32.39 22.64 -10.68
C ALA C 47 32.35 21.45 -9.71
N GLN C 48 31.17 21.10 -9.23
CA GLN C 48 31.10 19.95 -8.33
C GLN C 48 31.38 18.66 -9.08
N VAL C 49 30.85 18.53 -10.30
CA VAL C 49 31.17 17.38 -11.13
C VAL C 49 32.68 17.29 -11.33
N LYS C 50 33.33 18.45 -11.53
CA LYS C 50 34.78 18.45 -11.69
C LYS C 50 35.49 18.02 -10.41
N LYS C 51 35.09 18.58 -9.26
CA LYS C 51 35.69 18.16 -8.00
C LYS C 51 35.47 16.67 -7.76
N MET C 52 34.27 16.17 -8.08
CA MET C 52 34.03 14.74 -8.00
C MET C 52 34.93 13.96 -8.94
N GLY C 53 35.09 14.46 -10.17
CA GLY C 53 36.02 13.83 -11.09
C GLY C 53 37.40 13.69 -10.49
N GLY C 54 37.91 14.77 -9.89
CA GLY C 54 39.20 14.70 -9.23
C GLY C 54 39.26 13.65 -8.14
N LEU C 55 38.13 13.43 -7.46
CA LEU C 55 37.97 12.41 -6.43
C LEU C 55 37.75 11.00 -6.98
N GLY C 56 37.58 10.86 -8.29
CA GLY C 56 37.31 9.56 -8.88
C GLY C 56 35.85 9.18 -8.94
N LEU C 57 34.96 10.00 -8.38
CA LEU C 57 33.57 9.58 -8.29
C LEU C 57 32.90 9.46 -9.65
N LEU C 58 33.43 10.12 -10.68
CA LEU C 58 32.83 10.04 -12.01
C LEU C 58 33.30 8.83 -12.78
N ALA C 59 34.16 8.01 -12.18
CA ALA C 59 34.82 6.90 -12.86
C ALA C 59 35.27 5.93 -11.80
N MET C 60 34.32 5.45 -11.06
CA MET C 60 34.61 4.61 -9.96
C MET C 60 35.09 3.21 -10.27
N ASP C 61 34.37 2.54 -11.12
CA ASP C 61 34.63 1.21 -11.55
C ASP C 61 35.70 1.19 -12.61
N VAL C 62 36.11 2.32 -13.07
CA VAL C 62 37.12 2.35 -14.11
C VAL C 62 38.46 1.91 -13.53
N PRO C 63 39.19 1.02 -14.18
CA PRO C 63 40.53 0.67 -13.69
C PRO C 63 41.40 1.92 -13.56
N GLU C 64 42.25 1.92 -12.53
CA GLU C 64 43.17 3.05 -12.37
C GLU C 64 44.04 3.24 -13.61
N GLU C 65 44.36 2.14 -14.31
CA GLU C 65 45.13 2.22 -15.55
C GLU C 65 44.53 3.22 -16.53
N LEU C 66 43.20 3.37 -16.52
CA LEU C 66 42.48 4.22 -17.45
C LEU C 66 42.04 5.54 -16.81
N GLY C 67 42.55 5.87 -15.64
CA GLY C 67 42.22 7.12 -14.99
C GLY C 67 41.10 7.04 -13.99
N GLY C 68 40.60 5.84 -13.68
CA GLY C 68 39.50 5.69 -12.77
C GLY C 68 39.97 5.48 -11.34
N ALA C 69 38.98 5.36 -10.45
CA ALA C 69 39.29 5.16 -9.05
C ALA C 69 39.70 3.73 -8.75
N GLY C 70 39.41 2.81 -9.65
CA GLY C 70 39.72 1.42 -9.45
C GLY C 70 38.85 0.82 -8.39
N LEU C 71 37.69 1.37 -8.21
CA LEU C 71 36.75 0.93 -7.20
C LEU C 71 35.78 -0.07 -7.74
N ASP C 72 34.79 -0.39 -7.00
CA ASP C 72 33.83 -1.35 -7.42
C ASP C 72 32.41 -0.79 -7.41
N TYR C 73 31.45 -1.61 -7.64
CA TYR C 73 30.08 -1.16 -7.64
C TYR C 73 29.53 -0.99 -6.28
N LEU C 74 30.09 -1.70 -5.33
CA LEU C 74 29.68 -1.44 -3.98
C LEU C 74 30.17 -0.04 -3.66
N ALA C 75 31.37 0.31 -4.04
CA ALA C 75 31.84 1.62 -3.78
C ALA C 75 31.00 2.65 -4.54
N TYR C 76 30.67 2.39 -5.76
CA TYR C 76 29.84 3.23 -6.54
C TYR C 76 28.46 3.37 -5.92
N ALA C 77 27.82 2.30 -5.49
CA ALA C 77 26.51 2.41 -4.86
C ALA C 77 26.59 3.29 -3.64
N ILE C 78 27.59 3.07 -2.80
CA ILE C 78 27.79 3.90 -1.62
C ILE C 78 27.99 5.35 -2.02
N ALA C 79 28.82 5.58 -3.04
CA ALA C 79 29.14 6.96 -3.41
C ALA C 79 27.94 7.65 -4.05
N MET C 80 27.26 6.95 -4.96
CA MET C 80 26.03 7.47 -5.55
C MET C 80 25.00 7.82 -4.48
N GLU C 81 24.91 7.01 -3.42
CA GLU C 81 24.00 7.33 -2.33
C GLU C 81 24.40 8.63 -1.67
N GLU C 82 25.63 8.71 -1.18
CA GLU C 82 26.09 9.90 -0.48
C GLU C 82 26.01 11.14 -1.36
N ILE C 83 26.35 10.99 -2.65
CA ILE C 83 26.31 12.12 -3.55
C ILE C 83 24.88 12.57 -3.78
N SER C 84 24.01 11.61 -4.12
CA SER C 84 22.61 11.94 -4.38
C SER C 84 21.93 12.44 -3.11
N ARG C 85 22.37 11.96 -1.95
CA ARG C 85 21.91 12.55 -0.70
C ARG C 85 22.18 14.04 -0.68
N GLY C 86 23.31 14.46 -1.25
CA GLY C 86 23.58 15.88 -1.35
C GLY C 86 22.76 16.53 -2.45
N CYS C 87 22.76 15.94 -3.63
CA CYS C 87 22.08 16.47 -4.78
C CYS C 87 21.73 15.36 -5.73
N ALA C 88 20.46 15.29 -6.02
CA ALA C 88 20.00 14.29 -6.89
C ALA C 88 20.51 14.44 -8.31
N SER C 89 20.69 15.67 -8.76
CA SER C 89 21.15 15.95 -10.09
C SER C 89 22.56 15.54 -10.29
N THR C 90 23.40 15.88 -9.33
CA THR C 90 24.78 15.51 -9.32
C THR C 90 24.96 14.02 -9.32
N GLY C 91 24.16 13.36 -8.54
CA GLY C 91 24.11 11.97 -8.47
C GLY C 91 23.75 11.35 -9.79
N VAL C 92 22.74 11.85 -10.48
CA VAL C 92 22.39 11.30 -11.74
C VAL C 92 23.44 11.54 -12.81
N ILE C 93 24.09 12.69 -12.74
CA ILE C 93 25.10 13.10 -13.64
C ILE C 93 26.19 12.12 -13.39
N MET C 94 26.55 11.94 -12.14
CA MET C 94 27.56 10.96 -11.80
C MET C 94 27.16 9.56 -12.25
N SER C 95 25.90 9.18 -12.03
CA SER C 95 25.48 7.82 -12.34
C SER C 95 25.49 7.55 -13.83
N VAL C 96 25.02 8.52 -14.63
CA VAL C 96 25.07 8.36 -16.08
C VAL C 96 26.51 8.15 -16.54
N ASN C 97 27.44 8.99 -16.04
CA ASN C 97 28.82 8.87 -16.48
C ASN C 97 29.41 7.54 -16.08
N ASN C 98 29.19 7.11 -14.85
CA ASN C 98 29.78 5.86 -14.38
C ASN C 98 29.17 4.66 -15.08
N SER C 99 27.85 4.52 -14.98
CA SER C 99 27.20 3.27 -15.39
C SER C 99 26.79 3.30 -16.84
N LEU C 100 26.27 4.43 -17.29
CA LEU C 100 25.66 4.47 -18.60
C LEU C 100 26.66 4.83 -19.69
N TYR C 101 27.65 5.67 -19.39
CA TYR C 101 28.61 6.02 -20.42
C TYR C 101 29.85 5.15 -20.28
N LEU C 102 30.59 5.30 -19.19
CA LEU C 102 31.80 4.51 -18.98
C LEU C 102 31.50 3.02 -18.93
N GLY C 103 30.42 2.64 -18.24
CA GLY C 103 30.06 1.26 -18.04
C GLY C 103 30.13 0.40 -19.29
N PRO C 104 29.34 0.74 -20.31
CA PRO C 104 29.38 -0.07 -21.54
C PRO C 104 30.74 -0.06 -22.20
N ILE C 105 31.50 1.02 -22.09
CA ILE C 105 32.79 1.08 -22.76
C ILE C 105 33.80 0.19 -22.02
N LEU C 106 33.83 0.25 -20.69
CA LEU C 106 34.70 -0.67 -19.97
C LEU C 106 34.38 -2.12 -20.30
N LYS C 107 33.10 -2.41 -20.49
CA LYS C 107 32.63 -3.79 -20.59
C LYS C 107 32.73 -4.32 -22.01
N PHE C 108 32.44 -3.47 -22.99
CA PHE C 108 32.36 -3.91 -24.38
C PHE C 108 33.41 -3.31 -25.29
N GLY C 109 34.09 -2.24 -24.87
CA GLY C 109 35.00 -1.57 -25.76
C GLY C 109 36.32 -2.29 -25.90
N SER C 110 37.03 -1.97 -26.98
CA SER C 110 38.41 -2.37 -27.14
C SER C 110 39.29 -1.57 -26.19
N LYS C 111 40.55 -2.01 -26.04
CA LYS C 111 41.50 -1.21 -25.28
C LYS C 111 41.59 0.20 -25.84
N GLU C 112 41.63 0.33 -27.18
CA GLU C 112 41.75 1.65 -27.80
C GLU C 112 40.52 2.49 -27.52
N GLN C 113 39.33 1.89 -27.56
CA GLN C 113 38.13 2.66 -27.28
C GLN C 113 38.08 3.13 -25.84
N LYS C 114 38.56 2.30 -24.91
CA LYS C 114 38.63 2.73 -23.52
C LYS C 114 39.62 3.87 -23.34
N GLN C 115 40.74 3.82 -24.06
CA GLN C 115 41.72 4.89 -23.95
C GLN C 115 41.17 6.19 -24.48
N ALA C 116 40.47 6.13 -25.60
CA ALA C 116 39.94 7.34 -26.23
C ALA C 116 38.62 7.80 -25.59
N TRP C 117 37.78 6.89 -25.12
CA TRP C 117 36.44 7.24 -24.69
C TRP C 117 36.20 7.13 -23.19
N VAL C 118 37.01 6.36 -22.47
CA VAL C 118 36.85 6.27 -21.03
C VAL C 118 37.79 7.28 -20.37
N THR C 119 39.09 7.16 -20.66
CA THR C 119 40.10 7.95 -19.97
C THR C 119 39.82 9.45 -19.98
N PRO C 120 39.48 10.10 -21.11
CA PRO C 120 39.18 11.54 -21.05
C PRO C 120 37.87 11.85 -20.36
N PHE C 121 37.19 10.84 -19.82
CA PHE C 121 35.90 11.02 -19.16
C PHE C 121 35.94 10.51 -17.72
N THR C 122 37.13 10.49 -17.12
CA THR C 122 37.33 9.96 -15.78
C THR C 122 37.61 11.02 -14.74
N SER C 123 37.74 12.29 -15.13
CA SER C 123 38.24 13.32 -14.22
C SER C 123 37.30 14.51 -14.07
N GLY C 124 36.11 14.47 -14.65
CA GLY C 124 35.17 15.55 -14.50
C GLY C 124 35.31 16.66 -15.52
N ASP C 125 36.32 16.59 -16.37
CA ASP C 125 36.45 17.57 -17.44
C ASP C 125 35.48 17.28 -18.57
N LYS C 126 35.27 16.01 -18.88
CA LYS C 126 34.27 15.62 -19.85
C LYS C 126 33.41 14.52 -19.23
N ILE C 127 32.10 14.63 -19.39
CA ILE C 127 31.23 13.55 -18.99
C ILE C 127 30.55 13.00 -20.23
N GLY C 128 30.06 11.77 -20.12
CA GLY C 128 29.36 11.13 -21.21
C GLY C 128 27.86 11.14 -20.97
N CYS C 129 27.17 10.52 -21.91
CA CYS C 129 25.75 10.27 -21.72
C CYS C 129 25.39 9.01 -22.49
N PHE C 130 24.11 8.67 -22.39
CA PHE C 130 23.61 7.35 -22.78
C PHE C 130 22.33 7.62 -23.55
N ALA C 131 22.35 7.34 -24.85
CA ALA C 131 21.25 7.67 -25.73
C ALA C 131 20.63 6.36 -26.22
N LEU C 132 19.69 5.84 -25.46
CA LEU C 132 18.98 4.63 -25.76
C LEU C 132 17.54 4.88 -26.08
N SER C 133 16.86 5.65 -25.25
CA SER C 133 15.47 5.99 -25.49
C SER C 133 15.32 6.83 -26.75
N GLU C 134 14.13 6.75 -27.32
CA GLU C 134 13.70 7.53 -28.47
C GLU C 134 12.31 8.05 -28.17
N PRO C 135 11.90 9.13 -28.83
CA PRO C 135 10.60 9.73 -28.49
C PRO C 135 9.47 8.74 -28.47
N GLY C 136 9.47 7.76 -29.40
CA GLY C 136 8.40 6.79 -29.48
C GLY C 136 8.56 5.58 -28.60
N ASN C 137 9.72 5.43 -28.00
CA ASN C 137 10.03 4.30 -27.22
C ASN C 137 11.10 4.51 -26.22
N GLY C 138 10.72 4.48 -24.97
CA GLY C 138 11.64 4.62 -23.91
C GLY C 138 11.71 3.32 -23.14
N SER C 139 10.74 2.47 -23.26
CA SER C 139 10.73 1.24 -22.51
C SER C 139 11.30 0.03 -23.19
N ASP C 140 11.34 0.04 -24.50
CA ASP C 140 11.91 -1.07 -25.18
C ASP C 140 13.29 -0.83 -25.79
N ALA C 141 14.25 -1.39 -25.11
CA ALA C 141 15.63 -1.27 -25.50
C ALA C 141 15.98 -2.09 -26.73
N GLY C 142 14.98 -2.73 -27.28
CA GLY C 142 15.12 -3.55 -28.43
C GLY C 142 14.57 -2.98 -29.68
N ALA C 143 14.07 -1.77 -29.64
CA ALA C 143 13.49 -1.10 -30.77
C ALA C 143 13.92 0.34 -31.10
N ALA C 144 15.13 0.52 -31.54
CA ALA C 144 15.58 1.78 -32.01
C ALA C 144 15.18 2.07 -33.45
N SER C 145 14.50 3.16 -33.68
CA SER C 145 14.26 3.64 -35.05
C SER C 145 15.42 4.46 -35.58
N THR C 146 16.24 5.03 -34.71
CA THR C 146 17.49 5.62 -35.15
C THR C 146 18.35 4.56 -35.82
N THR C 147 18.84 4.87 -37.01
CA THR C 147 19.58 3.88 -37.76
C THR C 147 21.05 4.25 -37.76
N ALA C 148 21.87 3.21 -37.94
CA ALA C 148 23.30 3.36 -38.17
C ALA C 148 23.61 2.56 -39.42
N ARG C 149 23.91 3.26 -40.50
CA ARG C 149 24.27 2.63 -41.75
C ARG C 149 25.78 2.64 -41.87
N ALA C 150 26.35 1.51 -42.28
CA ALA C 150 27.78 1.45 -42.56
C ALA C 150 28.07 2.18 -43.86
N GLU C 151 29.03 3.11 -43.83
CA GLU C 151 29.47 3.85 -45.00
C GLU C 151 30.99 3.90 -44.92
N GLY C 152 31.63 2.88 -45.50
CA GLY C 152 33.08 2.83 -45.55
C GLY C 152 33.68 2.85 -44.16
N ASP C 153 34.55 3.83 -43.92
CA ASP C 153 35.23 3.97 -42.65
C ASP C 153 34.40 4.71 -41.62
N SER C 154 33.08 4.65 -41.75
CA SER C 154 32.22 5.40 -40.86
C SER C 154 30.87 4.71 -40.72
N TRP C 155 30.20 4.99 -39.61
CA TRP C 155 28.76 4.79 -39.47
C TRP C 155 28.06 6.13 -39.66
N VAL C 156 26.89 6.09 -40.26
CA VAL C 156 26.05 7.26 -40.43
C VAL C 156 24.81 7.03 -39.59
N LEU C 157 24.64 7.88 -38.57
CA LEU C 157 23.53 7.77 -37.65
C LEU C 157 22.44 8.74 -38.08
N ASN C 158 21.21 8.26 -38.09
CA ASN C 158 20.07 9.10 -38.44
C ASN C 158 18.93 8.75 -37.52
N GLY C 159 18.39 9.77 -36.84
CA GLY C 159 17.30 9.54 -35.91
C GLY C 159 17.45 10.39 -34.67
N THR C 160 16.39 10.40 -33.85
CA THR C 160 16.36 11.23 -32.66
C THR C 160 16.32 10.31 -31.44
N LYS C 161 17.39 10.35 -30.66
CA LYS C 161 17.36 9.74 -29.34
C LYS C 161 16.68 10.71 -28.39
N ALA C 162 15.89 10.18 -27.47
CA ALA C 162 15.11 11.04 -26.59
C ALA C 162 15.60 10.94 -25.16
N TRP C 163 15.44 12.06 -24.45
CA TRP C 163 15.61 12.12 -23.01
C TRP C 163 17.06 11.96 -22.56
N ILE C 164 18.04 12.50 -23.27
CA ILE C 164 19.41 12.18 -22.92
C ILE C 164 19.86 13.03 -21.73
N THR C 165 20.04 12.39 -20.57
CA THR C 165 20.63 13.07 -19.43
C THR C 165 22.07 13.41 -19.76
N ASN C 166 22.48 14.64 -19.42
CA ASN C 166 23.81 15.21 -19.69
C ASN C 166 23.93 15.63 -21.16
N ALA C 167 22.82 15.69 -21.90
CA ALA C 167 22.89 16.00 -23.32
C ALA C 167 23.63 17.30 -23.57
N TRP C 168 23.44 18.29 -22.70
CA TRP C 168 24.01 19.61 -22.92
C TRP C 168 25.35 19.79 -22.24
N GLU C 169 25.92 18.72 -21.69
CA GLU C 169 27.22 18.79 -21.07
C GLU C 169 28.13 17.67 -21.48
N ALA C 170 27.59 16.61 -22.08
CA ALA C 170 28.37 15.44 -22.42
C ALA C 170 29.26 15.74 -23.61
N SER C 171 30.51 15.30 -23.52
CA SER C 171 31.41 15.33 -24.65
C SER C 171 31.37 14.05 -25.47
N ALA C 172 30.59 13.06 -25.04
CA ALA C 172 30.46 11.82 -25.80
C ALA C 172 29.17 11.13 -25.39
N ALA C 173 28.73 10.23 -26.25
CA ALA C 173 27.46 9.55 -26.06
C ALA C 173 27.66 8.09 -26.45
N VAL C 174 27.21 7.19 -25.59
CA VAL C 174 26.90 5.84 -26.05
C VAL C 174 25.51 5.93 -26.63
N VAL C 175 25.40 5.61 -27.92
CA VAL C 175 24.18 5.81 -28.69
C VAL C 175 23.79 4.47 -29.28
N PHE C 176 22.54 4.12 -29.19
CA PHE C 176 22.03 2.91 -29.69
C PHE C 176 21.25 3.17 -30.92
N ALA C 177 21.68 2.60 -32.00
CA ALA C 177 21.00 2.76 -33.23
C ALA C 177 20.85 1.44 -33.89
N SER C 178 19.87 1.39 -34.71
CA SER C 178 19.58 0.24 -35.47
C SER C 178 20.47 0.17 -36.69
N THR C 179 21.27 -0.86 -36.77
CA THR C 179 22.15 -1.15 -37.85
C THR C 179 21.43 -2.09 -38.78
N ASP C 180 20.38 -2.69 -38.31
CA ASP C 180 19.60 -3.61 -39.15
C ASP C 180 18.17 -3.63 -38.59
N ARG C 181 17.33 -2.73 -39.12
CA ARG C 181 15.94 -2.63 -38.69
C ARG C 181 15.24 -3.99 -38.72
N ALA C 182 15.53 -4.79 -39.76
CA ALA C 182 14.82 -6.05 -39.92
C ALA C 182 15.11 -7.01 -38.77
N LEU C 183 16.35 -7.05 -38.31
CA LEU C 183 16.69 -7.94 -37.21
C LEU C 183 16.16 -7.45 -35.86
N GLN C 184 15.38 -6.41 -35.87
CA GLN C 184 14.75 -5.88 -34.71
C GLN C 184 15.63 -5.76 -33.53
N ASN C 185 15.50 -6.66 -32.58
CA ASN C 185 16.31 -6.57 -31.39
C ASN C 185 17.64 -7.22 -31.49
N LYS C 186 17.84 -7.88 -32.58
CA LYS C 186 19.12 -8.39 -32.88
C LYS C 186 19.83 -7.42 -33.85
N GLY C 187 19.19 -6.33 -34.18
CA GLY C 187 19.72 -5.37 -35.11
C GLY C 187 20.10 -4.03 -34.56
N ILE C 188 20.34 -3.93 -33.27
CA ILE C 188 20.72 -2.67 -32.69
C ILE C 188 22.18 -2.66 -32.42
N SER C 189 22.84 -1.55 -32.58
CA SER C 189 24.23 -1.48 -32.28
C SER C 189 24.51 -0.32 -31.38
N ALA C 190 25.62 -0.38 -30.68
CA ALA C 190 26.03 0.62 -29.73
C ALA C 190 27.12 1.44 -30.34
N PHE C 191 27.07 2.74 -30.18
CA PHE C 191 28.02 3.60 -30.86
C PHE C 191 28.54 4.66 -29.92
N LEU C 192 29.86 4.86 -29.97
CA LEU C 192 30.51 5.96 -29.29
C LEU C 192 30.47 7.17 -30.22
N VAL C 193 29.81 8.23 -29.77
CA VAL C 193 29.53 9.41 -30.59
C VAL C 193 30.14 10.63 -29.91
N PRO C 194 31.04 11.35 -30.59
CA PRO C 194 31.56 12.58 -30.00
C PRO C 194 30.49 13.64 -29.93
N MET C 195 30.57 14.47 -28.89
CA MET C 195 29.70 15.63 -28.78
C MET C 195 30.57 16.83 -28.44
N PRO C 196 30.48 17.93 -29.21
CA PRO C 196 29.65 18.05 -30.40
C PRO C 196 30.24 17.29 -31.58
N THR C 197 29.45 17.07 -32.61
CA THR C 197 29.92 16.42 -33.83
C THR C 197 29.00 16.87 -34.94
N PRO C 198 29.49 16.93 -36.18
CA PRO C 198 28.61 17.29 -37.28
C PRO C 198 27.51 16.25 -37.40
N GLY C 199 26.29 16.73 -37.67
CA GLY C 199 25.14 15.88 -37.78
C GLY C 199 24.38 15.68 -36.49
N LEU C 200 24.91 16.14 -35.36
CA LEU C 200 24.27 16.00 -34.06
C LEU C 200 23.74 17.34 -33.62
N THR C 201 22.43 17.45 -33.46
CA THR C 201 21.80 18.60 -32.83
C THR C 201 21.21 18.19 -31.48
N LEU C 202 21.31 19.08 -30.51
CA LEU C 202 20.66 18.86 -29.23
C LEU C 202 19.30 19.51 -29.29
N GLY C 203 18.28 18.78 -28.84
CA GLY C 203 16.98 19.39 -28.64
C GLY C 203 17.01 20.31 -27.44
N LYS C 204 15.88 20.96 -27.18
CA LYS C 204 15.81 21.86 -26.04
C LYS C 204 15.91 21.06 -24.74
N LYS C 205 16.53 21.66 -23.74
CA LYS C 205 16.54 21.10 -22.40
C LYS C 205 15.11 20.86 -21.96
N GLU C 206 14.85 19.65 -21.46
CA GLU C 206 13.56 19.38 -20.85
C GLU C 206 13.46 20.13 -19.52
N ASP C 207 12.29 20.64 -19.26
CA ASP C 207 11.97 21.31 -18.05
C ASP C 207 11.32 20.28 -17.14
N LYS C 208 12.09 19.83 -16.20
CA LYS C 208 11.68 18.76 -15.33
C LYS C 208 11.11 19.07 -13.97
N LEU C 209 10.46 18.06 -13.45
CA LEU C 209 9.91 18.04 -12.14
C LEU C 209 11.07 18.12 -11.13
N GLY C 210 12.07 17.33 -11.34
CA GLY C 210 13.24 17.35 -10.52
C GLY C 210 14.46 17.00 -11.31
N ILE C 211 15.48 16.54 -10.61
CA ILE C 211 16.83 16.36 -11.08
C ILE C 211 17.13 17.50 -12.02
N ARG C 212 16.61 18.67 -11.69
CA ARG C 212 16.68 19.89 -12.47
C ARG C 212 18.08 20.40 -12.90
N GLY C 213 19.11 20.03 -12.16
CA GLY C 213 20.48 20.31 -12.45
C GLY C 213 21.07 19.47 -13.54
N SER C 214 20.40 18.41 -13.91
CA SER C 214 20.78 17.63 -14.98
C SER C 214 20.10 18.14 -16.26
N SER C 215 20.81 18.05 -17.36
CA SER C 215 20.22 18.41 -18.63
C SER C 215 19.56 17.16 -19.22
N THR C 216 18.42 17.35 -19.84
CA THR C 216 17.73 16.28 -20.55
C THR C 216 17.27 16.84 -21.88
N ALA C 217 17.75 16.25 -22.97
CA ALA C 217 17.38 16.75 -24.28
C ALA C 217 17.57 15.63 -25.28
N ASN C 218 16.95 15.82 -26.44
CA ASN C 218 17.09 14.85 -27.50
C ASN C 218 18.43 15.02 -28.20
N LEU C 219 18.92 13.92 -28.73
CA LEU C 219 20.08 13.91 -29.61
C LEU C 219 19.55 13.67 -31.01
N ILE C 220 19.52 14.72 -31.82
CA ILE C 220 18.98 14.64 -33.18
C ILE C 220 20.15 14.36 -34.12
N PHE C 221 20.20 13.13 -34.62
CA PHE C 221 21.21 12.72 -35.58
C PHE C 221 20.61 12.84 -36.97
N GLU C 222 21.10 13.81 -37.73
CA GLU C 222 20.70 13.96 -39.13
C GLU C 222 21.93 13.62 -39.96
N ASP C 223 21.94 12.41 -40.51
CA ASP C 223 23.04 11.91 -41.32
C ASP C 223 24.39 12.28 -40.70
N CYS C 224 24.56 11.76 -39.49
CA CYS C 224 25.71 12.07 -38.64
C CYS C 224 26.74 10.98 -38.80
N ARG C 225 27.92 11.34 -39.29
CA ARG C 225 28.98 10.37 -39.53
C ARG C 225 29.87 10.27 -38.31
N ILE C 226 30.20 9.03 -37.96
CA ILE C 226 31.18 8.73 -36.92
C ILE C 226 32.10 7.66 -37.42
N PRO C 227 33.36 7.68 -36.99
CA PRO C 227 34.32 6.66 -37.43
C PRO C 227 33.78 5.24 -37.28
N LYS C 228 34.24 4.36 -38.16
CA LYS C 228 33.78 2.96 -38.15
C LYS C 228 34.02 2.31 -36.80
N ASP C 229 35.17 2.56 -36.17
CA ASP C 229 35.54 1.90 -34.92
C ASP C 229 34.88 2.52 -33.70
N SER C 230 33.87 3.36 -33.92
CA SER C 230 33.04 3.89 -32.86
C SER C 230 31.94 2.93 -32.45
N ILE C 231 31.73 1.84 -33.19
CA ILE C 231 30.76 0.85 -32.75
C ILE C 231 31.31 0.17 -31.50
N LEU C 232 30.46 0.08 -30.48
CA LEU C 232 30.80 -0.64 -29.27
C LEU C 232 30.44 -2.10 -29.51
N GLY C 233 31.40 -2.99 -29.30
CA GLY C 233 31.15 -4.36 -29.67
C GLY C 233 30.94 -4.50 -31.18
N GLU C 234 30.21 -5.55 -31.56
CA GLU C 234 29.87 -5.97 -32.90
C GLU C 234 28.47 -5.49 -33.25
N PRO C 235 28.14 -5.52 -34.52
CA PRO C 235 26.80 -5.14 -34.86
C PRO C 235 25.81 -6.11 -34.34
N GLY C 236 24.72 -5.57 -33.89
CA GLY C 236 23.71 -6.41 -33.34
C GLY C 236 23.77 -6.64 -31.85
N MET C 237 24.84 -6.23 -31.25
CA MET C 237 25.06 -6.39 -29.86
C MET C 237 24.47 -5.26 -29.06
N GLY C 238 23.88 -4.25 -29.69
CA GLY C 238 23.29 -3.14 -29.03
C GLY C 238 22.20 -3.42 -28.05
N PHE C 239 21.36 -4.41 -28.31
CA PHE C 239 20.35 -4.74 -27.39
C PHE C 239 21.00 -5.25 -26.13
N LYS C 240 21.88 -6.19 -26.25
CA LYS C 240 22.53 -6.74 -25.07
C LYS C 240 23.33 -5.67 -24.35
N ILE C 241 24.02 -4.81 -25.11
CA ILE C 241 24.81 -3.75 -24.50
C ILE C 241 23.91 -2.80 -23.73
N ALA C 242 22.81 -2.41 -24.31
CA ALA C 242 21.92 -1.55 -23.65
C ALA C 242 21.34 -2.20 -22.42
N MET C 243 20.88 -3.42 -22.53
CA MET C 243 20.31 -4.13 -21.38
C MET C 243 21.34 -4.31 -20.29
N GLN C 244 22.56 -4.74 -20.64
CA GLN C 244 23.58 -4.93 -19.63
C GLN C 244 24.08 -3.61 -19.05
N THR C 245 24.06 -2.54 -19.84
CA THR C 245 24.36 -1.23 -19.27
C THR C 245 23.25 -0.81 -18.32
N LEU C 246 22.00 -1.03 -18.72
CA LEU C 246 20.88 -0.67 -17.87
C LEU C 246 20.93 -1.40 -16.54
N ASP C 247 21.41 -2.66 -16.55
CA ASP C 247 21.55 -3.41 -15.31
C ASP C 247 22.47 -2.71 -14.33
N MET C 248 23.66 -2.32 -14.81
CA MET C 248 24.57 -1.58 -13.96
C MET C 248 23.97 -0.23 -13.60
N GLY C 249 23.33 0.43 -14.56
CA GLY C 249 22.80 1.75 -14.30
C GLY C 249 21.74 1.74 -13.22
N ARG C 250 20.89 0.71 -13.25
CA ARG C 250 19.86 0.56 -12.23
C ARG C 250 20.46 0.51 -10.85
N ILE C 251 21.61 -0.14 -10.69
CA ILE C 251 22.32 -0.07 -9.41
C ILE C 251 22.65 1.38 -9.09
N GLY C 252 23.07 2.14 -10.09
CA GLY C 252 23.35 3.55 -9.85
C GLY C 252 22.10 4.33 -9.52
N ILE C 253 21.02 4.11 -10.27
CA ILE C 253 19.79 4.82 -9.97
C ILE C 253 19.26 4.41 -8.60
N ALA C 254 19.26 3.11 -8.29
CA ALA C 254 18.84 2.68 -6.95
C ALA C 254 19.59 3.44 -5.87
N SER C 255 20.92 3.52 -6.03
CA SER C 255 21.72 4.26 -5.07
C SER C 255 21.35 5.74 -5.06
N GLN C 256 21.06 6.29 -6.20
CA GLN C 256 20.61 7.64 -6.29
C GLN C 256 19.35 7.77 -5.47
N ALA C 257 18.43 6.85 -5.65
CA ALA C 257 17.19 6.88 -4.90
C ALA C 257 17.44 6.67 -3.42
N LEU C 258 18.41 5.83 -3.07
CA LEU C 258 18.79 5.70 -1.66
C LEU C 258 19.19 7.05 -1.09
N GLY C 259 19.96 7.83 -1.85
CA GLY C 259 20.39 9.12 -1.36
C GLY C 259 19.25 10.09 -1.22
N ILE C 260 18.38 10.15 -2.23
CA ILE C 260 17.19 10.99 -2.13
C ILE C 260 16.36 10.56 -0.92
N ALA C 261 16.18 9.25 -0.76
CA ALA C 261 15.42 8.75 0.36
C ALA C 261 16.12 9.06 1.68
N GLN C 262 17.44 8.85 1.73
CA GLN C 262 18.17 9.05 2.96
C GLN C 262 18.14 10.51 3.39
N THR C 263 18.30 11.42 2.44
CA THR C 263 18.28 12.82 2.81
C THR C 263 16.86 13.27 3.15
N ALA C 264 15.86 12.71 2.50
CA ALA C 264 14.48 12.99 2.89
C ALA C 264 14.23 12.50 4.30
N LEU C 265 14.72 11.30 4.61
CA LEU C 265 14.57 10.77 5.96
C LEU C 265 15.33 11.62 6.95
N ASP C 266 16.59 11.96 6.61
CA ASP C 266 17.38 12.89 7.44
C ASP C 266 16.59 14.15 7.71
N CYS C 267 16.02 14.73 6.66
CA CYS C 267 15.23 15.93 6.80
C CYS C 267 14.03 15.71 7.71
N ALA C 268 13.33 14.60 7.49
CA ALA C 268 12.16 14.30 8.30
C ALA C 268 12.54 14.12 9.77
N VAL C 269 13.60 13.37 10.02
CA VAL C 269 13.99 13.10 11.40
C VAL C 269 14.43 14.38 12.09
N ASN C 270 15.33 15.12 11.45
CA ASN C 270 15.78 16.37 12.05
C ASN C 270 14.63 17.32 12.29
N TYR C 271 13.70 17.36 11.38
CA TYR C 271 12.58 18.20 11.52
C TYR C 271 11.60 17.73 12.58
N ALA C 272 11.30 16.45 12.60
CA ALA C 272 10.39 15.92 13.59
C ALA C 272 10.90 15.99 15.02
N GLU C 273 12.21 15.97 15.18
CA GLU C 273 12.86 16.11 16.41
C GLU C 273 12.87 17.56 16.89
N ASN C 274 12.70 18.49 15.98
CA ASN C 274 12.76 19.87 16.33
C ASN C 274 11.52 20.68 16.14
N ARG C 275 10.45 20.04 15.80
CA ARG C 275 9.22 20.67 15.61
C ARG C 275 8.31 20.21 16.71
N MET C 276 7.56 21.11 17.25
CA MET C 276 6.60 20.76 18.23
C MET C 276 5.19 20.91 17.76
N ALA C 277 4.36 20.08 18.31
CA ALA C 277 2.92 20.10 18.15
C ALA C 277 2.33 19.49 19.36
N PHE C 278 1.27 20.09 19.90
CA PHE C 278 0.56 19.54 21.05
C PHE C 278 1.53 19.26 22.20
N GLY C 279 2.49 20.16 22.37
CA GLY C 279 3.36 20.19 23.54
C GLY C 279 4.58 19.31 23.46
N ALA C 280 4.78 18.63 22.37
CA ALA C 280 5.90 17.76 22.29
C ALA C 280 6.42 17.73 20.91
N PRO C 281 7.58 17.14 20.76
CA PRO C 281 8.11 16.97 19.43
C PRO C 281 7.33 16.01 18.60
N LEU C 282 7.30 16.23 17.31
CA LEU C 282 6.62 15.37 16.38
C LEU C 282 7.03 13.94 16.56
N THR C 283 8.29 13.72 16.88
CA THR C 283 8.75 12.35 17.13
C THR C 283 8.15 11.74 18.39
N LYS C 284 7.41 12.49 19.20
CA LYS C 284 6.64 11.85 20.27
C LYS C 284 5.33 11.31 19.76
N LEU C 285 4.85 11.80 18.62
CA LEU C 285 3.63 11.30 18.03
C LEU C 285 3.85 9.91 17.44
N GLN C 286 2.96 8.99 17.80
CA GLN C 286 3.11 7.61 17.35
C GLN C 286 3.04 7.48 15.84
N VAL C 287 2.15 8.25 15.20
CA VAL C 287 2.10 8.13 13.75
C VAL C 287 3.37 8.65 13.15
N ILE C 288 3.99 9.67 13.76
CA ILE C 288 5.25 10.16 13.22
C ILE C 288 6.32 9.09 13.39
N GLN C 289 6.42 8.51 14.58
CA GLN C 289 7.33 7.39 14.81
C GLN C 289 7.14 6.29 13.79
N PHE C 290 5.88 5.98 13.47
CA PHE C 290 5.64 4.88 12.55
C PHE C 290 6.07 5.26 11.14
N LYS C 291 5.87 6.53 10.76
CA LYS C 291 6.33 6.97 9.45
C LYS C 291 7.83 6.85 9.35
N LEU C 292 8.54 7.39 10.34
CA LEU C 292 10.00 7.32 10.33
C LEU C 292 10.47 5.89 10.29
N ALA C 293 9.81 5.03 11.07
CA ALA C 293 10.16 3.62 11.05
C ALA C 293 9.94 3.04 9.66
N ASP C 294 8.80 3.36 9.05
CA ASP C 294 8.49 2.82 7.72
C ASP C 294 9.47 3.36 6.70
N MET C 295 9.86 4.62 6.85
CA MET C 295 10.83 5.20 5.93
C MET C 295 12.19 4.53 6.09
N ALA C 296 12.64 4.37 7.34
CA ALA C 296 13.91 3.71 7.59
C ALA C 296 13.90 2.28 7.08
N LEU C 297 12.82 1.56 7.35
CA LEU C 297 12.69 0.18 6.87
C LEU C 297 12.73 0.14 5.34
N ALA C 298 11.87 0.95 4.69
CA ALA C 298 11.87 1.00 3.24
C ALA C 298 13.26 1.33 2.73
N LEU C 299 13.92 2.29 3.37
CA LEU C 299 15.22 2.75 2.89
C LEU C 299 16.28 1.68 3.08
N GLU C 300 16.40 1.15 4.30
CA GLU C 300 17.43 0.14 4.55
C GLU C 300 17.18 -1.12 3.73
N SER C 301 15.91 -1.52 3.55
CA SER C 301 15.61 -2.62 2.63
C SER C 301 16.16 -2.33 1.25
N ALA C 302 15.78 -1.16 0.70
CA ALA C 302 16.21 -0.82 -0.65
C ALA C 302 17.72 -0.82 -0.75
N ARG C 303 18.39 -0.33 0.30
CA ARG C 303 19.85 -0.32 0.29
C ARG C 303 20.42 -1.72 0.28
N LEU C 304 19.87 -2.60 1.11
CA LEU C 304 20.31 -3.99 1.09
C LEU C 304 20.12 -4.58 -0.29
N LEU C 305 18.99 -4.28 -0.93
CA LEU C 305 18.77 -4.73 -2.29
C LEU C 305 19.78 -4.10 -3.23
N THR C 306 20.11 -2.83 -2.98
CA THR C 306 21.04 -2.16 -3.87
C THR C 306 22.45 -2.71 -3.68
N TRP C 307 22.89 -2.82 -2.43
CA TRP C 307 24.21 -3.35 -2.19
C TRP C 307 24.33 -4.79 -2.69
N ARG C 308 23.24 -5.56 -2.59
CA ARG C 308 23.27 -6.92 -3.10
C ARG C 308 23.49 -6.92 -4.61
N ALA C 309 22.76 -6.07 -5.33
CA ALA C 309 22.97 -5.96 -6.77
C ALA C 309 24.41 -5.57 -7.08
N ALA C 310 24.93 -4.56 -6.37
CA ALA C 310 26.29 -4.09 -6.61
C ALA C 310 27.31 -5.20 -6.36
N MET C 311 27.12 -5.86 -5.27
CA MET C 311 27.99 -6.87 -4.84
C MET C 311 27.97 -8.08 -5.79
N LEU C 312 26.83 -8.47 -6.29
CA LEU C 312 26.77 -9.52 -7.24
C LEU C 312 27.51 -9.11 -8.50
N LYS C 313 27.37 -7.89 -8.95
CA LYS C 313 28.11 -7.41 -10.08
C LYS C 313 29.59 -7.45 -9.76
N ASP C 314 29.99 -7.04 -8.57
CA ASP C 314 31.37 -7.11 -8.17
C ASP C 314 31.95 -8.51 -8.14
N ASN C 315 31.11 -9.49 -7.86
CA ASN C 315 31.54 -10.82 -7.76
C ASN C 315 31.28 -11.59 -9.02
N LYS C 316 31.16 -10.92 -10.13
CA LYS C 316 30.93 -11.49 -11.41
C LYS C 316 29.77 -12.46 -11.48
N LYS C 317 28.67 -12.06 -10.88
CA LYS C 317 27.48 -12.82 -10.80
C LYS C 317 26.41 -12.15 -11.55
N PRO C 318 25.43 -12.92 -11.98
CA PRO C 318 24.26 -12.28 -12.61
C PRO C 318 23.56 -11.37 -11.61
N PHE C 319 23.09 -10.23 -12.10
CA PHE C 319 22.40 -9.31 -11.21
C PHE C 319 21.28 -8.56 -11.91
N ILE C 320 20.76 -9.07 -13.02
CA ILE C 320 19.65 -8.38 -13.68
C ILE C 320 18.49 -8.21 -12.72
N LYS C 321 17.99 -9.32 -12.18
CA LYS C 321 16.83 -9.26 -11.29
C LYS C 321 17.15 -8.46 -10.03
N GLU C 322 18.35 -8.63 -9.50
CA GLU C 322 18.72 -7.95 -8.27
C GLU C 322 18.90 -6.46 -8.49
N ALA C 323 19.48 -6.07 -9.64
CA ALA C 323 19.56 -4.66 -9.98
C ALA C 323 18.17 -4.06 -10.17
N ALA C 324 17.31 -4.78 -10.91
CA ALA C 324 15.96 -4.28 -11.10
C ALA C 324 15.22 -4.18 -9.78
N MET C 325 15.44 -5.15 -8.89
CA MET C 325 14.80 -5.09 -7.57
C MET C 325 15.32 -3.89 -6.80
N ALA C 326 16.64 -3.73 -6.75
CA ALA C 326 17.26 -2.56 -6.15
C ALA C 326 16.64 -1.28 -6.67
N LYS C 327 16.66 -1.09 -7.99
CA LYS C 327 16.19 0.16 -8.56
C LYS C 327 14.71 0.36 -8.27
N LEU C 328 13.92 -0.71 -8.40
CA LEU C 328 12.49 -0.61 -8.11
C LEU C 328 12.25 -0.27 -6.64
N ALA C 329 12.90 -1.01 -5.75
CA ALA C 329 12.67 -0.82 -4.32
C ALA C 329 13.10 0.56 -3.88
N ALA C 330 14.32 0.96 -4.25
CA ALA C 330 14.85 2.24 -3.86
C ALA C 330 14.05 3.38 -4.48
N SER C 331 13.69 3.25 -5.75
CA SER C 331 12.90 4.31 -6.39
C SER C 331 11.56 4.47 -5.70
N GLU C 332 10.89 3.37 -5.40
CA GLU C 332 9.58 3.51 -4.79
C GLU C 332 9.71 3.95 -3.35
N ALA C 333 10.76 3.46 -2.67
CA ALA C 333 11.05 3.96 -1.34
C ALA C 333 11.39 5.44 -1.40
N ALA C 334 12.16 5.86 -2.40
CA ALA C 334 12.54 7.26 -2.46
C ALA C 334 11.33 8.16 -2.59
N THR C 335 10.36 7.77 -3.41
CA THR C 335 9.14 8.56 -3.51
C THR C 335 8.34 8.50 -2.22
N ALA C 336 8.13 7.29 -1.67
CA ALA C 336 7.33 7.16 -0.46
C ALA C 336 7.98 7.88 0.71
N ILE C 337 9.28 7.65 0.91
CA ILE C 337 10.00 8.30 2.00
C ILE C 337 9.98 9.80 1.83
N SER C 338 10.27 10.27 0.62
CA SER C 338 10.19 11.70 0.33
C SER C 338 8.75 12.21 0.40
N HIS C 339 7.78 11.42 -0.05
CA HIS C 339 6.40 11.82 0.20
C HIS C 339 6.15 12.03 1.69
N GLN C 340 6.61 11.08 2.51
CA GLN C 340 6.31 11.13 3.93
C GLN C 340 7.16 12.18 4.64
N ALA C 341 8.39 12.39 4.19
CA ALA C 341 9.17 13.52 4.68
C ALA C 341 8.41 14.83 4.52
N ILE C 342 7.85 15.06 3.33
CA ILE C 342 6.98 16.23 3.15
C ILE C 342 5.88 16.22 4.21
N GLN C 343 5.22 15.06 4.36
CA GLN C 343 4.13 14.97 5.32
C GLN C 343 4.60 15.34 6.71
N ILE C 344 5.76 14.84 7.11
CA ILE C 344 6.26 15.10 8.45
C ILE C 344 6.55 16.58 8.62
N LEU C 345 7.01 17.24 7.55
CA LEU C 345 7.26 18.67 7.65
C LEU C 345 5.98 19.48 7.57
N GLY C 346 4.85 18.86 7.24
CA GLY C 346 3.63 19.64 7.17
C GLY C 346 3.76 20.72 6.12
N GLY C 347 3.29 21.92 6.45
CA GLY C 347 3.40 23.01 5.52
C GLY C 347 4.81 23.19 5.01
N MET C 348 5.81 22.96 5.88
CA MET C 348 7.20 23.13 5.47
C MET C 348 7.59 22.16 4.37
N GLY C 349 6.92 21.02 4.26
CA GLY C 349 7.30 20.09 3.24
C GLY C 349 6.89 20.50 1.86
N TYR C 350 6.08 21.57 1.76
CA TYR C 350 5.53 22.04 0.50
C TYR C 350 6.28 23.21 -0.08
N VAL C 351 7.24 23.77 0.65
CA VAL C 351 7.86 25.04 0.28
C VAL C 351 9.37 24.86 0.24
N THR C 352 10.04 25.87 -0.31
CA THR C 352 11.48 25.80 -0.50
C THR C 352 12.26 26.16 0.75
N GLU C 353 11.59 26.65 1.79
CA GLU C 353 12.26 26.79 3.08
C GLU C 353 12.97 25.51 3.45
N MET C 354 12.37 24.39 3.09
CA MET C 354 12.87 23.08 3.41
C MET C 354 13.12 22.31 2.12
N PRO C 355 14.02 21.34 2.15
CA PRO C 355 14.38 20.58 0.94
C PRO C 355 13.45 19.42 0.62
N ALA C 356 12.37 19.23 1.38
CA ALA C 356 11.60 18.01 1.30
C ALA C 356 10.85 17.90 -0.03
N GLU C 357 10.27 19.01 -0.50
CA GLU C 357 9.53 18.95 -1.76
C GLU C 357 10.47 18.72 -2.93
N ARG C 358 11.71 19.23 -2.84
CA ARG C 358 12.72 18.91 -3.81
C ARG C 358 13.00 17.41 -3.81
N HIS C 359 13.11 16.80 -2.63
CA HIS C 359 13.39 15.36 -2.59
C HIS C 359 12.24 14.57 -3.18
N TYR C 360 11.03 15.08 -3.00
CA TYR C 360 9.86 14.49 -3.61
C TYR C 360 9.94 14.52 -5.12
N ARG C 361 10.19 15.68 -5.70
CA ARG C 361 10.32 15.89 -7.13
C ARG C 361 11.49 15.08 -7.75
N ASP C 362 12.59 15.02 -7.04
CA ASP C 362 13.78 14.33 -7.38
C ASP C 362 13.55 12.85 -7.33
N ALA C 363 12.90 12.37 -6.28
CA ALA C 363 12.62 10.94 -6.18
C ALA C 363 11.75 10.48 -7.32
N ARG C 364 10.78 11.25 -7.73
CA ARG C 364 9.91 10.92 -8.79
C ARG C 364 10.54 10.37 -10.05
N ILE C 365 11.70 10.87 -10.44
CA ILE C 365 12.39 10.39 -11.61
C ILE C 365 12.92 8.99 -11.48
N THR C 366 13.27 8.57 -10.28
CA THR C 366 13.91 7.28 -10.10
C THR C 366 12.98 6.13 -10.42
N GLU C 367 11.68 6.36 -10.37
CA GLU C 367 10.67 5.40 -10.80
C GLU C 367 10.46 5.39 -12.30
N ILE C 368 11.14 6.25 -13.01
CA ILE C 368 10.90 6.36 -14.43
C ILE C 368 12.03 5.95 -15.32
N TYR C 369 13.16 6.61 -15.15
CA TYR C 369 14.29 6.36 -15.98
C TYR C 369 15.02 5.10 -15.74
N GLU C 370 15.86 4.73 -16.72
CA GLU C 370 16.56 3.45 -16.66
C GLU C 370 15.58 2.30 -16.48
N GLY C 371 14.39 2.48 -17.04
CA GLY C 371 13.36 1.48 -17.03
C GLY C 371 12.40 1.80 -15.93
N THR C 372 11.15 2.08 -16.29
CA THR C 372 10.13 2.38 -15.29
C THR C 372 9.98 1.25 -14.29
N SER C 373 9.29 1.56 -13.22
CA SER C 373 8.93 0.56 -12.23
C SER C 373 8.24 -0.63 -12.87
N GLU C 374 7.35 -0.35 -13.81
CA GLU C 374 6.64 -1.41 -14.52
C GLU C 374 7.62 -2.30 -15.25
N ILE C 375 8.54 -1.69 -15.98
CA ILE C 375 9.62 -2.41 -16.64
C ILE C 375 10.42 -3.19 -15.61
N GLN C 376 10.78 -2.54 -14.50
CA GLN C 376 11.52 -3.24 -13.45
C GLN C 376 10.74 -4.46 -12.97
N ARG C 377 9.42 -4.33 -12.84
CA ARG C 377 8.64 -5.48 -12.41
C ARG C 377 8.62 -6.56 -13.49
N LEU C 378 8.54 -6.15 -14.76
CA LEU C 378 8.61 -7.12 -15.84
C LEU C 378 9.95 -7.82 -15.86
N VAL C 379 11.02 -7.05 -15.68
CA VAL C 379 12.36 -7.65 -15.63
C VAL C 379 12.48 -8.58 -14.45
N ILE C 380 11.89 -8.21 -13.31
CA ILE C 380 11.96 -9.07 -12.13
C ILE C 380 11.16 -10.34 -12.35
N ALA C 381 9.91 -10.20 -12.81
CA ALA C 381 9.09 -11.39 -13.06
C ALA C 381 9.79 -12.32 -14.01
N GLY C 382 10.25 -11.78 -15.16
CA GLY C 382 10.86 -12.61 -16.18
C GLY C 382 12.02 -13.42 -15.65
N HIS C 383 12.84 -12.80 -14.80
CA HIS C 383 13.99 -13.52 -14.25
C HIS C 383 13.60 -14.39 -13.07
N LEU C 384 12.65 -13.95 -12.23
CA LEU C 384 12.13 -14.83 -11.20
C LEU C 384 11.65 -16.14 -11.83
N LEU C 385 10.88 -16.02 -12.91
CA LEU C 385 10.33 -17.20 -13.57
C LEU C 385 11.44 -18.05 -14.18
N ARG C 386 12.38 -17.41 -14.90
CA ARG C 386 13.58 -18.10 -15.36
C ARG C 386 14.24 -18.90 -14.24
N SER C 387 14.33 -18.31 -13.05
CA SER C 387 14.92 -19.01 -11.91
C SER C 387 14.21 -20.33 -11.62
N TYR C 388 12.89 -20.36 -11.72
CA TYR C 388 12.19 -21.60 -11.44
C TYR C 388 12.30 -22.60 -12.60
N ARG C 389 12.38 -22.12 -13.84
CA ARG C 389 12.30 -22.99 -15.02
C ARG C 389 13.33 -24.11 -15.03
N ILE D 6 -14.02 9.44 -15.72
CA ILE D 6 -15.45 9.70 -15.92
C ILE D 6 -16.37 8.67 -15.21
N TYR D 7 -17.22 9.18 -14.31
CA TYR D 7 -18.04 8.42 -13.37
C TYR D 7 -19.52 8.53 -13.71
N GLN D 8 -20.31 7.79 -12.92
CA GLN D 8 -21.75 7.81 -13.02
C GLN D 8 -22.37 8.57 -11.90
N SER D 9 -22.85 9.75 -12.28
CA SER D 9 -23.56 10.64 -11.40
C SER D 9 -24.65 9.82 -10.69
N VAL D 10 -24.35 9.43 -9.46
CA VAL D 10 -25.21 8.65 -8.58
C VAL D 10 -26.68 8.76 -8.67
N GLU D 11 -27.17 10.00 -8.81
CA GLU D 11 -28.56 10.40 -8.97
C GLU D 11 -28.68 11.93 -9.06
N LEU D 12 -27.68 12.65 -9.57
CA LEU D 12 -27.71 14.10 -9.50
C LEU D 12 -28.91 14.86 -9.96
N PRO D 13 -29.33 15.86 -9.16
CA PRO D 13 -30.43 16.71 -9.62
C PRO D 13 -29.97 17.58 -10.77
N GLU D 14 -30.94 17.99 -11.61
CA GLU D 14 -30.60 18.70 -12.83
C GLU D 14 -29.82 19.98 -12.52
N THR D 15 -30.18 20.66 -11.42
CA THR D 15 -29.45 21.85 -11.01
C THR D 15 -27.94 21.55 -10.89
N HIS D 16 -27.59 20.48 -10.18
CA HIS D 16 -26.17 20.16 -10.03
C HIS D 16 -25.57 19.52 -11.26
N GLN D 17 -26.37 18.81 -12.05
CA GLN D 17 -25.93 18.39 -13.38
C GLN D 17 -25.49 19.60 -14.19
N MET D 18 -26.38 20.59 -14.32
CA MET D 18 -26.05 21.77 -15.10
C MET D 18 -24.89 22.52 -14.50
N LEU D 19 -24.85 22.60 -13.16
CA LEU D 19 -23.72 23.24 -12.50
C LEU D 19 -22.41 22.56 -12.89
N LEU D 20 -22.38 21.22 -12.83
CA LEU D 20 -21.20 20.50 -13.24
C LEU D 20 -20.79 20.88 -14.66
N GLN D 21 -21.76 20.87 -15.58
CA GLN D 21 -21.45 21.17 -16.97
C GLN D 21 -20.93 22.59 -17.14
N THR D 22 -21.59 23.56 -16.52
CA THR D 22 -21.15 24.93 -16.73
C THR D 22 -19.77 25.16 -16.14
N CYS D 23 -19.52 24.60 -14.95
CA CYS D 23 -18.19 24.63 -14.34
C CYS D 23 -17.17 23.89 -15.20
N ARG D 24 -17.50 22.66 -15.60
CA ARG D 24 -16.62 21.94 -16.51
C ARG D 24 -16.34 22.78 -17.74
N ASP D 25 -17.39 23.38 -18.32
CA ASP D 25 -17.21 24.24 -19.48
C ASP D 25 -16.33 25.42 -19.13
N PHE D 26 -16.60 26.07 -18.00
CA PHE D 26 -15.72 27.13 -17.54
C PHE D 26 -14.30 26.63 -17.40
N ALA D 27 -14.10 25.55 -16.64
CA ALA D 27 -12.75 25.08 -16.39
C ALA D 27 -12.03 24.75 -17.70
N GLU D 28 -12.71 24.06 -18.61
CA GLU D 28 -12.07 23.69 -19.86
C GLU D 28 -11.80 24.92 -20.73
N LYS D 29 -12.68 25.92 -20.69
CA LYS D 29 -12.51 27.09 -21.53
C LYS D 29 -11.57 28.12 -20.90
N GLU D 30 -11.67 28.33 -19.58
CA GLU D 30 -10.96 29.41 -18.91
C GLU D 30 -9.79 28.94 -18.05
N LEU D 31 -9.79 27.69 -17.61
CA LEU D 31 -8.80 27.24 -16.65
C LEU D 31 -7.77 26.30 -17.28
N PHE D 32 -8.23 25.32 -18.05
CA PHE D 32 -7.29 24.43 -18.74
C PHE D 32 -6.20 25.15 -19.49
N PRO D 33 -6.47 26.19 -20.30
CA PRO D 33 -5.36 26.82 -21.04
C PRO D 33 -4.46 27.69 -20.17
N ILE D 34 -4.93 28.18 -19.03
CA ILE D 34 -4.10 29.03 -18.18
C ILE D 34 -3.42 28.26 -17.06
N ALA D 35 -3.76 26.98 -16.86
CA ALA D 35 -3.26 26.25 -15.70
C ALA D 35 -1.74 26.14 -15.72
N ALA D 36 -1.15 25.91 -16.89
CA ALA D 36 0.30 25.78 -16.96
C ALA D 36 0.99 27.11 -16.66
N GLN D 37 0.45 28.21 -17.19
CA GLN D 37 1.06 29.51 -16.92
C GLN D 37 0.82 29.91 -15.47
N VAL D 38 -0.37 29.66 -14.95
CA VAL D 38 -0.66 29.97 -13.56
C VAL D 38 0.35 29.26 -12.66
N ASP D 39 0.66 28.01 -12.96
CA ASP D 39 1.61 27.27 -12.16
C ASP D 39 3.05 27.70 -12.42
N LYS D 40 3.46 27.80 -13.69
CA LYS D 40 4.88 28.06 -13.93
C LYS D 40 5.24 29.50 -13.57
N GLU D 41 4.36 30.45 -13.87
CA GLU D 41 4.62 31.84 -13.56
C GLU D 41 4.12 32.21 -12.17
N HIS D 42 3.68 31.22 -11.38
CA HIS D 42 3.12 31.44 -10.04
C HIS D 42 2.21 32.66 -10.08
N LEU D 43 1.31 32.65 -11.05
CA LEU D 43 0.52 33.81 -11.41
C LEU D 43 -0.90 33.65 -10.91
N PHE D 44 -1.35 34.58 -10.10
CA PHE D 44 -2.70 34.52 -9.56
C PHE D 44 -3.70 34.70 -10.69
N PRO D 45 -4.64 33.78 -10.88
CA PRO D 45 -5.54 33.88 -12.05
C PRO D 45 -6.64 34.92 -11.82
N ALA D 46 -6.21 36.18 -11.80
CA ALA D 46 -7.08 37.28 -11.42
C ALA D 46 -8.31 37.35 -12.30
N ALA D 47 -8.10 37.44 -13.61
CA ALA D 47 -9.22 37.58 -14.55
C ALA D 47 -10.21 36.44 -14.37
N GLN D 48 -9.71 35.22 -14.18
CA GLN D 48 -10.61 34.07 -14.09
C GLN D 48 -11.35 34.07 -12.77
N VAL D 49 -10.67 34.45 -11.69
CA VAL D 49 -11.33 34.56 -10.40
C VAL D 49 -12.45 35.59 -10.48
N LYS D 50 -12.19 36.71 -11.14
CA LYS D 50 -13.24 37.69 -11.36
C LYS D 50 -14.41 37.06 -12.11
N LYS D 51 -14.14 36.38 -13.23
CA LYS D 51 -15.24 35.79 -13.95
C LYS D 51 -15.93 34.72 -13.11
N MET D 52 -15.17 33.96 -12.32
CA MET D 52 -15.79 32.99 -11.41
C MET D 52 -16.70 33.67 -10.41
N GLY D 53 -16.29 34.82 -9.88
CA GLY D 53 -17.16 35.54 -8.97
C GLY D 53 -18.46 35.95 -9.62
N GLY D 54 -18.38 36.50 -10.85
CA GLY D 54 -19.59 36.78 -11.59
C GLY D 54 -20.50 35.56 -11.71
N LEU D 55 -19.91 34.39 -11.87
CA LEU D 55 -20.66 33.14 -11.98
C LEU D 55 -21.15 32.63 -10.63
N GLY D 56 -20.78 33.28 -9.53
CA GLY D 56 -21.20 32.82 -8.24
C GLY D 56 -20.37 31.68 -7.67
N LEU D 57 -19.23 31.38 -8.29
CA LEU D 57 -18.41 30.27 -7.83
C LEU D 57 -17.60 30.62 -6.59
N LEU D 58 -17.31 31.90 -6.37
CA LEU D 58 -16.61 32.29 -5.16
C LEU D 58 -17.52 32.42 -3.95
N ALA D 59 -18.84 32.32 -4.14
CA ALA D 59 -19.81 32.48 -3.07
C ALA D 59 -20.99 31.56 -3.34
N MET D 60 -20.71 30.25 -3.40
CA MET D 60 -21.75 29.31 -3.80
C MET D 60 -22.79 29.10 -2.71
N ASP D 61 -22.33 28.85 -1.47
CA ASP D 61 -23.20 28.62 -0.34
C ASP D 61 -23.80 29.91 0.22
N VAL D 62 -23.40 31.05 -0.31
CA VAL D 62 -23.83 32.34 0.23
C VAL D 62 -25.24 32.66 -0.30
N PRO D 63 -26.18 33.07 0.55
CA PRO D 63 -27.53 33.38 0.04
C PRO D 63 -27.45 34.52 -0.97
N GLU D 64 -28.31 34.49 -2.00
CA GLU D 64 -28.23 35.57 -2.99
C GLU D 64 -28.45 36.93 -2.38
N GLU D 65 -29.31 37.03 -1.38
CA GLU D 65 -29.57 38.34 -0.84
C GLU D 65 -28.32 38.93 -0.20
N LEU D 66 -27.29 38.10 0.04
CA LEU D 66 -25.96 38.57 0.40
C LEU D 66 -25.04 38.61 -0.82
N GLY D 67 -25.57 38.34 -2.02
CA GLY D 67 -24.77 38.38 -3.22
C GLY D 67 -24.19 37.06 -3.66
N GLY D 68 -24.48 35.96 -2.97
CA GLY D 68 -23.96 34.67 -3.34
C GLY D 68 -24.88 33.94 -4.30
N ALA D 69 -24.45 32.74 -4.69
CA ALA D 69 -25.20 31.93 -5.64
C ALA D 69 -26.34 31.16 -5.00
N GLY D 70 -26.41 31.10 -3.68
CA GLY D 70 -27.49 30.41 -3.02
C GLY D 70 -27.56 28.93 -3.30
N LEU D 71 -26.43 28.32 -3.66
CA LEU D 71 -26.40 26.89 -3.91
C LEU D 71 -26.05 26.18 -2.61
N ASP D 72 -25.70 24.92 -2.70
CA ASP D 72 -25.44 24.10 -1.53
C ASP D 72 -24.03 23.53 -1.64
N TYR D 73 -23.64 22.76 -0.64
CA TYR D 73 -22.26 22.30 -0.62
C TYR D 73 -22.02 21.11 -1.52
N LEU D 74 -23.08 20.42 -1.93
CA LEU D 74 -22.95 19.47 -3.03
C LEU D 74 -22.59 20.20 -4.30
N ALA D 75 -23.31 21.28 -4.60
CA ALA D 75 -22.97 22.16 -5.72
C ALA D 75 -21.53 22.62 -5.60
N TYR D 76 -21.16 23.09 -4.42
CA TYR D 76 -19.81 23.55 -4.16
C TYR D 76 -18.80 22.44 -4.44
N ALA D 77 -19.03 21.25 -3.89
CA ALA D 77 -18.15 20.12 -4.16
C ALA D 77 -18.02 19.89 -5.67
N ILE D 78 -19.12 19.93 -6.39
CA ILE D 78 -19.06 19.67 -7.81
C ILE D 78 -18.31 20.80 -8.52
N ALA D 79 -18.67 22.05 -8.21
CA ALA D 79 -17.98 23.16 -8.84
C ALA D 79 -16.50 23.11 -8.49
N MET D 80 -16.19 22.79 -7.24
CA MET D 80 -14.80 22.79 -6.78
C MET D 80 -13.99 21.75 -7.52
N GLU D 81 -14.55 20.54 -7.68
CA GLU D 81 -13.87 19.53 -8.47
C GLU D 81 -13.67 19.99 -9.90
N GLU D 82 -14.72 20.54 -10.52
CA GLU D 82 -14.61 20.93 -11.92
C GLU D 82 -13.61 22.04 -12.11
N ILE D 83 -13.63 23.04 -11.23
CA ILE D 83 -12.67 24.13 -11.29
C ILE D 83 -11.26 23.63 -11.02
N SER D 84 -11.10 22.76 -10.01
CA SER D 84 -9.76 22.30 -9.66
C SER D 84 -9.21 21.35 -10.70
N ARG D 85 -10.10 20.63 -11.38
CA ARG D 85 -9.70 19.91 -12.59
C ARG D 85 -9.05 20.88 -13.58
N GLY D 86 -9.63 22.04 -13.76
CA GLY D 86 -9.02 23.06 -14.58
C GLY D 86 -7.72 23.54 -14.00
N CYS D 87 -7.79 24.15 -12.81
CA CYS D 87 -6.61 24.72 -12.18
C CYS D 87 -6.72 24.47 -10.68
N ALA D 88 -5.77 23.71 -10.15
CA ALA D 88 -5.75 23.45 -8.72
C ALA D 88 -5.61 24.75 -7.93
N SER D 89 -4.81 25.70 -8.43
CA SER D 89 -4.66 26.98 -7.74
C SER D 89 -5.96 27.75 -7.74
N THR D 90 -6.55 27.91 -8.93
CA THR D 90 -7.87 28.51 -9.03
C THR D 90 -8.83 27.83 -8.08
N GLY D 91 -8.69 26.50 -7.93
CA GLY D 91 -9.57 25.75 -7.05
C GLY D 91 -9.43 26.16 -5.60
N VAL D 92 -8.21 26.15 -5.06
CA VAL D 92 -8.04 26.48 -3.65
C VAL D 92 -8.39 27.94 -3.41
N ILE D 93 -8.04 28.82 -4.35
CA ILE D 93 -8.45 30.23 -4.26
C ILE D 93 -9.96 30.30 -4.08
N MET D 94 -10.69 29.58 -4.92
CA MET D 94 -12.14 29.58 -4.81
C MET D 94 -12.57 28.92 -3.51
N SER D 95 -11.89 27.84 -3.12
CA SER D 95 -12.23 27.10 -1.90
C SER D 95 -12.01 27.95 -0.66
N VAL D 96 -10.89 28.66 -0.60
CA VAL D 96 -10.64 29.54 0.54
C VAL D 96 -11.77 30.56 0.66
N ASN D 97 -12.09 31.22 -0.45
CA ASN D 97 -13.11 32.25 -0.38
C ASN D 97 -14.43 31.66 0.06
N ASN D 98 -14.86 30.58 -0.57
CA ASN D 98 -16.14 29.97 -0.23
C ASN D 98 -16.12 29.45 1.20
N SER D 99 -15.27 28.46 1.45
CA SER D 99 -15.32 27.70 2.68
C SER D 99 -14.75 28.49 3.85
N LEU D 100 -13.49 28.92 3.72
CA LEU D 100 -12.70 29.38 4.86
C LEU D 100 -12.97 30.82 5.20
N TYR D 101 -13.20 31.67 4.21
CA TYR D 101 -13.49 33.08 4.47
C TYR D 101 -14.98 33.33 4.63
N LEU D 102 -15.74 33.17 3.55
CA LEU D 102 -17.17 33.47 3.60
C LEU D 102 -17.90 32.57 4.60
N GLY D 103 -17.53 31.30 4.67
CA GLY D 103 -18.23 30.33 5.49
C GLY D 103 -18.42 30.74 6.96
N PRO D 104 -17.32 31.06 7.64
CA PRO D 104 -17.46 31.48 9.05
C PRO D 104 -18.20 32.80 9.22
N ILE D 105 -17.99 33.76 8.32
CA ILE D 105 -18.78 34.98 8.36
C ILE D 105 -20.24 34.68 8.11
N LEU D 106 -20.53 33.79 7.17
CA LEU D 106 -21.89 33.30 6.99
C LEU D 106 -22.42 32.67 8.26
N LYS D 107 -21.67 31.71 8.81
CA LYS D 107 -22.14 30.94 9.95
C LYS D 107 -22.16 31.74 11.25
N PHE D 108 -21.33 32.79 11.35
CA PHE D 108 -21.10 33.42 12.65
C PHE D 108 -21.14 34.94 12.65
N GLY D 109 -21.32 35.59 11.51
CA GLY D 109 -21.33 37.03 11.49
C GLY D 109 -22.66 37.60 11.95
N SER D 110 -22.63 38.88 12.26
CA SER D 110 -23.88 39.61 12.38
C SER D 110 -24.41 39.93 10.99
N LYS D 111 -25.64 40.45 10.94
CA LYS D 111 -26.12 41.02 9.69
C LYS D 111 -25.14 42.07 9.18
N GLU D 112 -24.73 42.97 10.06
CA GLU D 112 -23.80 44.03 9.68
C GLU D 112 -22.49 43.45 9.16
N GLN D 113 -21.97 42.42 9.84
CA GLN D 113 -20.73 41.80 9.39
C GLN D 113 -20.90 41.12 8.04
N LYS D 114 -22.00 40.42 7.84
CA LYS D 114 -22.22 39.77 6.56
C LYS D 114 -22.40 40.81 5.45
N GLN D 115 -23.16 41.88 5.70
CA GLN D 115 -23.34 42.90 4.67
C GLN D 115 -21.99 43.51 4.26
N ALA D 116 -21.09 43.70 5.23
CA ALA D 116 -19.85 44.41 4.96
C ALA D 116 -18.69 43.49 4.60
N TRP D 117 -18.72 42.23 5.03
CA TRP D 117 -17.61 41.32 4.79
C TRP D 117 -17.96 40.13 3.90
N VAL D 118 -19.23 39.79 3.75
CA VAL D 118 -19.60 38.73 2.83
C VAL D 118 -19.93 39.34 1.47
N THR D 119 -20.96 40.18 1.43
CA THR D 119 -21.47 40.71 0.15
C THR D 119 -20.40 41.34 -0.73
N PRO D 120 -19.47 42.17 -0.23
CA PRO D 120 -18.41 42.68 -1.12
C PRO D 120 -17.45 41.62 -1.61
N PHE D 121 -17.60 40.38 -1.17
CA PHE D 121 -16.66 39.30 -1.50
C PHE D 121 -17.36 38.16 -2.20
N THR D 122 -18.45 38.45 -2.91
CA THR D 122 -19.20 37.42 -3.61
C THR D 122 -19.11 37.52 -5.13
N SER D 123 -18.47 38.56 -5.65
CA SER D 123 -18.49 38.84 -7.08
C SER D 123 -17.14 38.69 -7.75
N GLY D 124 -16.08 38.43 -6.98
CA GLY D 124 -14.76 38.30 -7.55
C GLY D 124 -13.91 39.55 -7.49
N ASP D 125 -14.49 40.69 -7.12
CA ASP D 125 -13.69 41.91 -7.00
C ASP D 125 -12.82 41.88 -5.76
N LYS D 126 -13.28 41.21 -4.72
CA LYS D 126 -12.52 41.05 -3.49
C LYS D 126 -12.65 39.61 -3.04
N ILE D 127 -11.52 38.98 -2.75
CA ILE D 127 -11.55 37.66 -2.13
C ILE D 127 -11.03 37.80 -0.71
N GLY D 128 -11.30 36.78 0.09
CA GLY D 128 -10.87 36.73 1.46
C GLY D 128 -9.81 35.68 1.67
N CYS D 129 -9.41 35.53 2.92
CA CYS D 129 -8.54 34.44 3.31
C CYS D 129 -8.79 34.09 4.76
N PHE D 130 -8.03 33.10 5.22
CA PHE D 130 -8.33 32.37 6.44
C PHE D 130 -7.02 32.20 7.17
N ALA D 131 -6.87 32.90 8.29
CA ALA D 131 -5.58 32.98 8.93
C ALA D 131 -5.72 32.32 10.29
N LEU D 132 -5.40 31.05 10.33
CA LEU D 132 -5.46 30.23 11.52
C LEU D 132 -4.13 29.71 11.92
N SER D 133 -3.42 29.18 10.97
CA SER D 133 -2.13 28.63 11.17
C SER D 133 -1.11 29.68 11.39
N GLU D 134 -0.13 29.27 12.11
CA GLU D 134 1.01 30.10 12.48
C GLU D 134 2.27 29.34 12.20
N PRO D 135 3.39 29.99 12.25
CA PRO D 135 4.63 29.29 11.99
C PRO D 135 4.89 28.20 12.99
N GLY D 136 4.46 28.37 14.21
CA GLY D 136 4.67 27.39 15.22
C GLY D 136 3.64 26.32 15.25
N ASN D 137 2.50 26.57 14.69
CA ASN D 137 1.40 25.66 14.75
C ASN D 137 0.41 25.75 13.63
N GLY D 138 0.16 24.62 13.06
CA GLY D 138 -0.79 24.44 12.01
C GLY D 138 -1.70 23.35 12.51
N SER D 139 -1.26 22.13 12.55
CA SER D 139 -2.08 21.05 13.05
C SER D 139 -2.53 21.36 14.43
N ASP D 140 -1.66 21.84 15.31
CA ASP D 140 -2.05 22.27 16.62
C ASP D 140 -2.62 23.71 16.52
N ALA D 141 -3.81 23.82 15.98
CA ALA D 141 -4.41 25.05 15.69
C ALA D 141 -4.74 25.81 16.92
N GLY D 142 -5.09 25.09 17.95
CA GLY D 142 -5.41 25.76 19.19
C GLY D 142 -4.21 26.38 19.90
N ALA D 143 -3.04 26.11 19.41
CA ALA D 143 -1.84 26.70 19.95
C ALA D 143 -1.59 28.07 19.39
N ALA D 144 -2.59 28.65 18.77
CA ALA D 144 -2.45 29.96 18.22
C ALA D 144 -1.99 31.00 19.21
N SER D 145 -0.82 31.52 19.00
CA SER D 145 -0.19 32.48 19.85
C SER D 145 -0.28 33.96 19.40
N THR D 146 -0.87 34.20 18.23
CA THR D 146 -1.17 35.53 17.79
C THR D 146 -2.19 36.03 18.79
N THR D 147 -1.97 37.19 19.29
CA THR D 147 -2.82 37.73 20.33
C THR D 147 -3.72 38.81 19.77
N ALA D 148 -4.90 38.92 20.36
CA ALA D 148 -5.78 40.07 20.14
C ALA D 148 -6.11 40.64 21.50
N ARG D 149 -5.80 41.92 21.70
CA ARG D 149 -5.99 42.58 22.99
C ARG D 149 -7.03 43.69 22.82
N ALA D 150 -8.03 43.68 23.69
CA ALA D 150 -9.00 44.77 23.69
C ALA D 150 -8.33 46.04 24.22
N GLU D 151 -8.48 47.13 23.47
CA GLU D 151 -7.98 48.43 23.90
C GLU D 151 -8.81 49.50 23.20
N GLY D 152 -9.44 50.38 23.98
CA GLY D 152 -10.28 51.41 23.40
C GLY D 152 -11.41 50.80 22.59
N ASP D 153 -11.66 51.39 21.43
CA ASP D 153 -12.69 50.90 20.52
C ASP D 153 -12.12 49.90 19.53
N SER D 154 -11.13 49.12 19.95
CA SER D 154 -10.31 48.39 18.99
C SER D 154 -9.83 47.07 19.57
N TRP D 155 -9.60 46.12 18.67
CA TRP D 155 -8.78 44.96 18.94
C TRP D 155 -7.37 45.24 18.45
N VAL D 156 -6.38 44.85 19.25
CA VAL D 156 -4.98 45.05 18.92
C VAL D 156 -4.37 43.68 18.69
N LEU D 157 -3.93 43.44 17.45
CA LEU D 157 -3.51 42.12 17.04
C LEU D 157 -2.00 42.10 16.91
N ASN D 158 -1.38 41.11 17.51
CA ASN D 158 0.05 40.97 17.44
C ASN D 158 0.41 39.52 17.18
N GLY D 159 1.18 39.31 16.14
CA GLY D 159 1.67 37.98 15.84
C GLY D 159 1.64 37.67 14.37
N THR D 160 2.17 36.55 14.05
CA THR D 160 2.27 36.13 12.72
C THR D 160 1.43 35.01 12.37
N LYS D 161 0.59 35.20 11.40
CA LYS D 161 -0.18 34.12 10.90
C LYS D 161 0.63 33.47 9.81
N ALA D 162 0.64 32.17 9.70
CA ALA D 162 1.39 31.55 8.63
C ALA D 162 0.56 30.78 7.64
N TRP D 163 1.15 30.72 6.46
CA TRP D 163 0.65 30.04 5.30
C TRP D 163 -0.71 30.50 4.81
N ILE D 164 -0.92 31.79 4.70
CA ILE D 164 -2.27 32.23 4.38
C ILE D 164 -2.44 32.22 2.87
N THR D 165 -3.24 31.26 2.39
CA THR D 165 -3.64 31.24 1.00
C THR D 165 -4.42 32.50 0.69
N ASN D 166 -4.14 33.10 -0.47
CA ASN D 166 -4.70 34.38 -0.91
C ASN D 166 -4.15 35.57 -0.16
N ALA D 167 -3.09 35.40 0.65
CA ALA D 167 -2.59 36.52 1.45
C ALA D 167 -2.33 37.73 0.57
N TRP D 168 -1.81 37.52 -0.63
CA TRP D 168 -1.40 38.63 -1.47
C TRP D 168 -2.53 39.16 -2.34
N GLU D 169 -3.71 38.54 -2.30
CA GLU D 169 -4.84 39.04 -3.07
C GLU D 169 -6.05 39.34 -2.20
N ALA D 170 -6.08 38.87 -0.95
CA ALA D 170 -7.29 38.99 -0.16
C ALA D 170 -7.46 40.45 0.27
N SER D 171 -8.71 40.91 0.28
CA SER D 171 -9.03 42.23 0.80
C SER D 171 -9.51 42.15 2.24
N ALA D 172 -9.78 40.95 2.72
CA ALA D 172 -10.16 40.75 4.11
C ALA D 172 -9.64 39.38 4.54
N ALA D 173 -9.52 39.22 5.85
CA ALA D 173 -9.05 37.99 6.43
C ALA D 173 -9.96 37.64 7.59
N VAL D 174 -10.28 36.37 7.72
CA VAL D 174 -10.78 35.84 8.98
C VAL D 174 -9.56 35.37 9.74
N VAL D 175 -9.20 36.11 10.78
CA VAL D 175 -7.98 35.84 11.53
C VAL D 175 -8.38 35.26 12.87
N PHE D 176 -7.67 34.26 13.34
CA PHE D 176 -7.85 33.65 14.62
C PHE D 176 -6.67 34.01 15.47
N ALA D 177 -6.95 34.66 16.59
CA ALA D 177 -5.94 35.08 17.55
C ALA D 177 -6.43 34.77 18.95
N SER D 178 -5.52 34.57 19.82
CA SER D 178 -5.86 34.36 21.14
C SER D 178 -6.14 35.69 21.80
N THR D 179 -7.32 35.72 22.37
CA THR D 179 -7.78 36.79 23.19
C THR D 179 -7.39 36.48 24.65
N ASP D 180 -6.84 35.31 24.90
CA ASP D 180 -6.30 34.80 26.12
C ASP D 180 -5.65 33.47 25.92
N ARG D 181 -4.35 33.44 25.93
CA ARG D 181 -3.63 32.21 25.69
C ARG D 181 -3.71 31.22 26.77
N ALA D 182 -3.93 31.69 27.98
CA ALA D 182 -4.11 30.92 29.17
C ALA D 182 -5.35 30.07 29.07
N LEU D 183 -6.37 30.53 28.37
CA LEU D 183 -7.56 29.80 28.08
C LEU D 183 -7.43 28.72 27.03
N GLN D 184 -6.31 28.67 26.35
CA GLN D 184 -5.98 27.70 25.34
C GLN D 184 -6.93 27.72 24.20
N ASN D 185 -7.41 26.57 23.77
CA ASN D 185 -8.33 26.67 22.64
C ASN D 185 -9.73 27.08 23.06
N LYS D 186 -9.91 27.47 24.32
CA LYS D 186 -11.08 28.26 24.70
C LYS D 186 -10.80 29.75 24.67
N GLY D 187 -9.61 30.13 24.27
CA GLY D 187 -9.17 31.48 24.20
C GLY D 187 -8.90 32.05 22.83
N ILE D 188 -9.18 31.29 21.78
CA ILE D 188 -9.05 31.81 20.42
C ILE D 188 -10.28 32.63 20.08
N SER D 189 -10.09 33.68 19.29
CA SER D 189 -11.24 34.39 18.77
C SER D 189 -11.03 34.64 17.28
N ALA D 190 -12.14 34.79 16.58
CA ALA D 190 -12.11 35.10 15.15
C ALA D 190 -12.30 36.60 14.98
N PHE D 191 -11.54 37.17 14.05
CA PHE D 191 -11.61 38.59 13.76
C PHE D 191 -11.67 38.78 12.26
N LEU D 192 -12.62 39.60 11.82
CA LEU D 192 -12.60 40.10 10.46
C LEU D 192 -11.59 41.24 10.39
N VAL D 193 -10.55 41.04 9.61
CA VAL D 193 -9.46 42.00 9.45
C VAL D 193 -9.47 42.49 8.02
N PRO D 194 -9.53 43.80 7.78
CA PRO D 194 -9.39 44.30 6.41
C PRO D 194 -7.96 44.11 5.93
N MET D 195 -7.82 43.98 4.62
CA MET D 195 -6.51 43.87 3.99
C MET D 195 -6.50 44.79 2.77
N PRO D 196 -5.53 45.72 2.68
CA PRO D 196 -4.55 45.84 3.76
C PRO D 196 -5.08 46.69 4.89
N THR D 197 -4.32 46.80 5.98
CA THR D 197 -4.71 47.63 7.12
C THR D 197 -3.47 47.92 7.94
N PRO D 198 -3.34 49.12 8.51
CA PRO D 198 -2.16 49.43 9.33
C PRO D 198 -1.93 48.37 10.40
N GLY D 199 -0.66 48.03 10.60
CA GLY D 199 -0.28 46.97 11.51
C GLY D 199 -0.14 45.61 10.85
N LEU D 200 -0.61 45.45 9.60
CA LEU D 200 -0.62 44.18 8.90
C LEU D 200 0.40 44.25 7.77
N THR D 201 1.43 43.43 7.88
CA THR D 201 2.42 43.25 6.82
C THR D 201 2.25 41.85 6.26
N LEU D 202 2.20 41.77 4.94
CA LEU D 202 2.27 40.49 4.28
C LEU D 202 3.71 40.01 4.28
N GLY D 203 3.90 38.73 4.59
CA GLY D 203 5.19 38.14 4.41
C GLY D 203 5.49 37.85 2.96
N LYS D 204 6.71 37.40 2.71
CA LYS D 204 7.10 36.96 1.37
C LYS D 204 6.19 35.82 0.91
N LYS D 205 5.85 35.84 -0.38
CA LYS D 205 5.11 34.72 -0.97
C LYS D 205 5.88 33.42 -0.78
N GLU D 206 5.16 32.35 -0.41
CA GLU D 206 5.79 31.04 -0.39
C GLU D 206 6.10 30.58 -1.80
N ASP D 207 7.30 30.02 -1.96
CA ASP D 207 7.69 29.34 -3.19
C ASP D 207 7.21 27.91 -3.04
N LYS D 208 6.09 27.58 -3.67
CA LYS D 208 5.38 26.36 -3.37
C LYS D 208 5.67 25.27 -4.38
N LEU D 209 5.68 24.03 -3.88
CA LEU D 209 5.72 22.87 -4.75
C LEU D 209 4.64 22.95 -5.82
N GLY D 210 3.45 23.34 -5.42
CA GLY D 210 2.33 23.40 -6.34
C GLY D 210 1.30 24.37 -5.83
N ILE D 211 0.09 24.25 -6.38
CA ILE D 211 -0.93 25.30 -6.35
C ILE D 211 -0.23 26.66 -6.41
N ARG D 212 0.74 26.77 -7.34
CA ARG D 212 1.64 27.92 -7.40
C ARG D 212 0.93 29.20 -7.79
N GLY D 213 -0.31 29.11 -8.29
CA GLY D 213 -1.08 30.30 -8.60
C GLY D 213 -1.76 30.94 -7.41
N SER D 214 -1.84 30.24 -6.29
CA SER D 214 -2.34 30.83 -5.07
C SER D 214 -1.16 31.50 -4.36
N SER D 215 -1.42 32.67 -3.77
CA SER D 215 -0.42 33.22 -2.90
C SER D 215 -0.53 32.56 -1.54
N THR D 216 0.62 32.28 -0.94
CA THR D 216 0.69 31.78 0.41
C THR D 216 1.74 32.61 1.11
N ALA D 217 1.37 33.25 2.20
CA ALA D 217 2.32 34.12 2.85
C ALA D 217 1.87 34.32 4.27
N ASN D 218 2.79 34.82 5.09
CA ASN D 218 2.46 35.12 6.45
C ASN D 218 1.65 36.40 6.52
N LEU D 219 0.70 36.43 7.42
CA LEU D 219 0.10 37.68 7.85
C LEU D 219 0.83 38.09 9.12
N ILE D 220 1.48 39.24 9.09
CA ILE D 220 2.31 39.71 10.19
C ILE D 220 1.59 40.88 10.84
N PHE D 221 1.05 40.64 12.03
CA PHE D 221 0.38 41.69 12.78
C PHE D 221 1.34 42.24 13.82
N GLU D 222 1.67 43.52 13.67
CA GLU D 222 2.42 44.27 14.67
C GLU D 222 1.52 45.42 15.09
N ASP D 223 0.98 45.33 16.31
CA ASP D 223 0.09 46.36 16.85
C ASP D 223 -0.97 46.73 15.83
N CYS D 224 -1.60 45.69 15.27
CA CYS D 224 -2.62 45.88 14.24
C CYS D 224 -3.96 46.12 14.92
N ARG D 225 -4.54 47.28 14.66
CA ARG D 225 -5.74 47.71 15.36
C ARG D 225 -6.93 47.63 14.43
N ILE D 226 -7.94 46.90 14.86
CA ILE D 226 -9.18 46.76 14.12
C ILE D 226 -10.32 47.11 15.07
N PRO D 227 -11.47 47.52 14.54
CA PRO D 227 -12.60 47.84 15.43
C PRO D 227 -12.98 46.67 16.33
N LYS D 228 -13.51 46.98 17.51
CA LYS D 228 -13.96 45.92 18.41
C LYS D 228 -15.04 45.06 17.78
N ASP D 229 -15.88 45.63 16.92
CA ASP D 229 -16.91 44.84 16.28
C ASP D 229 -16.36 43.99 15.12
N SER D 230 -15.03 44.00 14.92
CA SER D 230 -14.37 43.10 14.00
C SER D 230 -14.35 41.66 14.50
N ILE D 231 -14.59 41.42 15.79
CA ILE D 231 -14.59 40.04 16.26
C ILE D 231 -15.74 39.29 15.63
N LEU D 232 -15.50 38.05 15.25
CA LEU D 232 -16.50 37.21 14.63
C LEU D 232 -16.99 36.24 15.69
N GLY D 233 -18.27 36.33 16.04
CA GLY D 233 -18.71 35.64 17.22
C GLY D 233 -18.18 36.32 18.46
N GLU D 234 -18.25 35.61 19.57
CA GLU D 234 -17.82 36.13 20.85
C GLU D 234 -16.39 35.73 21.15
N PRO D 235 -15.72 36.40 22.09
CA PRO D 235 -14.37 35.96 22.46
C PRO D 235 -14.40 34.51 22.92
N GLY D 236 -13.43 33.74 22.45
CA GLY D 236 -13.29 32.37 22.88
C GLY D 236 -13.91 31.33 21.96
N MET D 237 -14.90 31.72 21.16
CA MET D 237 -15.42 30.72 20.23
C MET D 237 -14.63 30.63 18.93
N GLY D 238 -13.45 31.28 18.87
CA GLY D 238 -12.67 31.26 17.64
C GLY D 238 -12.24 29.86 17.23
N PHE D 239 -11.89 29.03 18.21
CA PHE D 239 -11.46 27.68 17.89
C PHE D 239 -12.59 26.88 17.25
N LYS D 240 -13.77 26.90 17.86
CA LYS D 240 -14.90 26.22 17.28
C LYS D 240 -15.27 26.82 15.93
N ILE D 241 -15.08 28.13 15.77
CA ILE D 241 -15.29 28.74 14.47
C ILE D 241 -14.29 28.19 13.45
N ALA D 242 -13.01 28.14 13.85
CA ALA D 242 -11.98 27.59 12.99
C ALA D 242 -12.24 26.12 12.67
N MET D 243 -12.68 25.35 13.66
CA MET D 243 -12.89 23.93 13.45
C MET D 243 -14.06 23.68 12.52
N GLN D 244 -15.18 24.36 12.73
CA GLN D 244 -16.35 24.12 11.90
C GLN D 244 -16.15 24.64 10.49
N THR D 245 -15.48 25.77 10.37
CA THR D 245 -15.04 26.26 9.06
C THR D 245 -14.16 25.25 8.37
N LEU D 246 -13.29 24.60 9.13
CA LEU D 246 -12.43 23.59 8.54
C LEU D 246 -13.22 22.36 8.13
N ASP D 247 -14.28 22.02 8.88
CA ASP D 247 -15.14 20.92 8.47
C ASP D 247 -15.72 21.17 7.09
N MET D 248 -16.29 22.36 6.88
CA MET D 248 -16.81 22.68 5.56
C MET D 248 -15.70 22.77 4.54
N GLY D 249 -14.60 23.44 4.91
CA GLY D 249 -13.48 23.59 3.99
C GLY D 249 -12.92 22.27 3.50
N ARG D 250 -12.88 21.27 4.39
CA ARG D 250 -12.36 19.98 4.04
C ARG D 250 -13.14 19.36 2.89
N ILE D 251 -14.43 19.67 2.80
CA ILE D 251 -15.21 19.26 1.65
C ILE D 251 -14.67 19.93 0.40
N GLY D 252 -14.32 21.23 0.52
CA GLY D 252 -13.74 21.93 -0.61
C GLY D 252 -12.39 21.36 -1.03
N ILE D 253 -11.54 21.05 -0.05
CA ILE D 253 -10.24 20.48 -0.41
C ILE D 253 -10.42 19.07 -0.97
N ALA D 254 -11.32 18.28 -0.38
CA ALA D 254 -11.70 17.00 -0.97
C ALA D 254 -12.05 17.17 -2.44
N SER D 255 -12.90 18.14 -2.74
CA SER D 255 -13.31 18.38 -4.11
C SER D 255 -12.15 18.93 -4.93
N GLN D 256 -11.32 19.79 -4.33
CA GLN D 256 -10.09 20.15 -5.02
C GLN D 256 -9.30 18.91 -5.39
N ALA D 257 -9.04 18.06 -4.39
CA ALA D 257 -8.32 16.82 -4.63
C ALA D 257 -8.99 15.96 -5.70
N LEU D 258 -10.33 15.92 -5.72
CA LEU D 258 -11.03 15.20 -6.78
C LEU D 258 -10.70 15.78 -8.14
N GLY D 259 -10.74 17.11 -8.26
CA GLY D 259 -10.38 17.81 -9.48
C GLY D 259 -9.01 17.42 -9.99
N ILE D 260 -7.99 17.66 -9.17
CA ILE D 260 -6.62 17.24 -9.49
C ILE D 260 -6.59 15.76 -9.86
N ALA D 261 -7.25 14.91 -9.06
CA ALA D 261 -7.27 13.49 -9.37
C ALA D 261 -7.90 13.25 -10.73
N GLN D 262 -9.10 13.82 -10.94
CA GLN D 262 -9.82 13.63 -12.19
C GLN D 262 -8.99 14.09 -13.37
N THR D 263 -8.42 15.30 -13.28
CA THR D 263 -7.66 15.78 -14.43
C THR D 263 -6.38 14.98 -14.65
N ALA D 264 -5.78 14.45 -13.58
CA ALA D 264 -4.63 13.57 -13.73
C ALA D 264 -5.03 12.24 -14.37
N LEU D 265 -6.20 11.73 -14.01
CA LEU D 265 -6.70 10.52 -14.66
C LEU D 265 -7.02 10.79 -16.13
N ASP D 266 -7.70 11.91 -16.41
CA ASP D 266 -7.95 12.33 -17.77
C ASP D 266 -6.67 12.35 -18.57
N CYS D 267 -5.64 12.96 -18.00
CA CYS D 267 -4.38 13.08 -18.72
C CYS D 267 -3.74 11.71 -18.93
N ALA D 268 -3.80 10.84 -17.92
CA ALA D 268 -3.25 9.50 -18.03
C ALA D 268 -4.00 8.70 -19.09
N VAL D 269 -5.33 8.74 -19.05
CA VAL D 269 -6.11 8.00 -20.04
C VAL D 269 -5.80 8.50 -21.44
N ASN D 270 -6.03 9.79 -21.68
CA ASN D 270 -5.84 10.33 -23.01
C ASN D 270 -4.44 10.04 -23.53
N TYR D 271 -3.43 10.11 -22.65
CA TYR D 271 -2.08 9.82 -23.11
C TYR D 271 -1.92 8.33 -23.42
N ALA D 272 -2.47 7.48 -22.56
CA ALA D 272 -2.31 6.05 -22.72
C ALA D 272 -3.05 5.53 -23.94
N GLU D 273 -4.16 6.17 -24.32
CA GLU D 273 -4.90 5.82 -25.53
C GLU D 273 -4.12 6.14 -26.79
N ASN D 274 -3.15 7.03 -26.73
CA ASN D 274 -2.44 7.49 -27.91
C ASN D 274 -0.96 7.16 -27.88
N ARG D 275 -0.38 7.02 -26.69
CA ARG D 275 0.95 6.45 -26.57
C ARG D 275 0.92 5.01 -27.02
N MET D 276 1.88 4.62 -27.85
CA MET D 276 1.92 3.30 -28.43
C MET D 276 3.04 2.48 -27.81
N ALA D 277 2.73 1.24 -27.45
CA ALA D 277 3.73 0.32 -26.95
C ALA D 277 3.51 -1.00 -27.66
N PHE D 278 4.56 -1.60 -28.21
CA PHE D 278 4.45 -2.88 -28.89
C PHE D 278 3.35 -2.94 -29.88
N GLY D 279 3.20 -1.89 -30.59
CA GLY D 279 2.21 -1.84 -31.64
C GLY D 279 0.82 -1.42 -31.23
N ALA D 280 0.58 -1.14 -29.95
CA ALA D 280 -0.78 -0.90 -29.51
C ALA D 280 -0.76 0.18 -28.43
N PRO D 281 -1.90 0.82 -28.16
CA PRO D 281 -1.92 1.82 -27.11
C PRO D 281 -1.56 1.23 -25.75
N LEU D 282 -1.03 2.10 -24.86
CA LEU D 282 -0.77 1.68 -23.49
C LEU D 282 -1.99 1.07 -22.85
N THR D 283 -3.18 1.55 -23.21
CA THR D 283 -4.39 1.00 -22.64
C THR D 283 -4.64 -0.45 -23.06
N LYS D 284 -3.84 -1.01 -23.98
CA LYS D 284 -3.88 -2.45 -24.22
C LYS D 284 -3.05 -3.20 -23.19
N LEU D 285 -2.01 -2.56 -22.65
CA LEU D 285 -1.21 -3.17 -21.60
C LEU D 285 -2.05 -3.36 -20.35
N GLN D 286 -2.08 -4.60 -19.86
CA GLN D 286 -2.89 -4.91 -18.68
C GLN D 286 -2.45 -4.08 -17.49
N VAL D 287 -1.14 -3.82 -17.40
CA VAL D 287 -0.62 -3.08 -16.27
C VAL D 287 -1.15 -1.67 -16.29
N ILE D 288 -1.22 -1.07 -17.47
CA ILE D 288 -1.79 0.26 -17.59
C ILE D 288 -3.27 0.22 -17.24
N GLN D 289 -3.97 -0.82 -17.73
CA GLN D 289 -5.38 -0.97 -17.40
C GLN D 289 -5.60 -0.98 -15.90
N PHE D 290 -4.79 -1.74 -15.17
CA PHE D 290 -5.00 -1.84 -13.73
C PHE D 290 -4.79 -0.50 -13.06
N LYS D 291 -3.71 0.19 -13.43
CA LYS D 291 -3.47 1.54 -12.92
C LYS D 291 -4.68 2.41 -13.13
N LEU D 292 -5.19 2.45 -14.36
CA LEU D 292 -6.36 3.24 -14.66
C LEU D 292 -7.52 2.82 -13.77
N ALA D 293 -7.71 1.52 -13.63
CA ALA D 293 -8.80 1.03 -12.81
C ALA D 293 -8.63 1.47 -11.36
N ASP D 294 -7.42 1.34 -10.80
CA ASP D 294 -7.20 1.77 -9.42
C ASP D 294 -7.35 3.28 -9.27
N MET D 295 -6.94 4.04 -10.29
CA MET D 295 -7.12 5.48 -10.24
C MET D 295 -8.60 5.83 -10.24
N ALA D 296 -9.34 5.28 -11.21
CA ALA D 296 -10.79 5.48 -11.26
C ALA D 296 -11.43 5.13 -9.93
N LEU D 297 -11.10 3.95 -9.40
CA LEU D 297 -11.71 3.51 -8.15
C LEU D 297 -11.34 4.45 -7.00
N ALA D 298 -10.05 4.75 -6.85
CA ALA D 298 -9.64 5.71 -5.83
C ALA D 298 -10.43 7.00 -5.99
N LEU D 299 -10.56 7.47 -7.22
CA LEU D 299 -11.16 8.77 -7.45
C LEU D 299 -12.65 8.74 -7.16
N GLU D 300 -13.36 7.77 -7.73
CA GLU D 300 -14.80 7.68 -7.55
C GLU D 300 -15.14 7.35 -6.11
N SER D 301 -14.34 6.49 -5.48
CA SER D 301 -14.50 6.27 -4.06
C SER D 301 -14.43 7.59 -3.32
N ALA D 302 -13.37 8.34 -3.56
CA ALA D 302 -13.15 9.61 -2.87
C ALA D 302 -14.26 10.59 -3.17
N ARG D 303 -14.86 10.50 -4.36
CA ARG D 303 -15.92 11.44 -4.70
C ARG D 303 -17.21 11.11 -3.96
N LEU D 304 -17.51 9.85 -3.81
CA LEU D 304 -18.67 9.47 -3.12
C LEU D 304 -18.61 9.93 -1.67
N LEU D 305 -17.45 9.85 -1.09
CA LEU D 305 -17.21 10.35 0.24
C LEU D 305 -17.32 11.84 0.27
N THR D 306 -16.82 12.51 -0.73
CA THR D 306 -16.91 13.91 -0.80
C THR D 306 -18.36 14.34 -0.95
N TRP D 307 -19.10 13.63 -1.75
CA TRP D 307 -20.47 13.96 -1.94
C TRP D 307 -21.24 13.67 -0.73
N ARG D 308 -20.93 12.61 -0.04
CA ARG D 308 -21.58 12.29 1.17
C ARG D 308 -21.43 13.42 2.20
N ALA D 309 -20.23 13.90 2.40
CA ALA D 309 -20.01 14.92 3.35
C ALA D 309 -20.73 16.18 2.98
N ALA D 310 -20.71 16.54 1.71
CA ALA D 310 -21.40 17.68 1.21
C ALA D 310 -22.89 17.56 1.42
N MET D 311 -23.41 16.40 1.15
CA MET D 311 -24.81 16.18 1.23
C MET D 311 -25.27 16.14 2.66
N LEU D 312 -24.42 15.69 3.56
CA LEU D 312 -24.70 15.67 4.94
C LEU D 312 -24.73 17.08 5.46
N LYS D 313 -23.71 17.85 5.16
CA LYS D 313 -23.69 19.25 5.55
C LYS D 313 -24.93 19.96 5.02
N ASP D 314 -25.33 19.66 3.77
CA ASP D 314 -26.49 20.31 3.19
C ASP D 314 -27.76 19.94 3.94
N ASN D 315 -27.83 18.72 4.39
CA ASN D 315 -28.98 18.32 5.05
C ASN D 315 -28.90 18.49 6.55
N LYS D 316 -28.02 19.36 7.02
CA LYS D 316 -27.82 19.72 8.41
C LYS D 316 -27.51 18.50 9.27
N LYS D 317 -26.98 17.46 8.70
CA LYS D 317 -26.57 16.32 9.45
C LYS D 317 -25.12 16.53 9.84
N PRO D 318 -24.65 15.84 10.90
CA PRO D 318 -23.24 16.00 11.26
C PRO D 318 -22.38 15.45 10.14
N PHE D 319 -21.23 16.07 9.93
CA PHE D 319 -20.41 15.65 8.80
C PHE D 319 -18.92 15.73 9.08
N ILE D 320 -18.50 15.88 10.33
CA ILE D 320 -17.08 16.09 10.60
C ILE D 320 -16.29 14.87 10.15
N LYS D 321 -16.70 13.68 10.60
CA LYS D 321 -16.04 12.45 10.19
C LYS D 321 -16.01 12.35 8.66
N GLU D 322 -17.14 12.52 8.04
CA GLU D 322 -17.32 12.41 6.60
C GLU D 322 -16.54 13.42 5.82
N ALA D 323 -16.49 14.62 6.29
CA ALA D 323 -15.65 15.61 5.64
C ALA D 323 -14.19 15.19 5.71
N ALA D 324 -13.76 14.71 6.88
CA ALA D 324 -12.38 14.28 7.07
C ALA D 324 -12.05 13.08 6.19
N MET D 325 -12.94 12.11 6.08
CA MET D 325 -12.71 10.96 5.25
C MET D 325 -12.64 11.41 3.81
N ALA D 326 -13.56 12.23 3.39
CA ALA D 326 -13.53 12.78 2.05
C ALA D 326 -12.20 13.48 1.80
N LYS D 327 -11.88 14.45 2.65
CA LYS D 327 -10.62 15.17 2.48
C LYS D 327 -9.44 14.20 2.48
N LEU D 328 -9.47 13.21 3.37
CA LEU D 328 -8.35 12.28 3.46
C LEU D 328 -8.26 11.42 2.20
N ALA D 329 -9.34 10.72 1.90
CA ALA D 329 -9.38 9.83 0.74
C ALA D 329 -9.09 10.59 -0.55
N ALA D 330 -9.80 11.70 -0.77
CA ALA D 330 -9.60 12.43 -2.01
C ALA D 330 -8.16 12.91 -2.15
N SER D 331 -7.58 13.42 -1.05
CA SER D 331 -6.21 13.92 -1.09
C SER D 331 -5.22 12.81 -1.38
N GLU D 332 -5.33 11.70 -0.65
CA GLU D 332 -4.41 10.60 -0.94
C GLU D 332 -4.71 9.99 -2.30
N ALA D 333 -5.97 10.03 -2.76
CA ALA D 333 -6.24 9.63 -4.12
C ALA D 333 -5.54 10.58 -5.09
N ALA D 334 -5.69 11.89 -4.87
CA ALA D 334 -5.10 12.85 -5.80
C ALA D 334 -3.61 12.63 -5.95
N THR D 335 -2.91 12.39 -4.84
CA THR D 335 -1.50 12.09 -4.94
C THR D 335 -1.28 10.77 -5.66
N ALA D 336 -2.00 9.72 -5.25
CA ALA D 336 -1.81 8.41 -5.83
C ALA D 336 -2.12 8.43 -7.32
N ILE D 337 -3.24 9.05 -7.68
CA ILE D 337 -3.63 9.13 -9.07
C ILE D 337 -2.61 9.94 -9.86
N SER D 338 -2.33 11.16 -9.41
CA SER D 338 -1.33 11.98 -10.07
C SER D 338 0.02 11.30 -10.13
N HIS D 339 0.42 10.58 -9.08
CA HIS D 339 1.66 9.81 -9.17
C HIS D 339 1.59 8.80 -10.31
N GLN D 340 0.46 8.11 -10.42
CA GLN D 340 0.31 7.08 -11.42
C GLN D 340 0.05 7.67 -12.81
N ALA D 341 -0.51 8.88 -12.88
CA ALA D 341 -0.61 9.57 -14.15
C ALA D 341 0.77 9.91 -14.69
N ILE D 342 1.63 10.41 -13.86
CA ILE D 342 2.98 10.65 -14.24
C ILE D 342 3.61 9.35 -14.72
N GLN D 343 3.35 8.29 -13.99
CA GLN D 343 3.94 7.00 -14.33
C GLN D 343 3.42 6.51 -15.67
N ILE D 344 2.10 6.64 -15.89
CA ILE D 344 1.54 6.18 -17.13
C ILE D 344 2.11 6.96 -18.30
N LEU D 345 2.47 8.22 -18.07
CA LEU D 345 3.06 9.03 -19.13
C LEU D 345 4.54 8.75 -19.32
N GLY D 346 5.15 8.00 -18.44
CA GLY D 346 6.55 7.75 -18.51
C GLY D 346 7.37 9.01 -18.41
N GLY D 347 8.29 9.19 -19.34
CA GLY D 347 9.18 10.35 -19.41
C GLY D 347 8.43 11.64 -19.48
N MET D 348 7.36 11.65 -20.24
CA MET D 348 6.44 12.70 -20.38
C MET D 348 5.72 13.10 -19.11
N GLY D 349 5.59 12.20 -18.14
CA GLY D 349 5.07 12.52 -16.87
C GLY D 349 5.96 13.40 -16.01
N TYR D 350 7.24 13.41 -16.30
CA TYR D 350 8.18 14.15 -15.56
C TYR D 350 8.43 15.54 -16.06
N VAL D 351 7.99 15.84 -17.26
CA VAL D 351 8.25 17.10 -17.86
C VAL D 351 7.05 18.00 -17.94
N THR D 352 7.35 19.27 -18.02
CA THR D 352 6.37 20.36 -18.06
C THR D 352 5.57 20.51 -19.30
N GLU D 353 5.93 19.92 -20.38
CA GLU D 353 5.07 19.96 -21.55
C GLU D 353 3.92 18.97 -21.46
N MET D 354 3.81 18.29 -20.32
CA MET D 354 2.62 17.55 -19.95
C MET D 354 2.17 18.08 -18.60
N PRO D 355 0.87 18.07 -18.33
CA PRO D 355 0.39 18.61 -17.06
C PRO D 355 0.53 17.66 -15.89
N ALA D 356 1.10 16.46 -16.09
CA ALA D 356 1.01 15.44 -15.05
C ALA D 356 1.89 15.78 -13.86
N GLU D 357 3.09 16.28 -14.07
CA GLU D 357 3.96 16.60 -12.98
C GLU D 357 3.36 17.72 -12.16
N ARG D 358 2.57 18.54 -12.80
CA ARG D 358 1.91 19.63 -12.12
C ARG D 358 0.80 19.11 -11.22
N HIS D 359 -0.01 18.18 -11.73
CA HIS D 359 -1.06 17.60 -10.90
C HIS D 359 -0.45 16.93 -9.68
N TYR D 360 0.67 16.23 -9.87
CA TYR D 360 1.39 15.58 -8.78
C TYR D 360 1.81 16.58 -7.72
N ARG D 361 2.38 17.70 -8.17
CA ARG D 361 2.75 18.78 -7.27
C ARG D 361 1.52 19.41 -6.62
N ASP D 362 0.47 19.61 -7.42
CA ASP D 362 -0.76 20.19 -6.89
C ASP D 362 -1.42 19.23 -5.92
N ALA D 363 -1.51 17.95 -6.31
CA ALA D 363 -2.08 16.95 -5.42
C ALA D 363 -1.42 16.98 -4.05
N ARG D 364 -0.09 17.16 -4.01
CA ARG D 364 0.65 16.99 -2.76
C ARG D 364 0.05 17.83 -1.65
N ILE D 365 -0.42 19.04 -1.97
CA ILE D 365 -0.84 19.96 -0.93
C ILE D 365 -2.14 19.50 -0.31
N THR D 366 -2.96 18.76 -1.05
CA THR D 366 -4.26 18.38 -0.51
C THR D 366 -4.12 17.44 0.67
N GLU D 367 -3.00 16.72 0.77
CA GLU D 367 -2.73 15.92 1.96
C GLU D 367 -2.30 16.76 3.17
N ILE D 368 -2.06 18.06 3.00
CA ILE D 368 -1.41 18.84 4.05
C ILE D 368 -2.34 19.86 4.67
N TYR D 369 -2.80 20.85 3.89
CA TYR D 369 -3.51 21.92 4.56
C TYR D 369 -4.95 21.52 4.88
N GLU D 370 -5.62 22.42 5.60
CA GLU D 370 -6.96 22.18 6.13
C GLU D 370 -6.98 20.89 6.92
N GLY D 371 -5.83 20.57 7.52
CA GLY D 371 -5.68 19.39 8.33
C GLY D 371 -4.95 18.31 7.57
N THR D 372 -3.75 17.98 8.02
CA THR D 372 -2.98 16.94 7.35
C THR D 372 -3.75 15.63 7.37
N SER D 373 -3.30 14.73 6.52
CA SER D 373 -3.83 13.38 6.50
C SER D 373 -3.89 12.79 7.90
N GLU D 374 -2.80 12.98 8.66
CA GLU D 374 -2.73 12.50 10.05
C GLU D 374 -3.85 13.11 10.88
N ILE D 375 -4.03 14.43 10.79
CA ILE D 375 -5.11 15.06 11.52
C ILE D 375 -6.45 14.52 11.07
N GLN D 376 -6.64 14.37 9.74
CA GLN D 376 -7.88 13.78 9.26
C GLN D 376 -8.12 12.42 9.88
N ARG D 377 -7.08 11.60 9.98
CA ARG D 377 -7.27 10.29 10.57
C ARG D 377 -7.59 10.41 12.05
N LEU D 378 -6.95 11.36 12.74
CA LEU D 378 -7.33 11.61 14.13
C LEU D 378 -8.80 12.02 14.21
N VAL D 379 -9.19 12.98 13.38
CA VAL D 379 -10.58 13.42 13.35
C VAL D 379 -11.51 12.24 13.08
N ILE D 380 -11.15 11.40 12.12
CA ILE D 380 -12.00 10.26 11.80
C ILE D 380 -12.09 9.31 12.99
N ALA D 381 -10.94 9.03 13.62
CA ALA D 381 -10.92 8.04 14.68
C ALA D 381 -11.71 8.52 15.89
N GLY D 382 -11.56 9.80 16.24
CA GLY D 382 -12.36 10.33 17.34
C GLY D 382 -13.85 10.21 17.07
N HIS D 383 -14.27 10.49 15.84
CA HIS D 383 -15.69 10.43 15.55
C HIS D 383 -16.18 9.00 15.38
N LEU D 384 -15.35 8.14 14.80
CA LEU D 384 -15.68 6.71 14.77
C LEU D 384 -15.89 6.19 16.19
N LEU D 385 -14.96 6.53 17.09
CA LEU D 385 -15.02 6.05 18.47
C LEU D 385 -16.22 6.60 19.22
N ARG D 386 -16.48 7.91 19.08
CA ARG D 386 -17.68 8.51 19.65
C ARG D 386 -18.94 7.78 19.18
N SER D 387 -19.02 7.49 17.89
CA SER D 387 -20.21 6.83 17.36
C SER D 387 -20.38 5.43 17.91
N TYR D 388 -19.28 4.78 18.31
CA TYR D 388 -19.38 3.44 18.88
C TYR D 388 -19.77 3.50 20.34
N ARG D 389 -19.24 4.48 21.09
CA ARG D 389 -19.66 4.67 22.47
C ARG D 389 -21.09 5.19 22.55
N SER D 390 -21.60 5.78 21.47
CA SER D 390 -23.02 6.08 21.32
C SER D 390 -23.87 4.82 21.42
PA FAD E . -1.79 -6.47 22.63
O1A FAD E . -0.50 -6.16 23.29
O2A FAD E . -3.10 -6.27 23.38
O5B FAD E . -1.88 -5.69 21.34
C5B FAD E . -3.16 -5.27 20.82
C4B FAD E . -2.88 -4.31 19.71
O4B FAD E . -2.32 -3.10 20.26
C3B FAD E . -1.89 -4.79 18.66
O3B FAD E . -2.25 -4.31 17.37
C2B FAD E . -0.58 -4.15 19.11
O2B FAD E . 0.35 -4.00 18.06
C1B FAD E . -1.10 -2.81 19.61
N9A FAD E . -0.23 -2.18 20.57
C8A FAD E . 0.19 -2.68 21.77
N7A FAD E . 1.00 -1.88 22.42
C5A FAD E . 1.13 -0.80 21.58
C6A FAD E . 1.87 0.40 21.68
N6A FAD E . 2.64 0.72 22.72
N1A FAD E . 1.79 1.27 20.66
C2A FAD E . 1.01 0.98 19.62
N3A FAD E . 0.27 -0.12 19.40
C4A FAD E . 0.39 -0.97 20.43
N1 FAD E . 4.20 -14.89 23.90
C2 FAD E . 5.28 -15.40 24.56
O2 FAD E . 5.83 -14.78 25.48
N3 FAD E . 5.79 -16.64 24.19
C4 FAD E . 5.29 -17.46 23.20
O4 FAD E . 5.81 -18.55 22.96
C4X FAD E . 4.15 -16.89 22.49
N5 FAD E . 3.59 -17.61 21.53
C5X FAD E . 2.48 -17.07 20.90
C6 FAD E . 1.86 -17.80 19.88
C7 FAD E . 0.74 -17.30 19.23
C7M FAD E . 0.10 -18.10 18.13
C8 FAD E . 0.22 -16.04 19.59
C8M FAD E . -0.98 -15.46 18.91
C9 FAD E . 0.83 -15.32 20.60
C9A FAD E . 1.97 -15.81 21.24
N10 FAD E . 2.58 -15.10 22.27
C10 FAD E . 3.67 -15.61 22.94
C1' FAD E . 2.10 -13.79 22.66
C2' FAD E . 2.41 -12.74 21.59
O2' FAD E . 3.79 -12.39 21.59
C3' FAD E . 1.47 -11.56 21.76
O3' FAD E . 0.18 -11.96 21.31
C4' FAD E . 1.90 -10.31 20.99
O4' FAD E . 3.12 -9.83 21.55
C5' FAD E . 0.84 -9.23 21.04
O5' FAD E . 0.43 -9.05 22.41
P FAD E . -1.08 -9.13 22.82
O1P FAD E . -1.67 -10.43 22.27
O2P FAD E . -1.22 -8.92 24.31
O3P FAD E . -1.77 -7.95 22.05
C FMT F . -4.68 -15.97 26.28
O1 FMT F . -5.54 -16.77 25.92
O2 FMT F . -4.75 -15.35 27.35
PA FAD G . -8.16 -18.42 -12.38
O1A FAD G . -7.20 -19.40 -12.94
O2A FAD G . -9.27 -17.88 -13.26
O5B FAD G . -7.39 -17.22 -11.90
C5B FAD G . -5.98 -17.31 -11.59
C4B FAD G . -5.47 -15.94 -11.30
O4B FAD G . -5.34 -15.16 -12.52
C3B FAD G . -6.35 -15.09 -10.37
O3B FAD G . -5.48 -14.43 -9.45
C2B FAD G . -6.91 -14.02 -11.33
O2B FAD G . -7.25 -12.80 -10.70
C1B FAD G . -5.66 -13.84 -12.15
N9A FAD G . -5.70 -12.95 -13.28
C8A FAD G . -5.05 -11.75 -13.42
N7A FAD G . -5.27 -11.13 -14.56
C5A FAD G . -6.14 -11.99 -15.21
C6A FAD G . -6.73 -11.92 -16.48
N6A FAD G . -6.56 -10.91 -17.33
N1A FAD G . -7.54 -12.94 -16.83
C2A FAD G . -7.72 -13.95 -15.97
N3A FAD G . -7.19 -14.13 -14.76
C4A FAD G . -6.42 -13.11 -14.45
N1 FAD G . -18.11 -20.04 -9.45
C2 FAD G . -19.43 -20.11 -9.85
O2 FAD G . -19.76 -20.07 -11.05
N3 FAD G . -20.42 -20.22 -8.90
C4 FAD G . -20.24 -20.28 -7.54
O4 FAD G . -21.21 -20.40 -6.79
C4X FAD G . -18.86 -20.19 -7.13
N5 FAD G . -18.61 -20.26 -5.86
C5X FAD G . -17.30 -20.22 -5.46
C6 FAD G . -17.02 -20.30 -4.09
C7 FAD G . -15.70 -20.27 -3.62
C7M FAD G . -15.44 -20.35 -2.15
C8 FAD G . -14.65 -20.14 -4.55
C8M FAD G . -13.22 -20.12 -4.10
C9 FAD G . -14.93 -20.08 -5.91
C9A FAD G . -16.24 -20.11 -6.36
N10 FAD G . -16.56 -20.04 -7.73
C10 FAD G . -17.86 -20.09 -8.16
C1' FAD G . -15.50 -19.87 -8.73
C2' FAD G . -14.82 -18.50 -8.62
O2' FAD G . -15.65 -17.45 -9.11
C3' FAD G . -13.49 -18.54 -9.36
O3' FAD G . -12.51 -19.00 -8.43
C4' FAD G . -13.06 -17.21 -9.98
O4' FAD G . -14.15 -16.61 -10.67
C5' FAD G . -11.95 -17.39 -10.99
O5' FAD G . -10.86 -18.07 -10.36
P FAD G . -10.31 -19.44 -10.89
O1P FAD G . -10.40 -20.31 -9.64
O2P FAD G . -10.76 -20.15 -12.10
O3P FAD G . -8.80 -19.01 -11.06
C FMT H . -12.25 -27.47 -8.32
O1 FMT H . -12.06 -28.08 -9.38
O2 FMT H . -12.02 -27.93 -7.19
C FMT I . 10.82 13.40 -26.11
O1 FMT I . 10.92 13.27 -27.34
O2 FMT I . 11.24 14.39 -25.48
PA FAD J . 6.70 4.63 -22.17
O1A FAD J . 5.80 5.15 -23.06
O2A FAD J . 7.55 3.55 -22.51
O5B FAD J . 6.00 4.30 -20.90
C5B FAD J . 4.70 4.68 -20.55
C4B FAD J . 4.12 3.79 -19.50
O4B FAD J . 3.83 2.54 -20.02
C3B FAD J . 4.99 3.54 -18.31
O3B FAD J . 4.10 3.59 -17.21
C2B FAD J . 5.56 2.22 -18.54
O2B FAD J . 5.93 1.63 -17.35
C1B FAD J . 4.44 1.57 -19.27
N9A FAD J . 4.97 0.54 -20.11
C8A FAD J . 5.79 0.59 -21.11
N7A FAD J . 6.02 -0.57 -21.59
C5A FAD J . 5.32 -1.38 -20.92
C6A FAD J . 5.07 -2.80 -20.93
N6A FAD J . 5.65 -3.60 -21.79
N1A FAD J . 4.26 -3.26 -20.04
C2A FAD J . 3.67 -2.52 -19.19
N3A FAD J . 3.85 -1.24 -19.12
C4A FAD J . 4.65 -0.65 -19.94
N1 FAD J . 16.79 7.70 -21.57
C2 FAD J . 18.02 7.46 -21.89
O2 FAD J . 18.22 6.59 -22.70
N3 FAD J . 19.06 8.07 -21.37
C4 FAD J . 18.92 9.00 -20.52
O4 FAD J . 19.86 9.56 -20.11
C4X FAD J . 17.61 9.35 -20.08
N5 FAD J . 17.39 10.28 -19.20
C5X FAD J . 16.18 10.57 -18.84
C6 FAD J . 16.02 11.57 -17.95
C7 FAD J . 14.78 11.91 -17.58
C7M FAD J . 14.54 12.97 -16.59
C8 FAD J . 13.64 11.20 -18.14
C8M FAD J . 12.28 11.54 -17.74
C9 FAD J . 13.83 10.20 -19.03
C9A FAD J . 15.05 9.85 -19.41
N10 FAD J . 15.24 8.85 -20.33
C10 FAD J . 16.52 8.57 -20.67
C1' FAD J . 14.21 8.08 -20.93
C2' FAD J . 13.50 7.22 -19.92
O2' FAD J . 14.21 6.06 -19.64
C3' FAD J . 12.08 6.83 -20.32
O3' FAD J . 11.25 7.89 -20.08
C4' FAD J . 11.49 5.63 -19.59
O4' FAD J . 12.10 4.39 -19.84
C5' FAD J . 10.05 5.41 -19.89
O5' FAD J . 9.86 5.37 -21.24
P FAD J . 8.95 6.30 -21.95
O1P FAD J . 9.03 7.54 -21.45
O2P FAD J . 9.19 6.26 -23.29
O3P FAD J . 7.52 5.83 -21.65
PA FAD K . 2.68 20.46 11.79
O1A FAD K . 3.89 20.84 12.28
O2A FAD K . 1.58 20.73 12.51
O5B FAD K . 2.60 19.05 11.35
C5B FAD K . 3.75 18.27 11.26
C4B FAD K . 3.49 16.84 11.04
O4B FAD K . 3.10 16.29 12.23
C3B FAD K . 2.44 16.54 9.97
O3B FAD K . 2.76 15.34 9.32
C2B FAD K . 1.25 16.36 10.81
O2B FAD K . 0.30 15.54 10.27
C1B FAD K . 1.86 15.74 12.03
N9A FAD K . 1.05 15.98 13.21
C8A FAD K . 0.78 17.09 13.79
N7A FAD K . 0.05 16.91 14.83
C5A FAD K . -0.13 15.67 14.96
C6A FAD K . -0.82 14.79 15.86
N6A FAD K . -1.48 15.24 16.90
N1A FAD K . -0.74 13.52 15.60
C2A FAD K . -0.08 13.04 14.58
N3A FAD K . 0.54 13.74 13.71
C4A FAD K . 0.54 15.04 13.86
N1 FAD K . -3.42 27.66 7.11
C2 FAD K . -4.39 28.53 7.19
O2 FAD K . -4.88 28.81 8.24
N3 FAD K . -4.91 29.12 6.14
C4 FAD K . -4.51 28.92 4.95
O4 FAD K . -4.99 29.49 4.04
C4X FAD K . -3.43 28.01 4.79
N5 FAD K . -2.97 27.78 3.60
C5X FAD K . -2.01 26.96 3.42
C6 FAD K . -1.55 26.81 2.16
C7 FAD K . -0.53 25.99 1.91
C7M FAD K . -0.05 25.81 0.54
C8 FAD K . 0.09 25.28 2.99
C8M FAD K . 1.24 24.40 2.68
C9 FAD K . -0.36 25.48 4.26
C9A FAD K . -1.39 26.28 4.53
N10 FAD K . -1.87 26.48 5.80
C10 FAD K . -2.90 27.36 5.97
C1' FAD K . -1.28 25.81 6.90
C2' FAD K . -1.66 24.34 6.89
O2' FAD K . -2.99 24.07 7.23
C3' FAD K . -0.68 23.54 7.73
O3' FAD K . 0.41 23.28 6.94
C4' FAD K . -1.13 22.20 8.32
O4' FAD K . -2.18 22.36 9.20
C5' FAD K . -0.08 21.46 9.08
O5' FAD K . 0.57 22.35 9.90
P FAD K . 2.03 22.57 10.04
O1P FAD K . 2.11 23.45 11.04
O2P FAD K . 2.70 22.99 8.93
O3P FAD K . 2.56 21.15 10.44
C FMT L . 5.95 29.88 7.50
O1 FMT L . 6.27 30.52 8.51
O2 FMT L . 6.48 30.03 6.39
#